data_9G86
#
_entry.id   9G86
#
_cell.length_a   132.571
_cell.length_b   132.571
_cell.length_c   508.411
_cell.angle_alpha   90.000
_cell.angle_beta   90.000
_cell.angle_gamma   120.000
#
_symmetry.space_group_name_H-M   'P 61 2 2'
#
loop_
_entity.id
_entity.type
_entity.pdbx_description
1 polymer 'Response regulator PleD'
2 non-polymer "9,9'-[(2R,3R,3aS,5S,7aR,9R,10R,10aS,12S,14aR)-3,5,10,12-tetrahydroxy-5,12-dioxidooctahydro-2H,7H-difuro[3,2-d:3',2'-j][1,3,7,9,2,8]tetraoxadiphosphacyclododecine-2,9-diyl]bis(2-amino-1,9-dihydro-6H-purin-6-one)"
3 non-polymer "guanosine 5'-(tetrahydrogen triphosphate) 3'-(trihydrogen diphosphate)"
4 non-polymer 'MAGNESIUM ION'
5 water water
#
_entity_poly.entity_id   1
_entity_poly.type   'polypeptide(L)'
_entity_poly.pdbx_seq_one_letter_code
;SARILVVDDIEANVRLLEAKLTAEYYEVSTAMDGPTALAMAARDLPDIILLDVMMPGMDGFTVCRKLKDDPTTRHIPVVL
ITALDGRGDRIQGLESGASDFLTKPIDDVMLFARVRSLTRFKLVIDELRQREASGRRMGVIAGAAARLDGLGGRVLIVDD
NERQAQRVAAELGVEHRPVIESDPEKAKISAGGPVDLVIVNAAAKNFDGLRFTAALRSEERTRQLPVLAMVDPDDRGRMV
KALEIGVNDILSRPIDPQELSARVKTQIQRKRYTDYLRNNLDHSLELAVTDQLTGLHNRRYMTGQLDSLVKRATLGGDPV
SALLIDIDFFKKINDTFGHDIGDEVLREFALRLASNVRAIDLPCRYGGEEFVVIMPDTALADALRIAERIRMHVSGSPFT
VAHGREMLNVTISIGVSATAGEGDTPEALLKRADEGVYQAKASGRNAVVGKAA
;
_entity_poly.pdbx_strand_id   A,B,C,D
#
# COMPACT_ATOMS: atom_id res chain seq x y z
N SER A 1 -4.12 -43.55 -4.55
CA SER A 1 -2.67 -43.51 -4.74
C SER A 1 -1.96 -43.03 -3.48
N ALA A 2 -2.66 -43.12 -2.34
CA ALA A 2 -2.06 -42.84 -1.04
C ALA A 2 -1.30 -44.07 -0.58
N ARG A 3 -0.08 -43.86 -0.10
CA ARG A 3 0.83 -44.96 0.20
C ARG A 3 0.72 -45.37 1.66
N ILE A 4 0.38 -46.64 1.89
CA ILE A 4 0.17 -47.20 3.22
C ILE A 4 1.22 -48.26 3.46
N LEU A 5 1.82 -48.25 4.65
CA LEU A 5 2.77 -49.26 5.09
C LEU A 5 2.11 -50.13 6.16
N VAL A 6 1.97 -51.43 5.88
CA VAL A 6 1.38 -52.39 6.81
C VAL A 6 2.49 -53.18 7.49
N VAL A 7 2.48 -53.19 8.82
CA VAL A 7 3.53 -53.83 9.62
C VAL A 7 2.91 -54.85 10.56
N ASP A 8 3.30 -56.12 10.41
CA ASP A 8 2.89 -57.20 11.30
C ASP A 8 3.85 -58.36 11.12
N ASP A 9 4.00 -59.17 12.18
CA ASP A 9 4.90 -60.33 12.10
C ASP A 9 4.27 -61.46 11.28
N ILE A 10 2.97 -61.71 11.46
CA ILE A 10 2.30 -62.79 10.74
C ILE A 10 2.12 -62.39 9.29
N GLU A 11 2.67 -63.20 8.37
CA GLU A 11 2.58 -62.88 6.95
C GLU A 11 1.12 -62.87 6.48
N ALA A 12 0.32 -63.84 6.93
CA ALA A 12 -1.07 -63.94 6.49
C ALA A 12 -1.84 -62.64 6.74
N ASN A 13 -1.69 -62.05 7.93
CA ASN A 13 -2.36 -60.80 8.24
C ASN A 13 -1.93 -59.69 7.29
N VAL A 14 -0.61 -59.59 7.08
CA VAL A 14 -0.06 -58.56 6.19
C VAL A 14 -0.66 -58.71 4.79
N ARG A 15 -0.71 -59.94 4.28
CA ARG A 15 -1.24 -60.18 2.96
C ARG A 15 -2.73 -59.85 2.89
N LEU A 16 -3.50 -60.22 3.93
CA LEU A 16 -4.93 -59.92 3.97
C LEU A 16 -5.18 -58.41 3.90
N LEU A 17 -4.49 -57.67 4.77
CA LEU A 17 -4.66 -56.21 4.79
C LEU A 17 -4.23 -55.59 3.46
N GLU A 18 -3.09 -56.04 2.93
CA GLU A 18 -2.63 -55.56 1.63
C GLU A 18 -3.69 -55.77 0.56
N ALA A 19 -4.28 -56.97 0.53
CA ALA A 19 -5.30 -57.28 -0.46
C ALA A 19 -6.48 -56.31 -0.35
N LYS A 20 -7.02 -56.16 0.85
CA LYS A 20 -8.17 -55.26 1.02
C LYS A 20 -7.84 -53.83 0.59
N LEU A 21 -6.70 -53.31 1.04
CA LEU A 21 -6.36 -51.92 0.75
C LEU A 21 -6.10 -51.70 -0.74
N THR A 22 -5.35 -52.61 -1.38
CA THR A 22 -5.11 -52.49 -2.81
C THR A 22 -6.41 -52.62 -3.59
N ALA A 23 -7.33 -53.46 -3.13
CA ALA A 23 -8.64 -53.54 -3.78
C ALA A 23 -9.38 -52.22 -3.68
N GLU A 24 -9.11 -51.43 -2.63
CA GLU A 24 -9.68 -50.09 -2.53
C GLU A 24 -8.76 -49.01 -3.10
N TYR A 25 -7.93 -49.35 -4.09
CA TYR A 25 -7.11 -48.38 -4.81
C TYR A 25 -6.13 -47.65 -3.90
N TYR A 26 -5.33 -48.42 -3.16
CA TYR A 26 -4.32 -47.90 -2.26
C TYR A 26 -2.99 -48.58 -2.60
N GLU A 27 -1.91 -47.80 -2.59
CA GLU A 27 -0.58 -48.35 -2.81
C GLU A 27 -0.03 -48.87 -1.47
N VAL A 28 0.21 -50.18 -1.38
CA VAL A 28 0.54 -50.83 -0.11
C VAL A 28 1.95 -51.39 -0.13
N SER A 29 2.74 -51.01 0.88
CA SER A 29 4.04 -51.60 1.17
C SER A 29 3.92 -52.43 2.44
N THR A 30 4.73 -53.46 2.56
CA THR A 30 4.63 -54.42 3.65
C THR A 30 5.96 -54.55 4.38
N ALA A 31 5.88 -54.71 5.70
CA ALA A 31 7.05 -55.01 6.52
C ALA A 31 6.64 -56.00 7.61
N MET A 32 7.52 -56.93 7.93
CA MET A 32 7.20 -57.96 8.92
C MET A 32 8.03 -57.86 10.19
N ASP A 33 8.96 -56.91 10.28
CA ASP A 33 9.72 -56.67 11.50
C ASP A 33 9.89 -55.17 11.70
N GLY A 34 10.02 -54.78 12.96
CA GLY A 34 10.19 -53.39 13.32
C GLY A 34 11.30 -52.64 12.61
N PRO A 35 12.53 -53.17 12.65
CA PRO A 35 13.64 -52.48 11.95
C PRO A 35 13.37 -52.24 10.48
N THR A 36 12.88 -53.25 9.76
CA THR A 36 12.52 -53.07 8.35
C THR A 36 11.47 -51.98 8.20
N ALA A 37 10.45 -52.00 9.05
CA ALA A 37 9.41 -50.98 9.00
C ALA A 37 10.01 -49.58 9.15
N LEU A 38 10.87 -49.40 10.15
CA LEU A 38 11.47 -48.09 10.37
C LEU A 38 12.30 -47.62 9.18
N ALA A 39 13.10 -48.53 8.60
CA ALA A 39 13.90 -48.15 7.44
C ALA A 39 13.01 -47.76 6.27
N MET A 40 12.03 -48.60 5.95
CA MET A 40 11.10 -48.32 4.86
C MET A 40 10.34 -47.02 5.11
N ALA A 41 9.97 -46.75 6.36
CA ALA A 41 9.24 -45.53 6.66
C ALA A 41 10.09 -44.29 6.41
N ALA A 42 11.36 -44.34 6.82
CA ALA A 42 12.22 -43.19 6.59
C ALA A 42 12.56 -43.01 5.12
N ARG A 43 12.59 -44.10 4.35
CA ARG A 43 12.94 -43.99 2.93
C ARG A 43 11.76 -43.62 2.04
N ASP A 44 10.66 -44.37 2.14
CA ASP A 44 9.50 -44.17 1.28
C ASP A 44 8.60 -43.03 1.74
N LEU A 45 8.78 -42.58 2.99
CA LEU A 45 7.95 -41.55 3.62
C LEU A 45 6.47 -41.83 3.36
N PRO A 46 5.89 -42.91 3.95
CA PRO A 46 4.50 -43.27 3.63
C PRO A 46 3.52 -42.20 4.08
N ASP A 47 2.24 -42.40 3.76
CA ASP A 47 1.18 -41.48 4.18
C ASP A 47 0.50 -41.93 5.47
N ILE A 48 0.35 -43.24 5.64
CA ILE A 48 -0.25 -43.82 6.84
C ILE A 48 0.53 -45.09 7.15
N ILE A 49 0.72 -45.37 8.43
CA ILE A 49 1.36 -46.62 8.86
C ILE A 49 0.36 -47.39 9.71
N LEU A 50 0.04 -48.61 9.27
CA LEU A 50 -0.76 -49.55 10.04
C LEU A 50 0.21 -50.50 10.71
N LEU A 51 0.24 -50.46 12.05
CA LEU A 51 1.25 -51.16 12.81
C LEU A 51 0.59 -52.03 13.86
N ASP A 52 0.99 -53.29 13.93
CA ASP A 52 0.48 -54.20 14.95
C ASP A 52 1.30 -54.03 16.22
N VAL A 53 0.61 -53.97 17.36
CA VAL A 53 1.29 -53.76 18.63
C VAL A 53 2.08 -55.00 19.04
N MET A 54 1.55 -56.18 18.75
CA MET A 54 2.13 -57.45 19.20
C MET A 54 3.08 -57.98 18.15
N MET A 55 4.37 -57.71 18.32
CA MET A 55 5.39 -58.16 17.39
C MET A 55 6.60 -58.65 18.17
N PRO A 56 7.11 -59.86 17.89
CA PRO A 56 8.30 -60.34 18.58
C PRO A 56 9.51 -59.45 18.31
N GLY A 57 10.37 -59.34 19.32
CA GLY A 57 11.55 -58.50 19.20
C GLY A 57 11.25 -57.06 19.53
N MET A 58 10.99 -56.25 18.49
CA MET A 58 10.57 -54.87 18.64
C MET A 58 9.03 -54.84 18.63
N ASP A 59 8.44 -54.46 19.76
CA ASP A 59 6.98 -54.32 19.82
C ASP A 59 6.51 -53.08 19.06
N GLY A 60 5.23 -53.10 18.68
CA GLY A 60 4.65 -51.99 17.94
C GLY A 60 4.79 -50.65 18.67
N PHE A 61 4.69 -50.67 20.00
CA PHE A 61 4.88 -49.44 20.77
C PHE A 61 6.27 -48.86 20.55
N THR A 62 7.30 -49.71 20.60
CA THR A 62 8.65 -49.23 20.37
C THR A 62 8.81 -48.64 18.97
N VAL A 63 8.25 -49.32 17.96
CA VAL A 63 8.31 -48.80 16.59
C VAL A 63 7.64 -47.44 16.53
N CYS A 64 6.46 -47.30 17.14
CA CYS A 64 5.77 -46.02 17.18
C CYS A 64 6.64 -44.94 17.81
N ARG A 65 7.25 -45.24 18.97
CA ARG A 65 8.10 -44.27 19.64
C ARG A 65 9.26 -43.85 18.75
N LYS A 66 9.90 -44.82 18.09
CA LYS A 66 11.03 -44.52 17.21
C LYS A 66 10.61 -43.69 16.01
N LEU A 67 9.44 -43.97 15.44
CA LEU A 67 8.94 -43.16 14.33
C LEU A 67 8.71 -41.72 14.78
N LYS A 68 8.24 -41.53 16.01
CA LYS A 68 7.96 -40.18 16.50
C LYS A 68 9.23 -39.49 17.00
N ASP A 69 10.34 -40.21 17.08
CA ASP A 69 11.63 -39.60 17.42
C ASP A 69 12.36 -39.11 16.17
N ASP A 70 12.23 -39.84 15.07
CA ASP A 70 12.80 -39.42 13.81
C ASP A 70 12.05 -38.21 13.27
N PRO A 71 12.72 -37.07 13.08
CA PRO A 71 12.01 -35.88 12.58
C PRO A 71 11.53 -36.02 11.15
N THR A 72 11.96 -37.07 10.44
CA THR A 72 11.54 -37.30 9.07
C THR A 72 10.29 -38.17 8.98
N THR A 73 9.91 -38.87 10.06
CA THR A 73 8.74 -39.73 10.06
C THR A 73 7.71 -39.34 11.10
N ARG A 74 7.99 -38.28 11.87
CA ARG A 74 7.09 -37.89 12.96
C ARG A 74 5.71 -37.48 12.44
N HIS A 75 5.66 -36.85 11.27
CA HIS A 75 4.41 -36.32 10.72
C HIS A 75 3.45 -37.44 10.30
N ILE A 76 3.96 -38.58 9.87
CA ILE A 76 3.16 -39.69 9.33
C ILE A 76 2.21 -40.25 10.38
N PRO A 77 0.89 -40.26 10.15
CA PRO A 77 -0.03 -40.88 11.10
C PRO A 77 0.21 -42.39 11.23
N VAL A 78 0.15 -42.87 12.46
CA VAL A 78 0.36 -44.29 12.78
C VAL A 78 -0.91 -44.84 13.41
N VAL A 79 -1.41 -45.94 12.85
CA VAL A 79 -2.56 -46.64 13.40
C VAL A 79 -2.05 -47.92 14.03
N LEU A 80 -2.36 -48.12 15.30
CA LEU A 80 -1.91 -49.30 16.04
C LEU A 80 -3.03 -50.33 16.06
N ILE A 81 -2.74 -51.51 15.54
CA ILE A 81 -3.71 -52.61 15.48
C ILE A 81 -3.59 -53.41 16.78
N THR A 82 -4.65 -53.39 17.59
CA THR A 82 -4.68 -54.06 18.87
C THR A 82 -5.63 -55.26 18.83
N ALA A 83 -5.76 -55.92 19.98
CA ALA A 83 -6.66 -57.05 20.16
C ALA A 83 -7.91 -56.61 20.92
N LEU A 84 -8.83 -57.54 21.14
CA LEU A 84 -10.07 -57.23 21.85
C LEU A 84 -9.76 -56.63 23.22
N ASP A 85 -8.88 -57.27 23.98
CA ASP A 85 -8.42 -56.78 25.28
C ASP A 85 -7.29 -55.79 25.03
N GLY A 86 -7.62 -54.53 24.84
CA GLY A 86 -6.62 -53.54 24.49
C GLY A 86 -6.59 -52.24 25.28
N ARG A 87 -7.26 -52.18 26.43
CA ARG A 87 -7.26 -50.93 27.20
C ARG A 87 -5.84 -50.52 27.57
N GLY A 88 -5.06 -51.47 28.10
CA GLY A 88 -3.65 -51.20 28.33
C GLY A 88 -2.89 -50.94 27.05
N ASP A 89 -3.18 -51.73 26.01
CA ASP A 89 -2.56 -51.51 24.71
C ASP A 89 -2.85 -50.12 24.20
N ARG A 90 -4.11 -49.68 24.29
CA ARG A 90 -4.46 -48.35 23.79
C ARG A 90 -3.82 -47.24 24.63
N ILE A 91 -3.81 -47.37 25.95
CA ILE A 91 -3.18 -46.34 26.77
C ILE A 91 -1.71 -46.22 26.41
N GLN A 92 -1.01 -47.35 26.32
CA GLN A 92 0.41 -47.33 25.96
C GLN A 92 0.61 -46.80 24.54
N GLY A 93 -0.28 -47.14 23.62
CA GLY A 93 -0.16 -46.62 22.27
C GLY A 93 -0.31 -45.13 22.21
N LEU A 94 -1.26 -44.58 22.97
CA LEU A 94 -1.42 -43.13 23.05
C LEU A 94 -0.16 -42.49 23.63
N GLU A 95 0.41 -43.11 24.67
CA GLU A 95 1.66 -42.59 25.24
C GLU A 95 2.82 -42.72 24.25
N SER A 96 2.75 -43.67 23.32
CA SER A 96 3.80 -43.85 22.32
C SER A 96 3.67 -42.89 21.15
N GLY A 97 2.50 -42.32 20.93
CA GLY A 97 2.28 -41.36 19.87
C GLY A 97 1.35 -41.82 18.76
N ALA A 98 0.56 -42.86 18.99
CA ALA A 98 -0.33 -43.37 17.97
C ALA A 98 -1.42 -42.37 17.63
N SER A 99 -1.75 -42.26 16.35
CA SER A 99 -2.82 -41.36 15.94
C SER A 99 -4.19 -41.96 16.24
N ASP A 100 -4.39 -43.24 15.92
CA ASP A 100 -5.65 -43.90 16.23
C ASP A 100 -5.40 -45.41 16.32
N PHE A 101 -6.48 -46.17 16.49
CA PHE A 101 -6.38 -47.60 16.72
C PHE A 101 -7.36 -48.36 15.85
N LEU A 102 -7.00 -49.61 15.55
CA LEU A 102 -7.89 -50.57 14.91
C LEU A 102 -7.84 -51.86 15.72
N THR A 103 -9.00 -52.46 15.98
CA THR A 103 -9.08 -53.69 16.75
C THR A 103 -9.19 -54.90 15.83
N LYS A 104 -8.57 -56.02 16.25
CA LYS A 104 -8.64 -57.30 15.56
C LYS A 104 -9.66 -58.18 16.25
N PRO A 105 -10.56 -58.84 15.52
CA PRO A 105 -10.58 -59.00 14.06
C PRO A 105 -10.96 -57.72 13.33
N ILE A 106 -10.34 -57.46 12.19
CA ILE A 106 -10.46 -56.18 11.50
C ILE A 106 -11.84 -56.08 10.85
N ASP A 107 -12.59 -55.03 11.20
CA ASP A 107 -13.84 -54.71 10.54
C ASP A 107 -13.52 -53.82 9.35
N ASP A 108 -13.83 -54.29 8.14
CA ASP A 108 -13.51 -53.53 6.94
C ASP A 108 -14.07 -52.12 6.98
N VAL A 109 -15.30 -51.96 7.49
CA VAL A 109 -15.91 -50.64 7.59
C VAL A 109 -15.01 -49.71 8.39
N MET A 110 -14.61 -50.15 9.58
CA MET A 110 -13.76 -49.32 10.44
C MET A 110 -12.40 -49.08 9.79
N LEU A 111 -11.84 -50.13 9.17
CA LEU A 111 -10.52 -50.00 8.53
C LEU A 111 -10.52 -48.88 7.49
N PHE A 112 -11.48 -48.91 6.58
CA PHE A 112 -11.53 -47.90 5.53
C PHE A 112 -11.94 -46.54 6.07
N ALA A 113 -12.75 -46.49 7.12
CA ALA A 113 -13.07 -45.21 7.75
C ALA A 113 -11.81 -44.54 8.31
N ARG A 114 -11.00 -45.30 9.08
CA ARG A 114 -9.77 -44.73 9.61
C ARG A 114 -8.84 -44.29 8.49
N VAL A 115 -8.66 -45.15 7.48
CA VAL A 115 -7.75 -44.83 6.40
C VAL A 115 -8.17 -43.53 5.71
N ARG A 116 -9.47 -43.39 5.43
CA ARG A 116 -9.96 -42.16 4.80
C ARG A 116 -9.67 -40.94 5.67
N SER A 117 -10.03 -41.01 6.95
CA SER A 117 -9.84 -39.86 7.83
C SER A 117 -8.36 -39.44 7.86
N LEU A 118 -7.49 -40.42 8.03
CA LEU A 118 -6.08 -40.10 8.19
C LEU A 118 -5.41 -39.71 6.87
N THR A 119 -5.85 -40.23 5.73
CA THR A 119 -5.31 -39.77 4.45
C THR A 119 -5.70 -38.32 4.19
N ARG A 120 -6.93 -37.93 4.56
CA ARG A 120 -7.32 -36.54 4.43
C ARG A 120 -6.46 -35.64 5.33
N PHE A 121 -6.27 -36.09 6.57
CA PHE A 121 -5.38 -35.36 7.46
C PHE A 121 -3.98 -35.26 6.87
N LYS A 122 -3.48 -36.35 6.28
CA LYS A 122 -2.15 -36.35 5.69
C LYS A 122 -2.04 -35.33 4.56
N LEU A 123 -3.11 -35.18 3.77
CA LEU A 123 -3.09 -34.17 2.72
C LEU A 123 -2.85 -32.78 3.31
N VAL A 124 -3.62 -32.41 4.34
CA VAL A 124 -3.41 -31.07 4.90
C VAL A 124 -2.04 -30.97 5.57
N ILE A 125 -1.58 -32.06 6.19
CA ILE A 125 -0.25 -32.09 6.82
C ILE A 125 0.83 -31.77 5.82
N ASP A 126 0.81 -32.47 4.68
CA ASP A 126 1.82 -32.25 3.65
C ASP A 126 1.76 -30.82 3.12
N GLU A 127 0.56 -30.28 2.93
CA GLU A 127 0.45 -28.90 2.48
C GLU A 127 1.08 -27.93 3.48
N LEU A 128 0.76 -28.11 4.77
CA LEU A 128 1.33 -27.23 5.79
C LEU A 128 2.84 -27.30 5.78
N ARG A 129 3.38 -28.52 5.66
CA ARG A 129 4.82 -28.71 5.62
C ARG A 129 5.46 -27.99 4.44
N GLN A 130 4.84 -28.09 3.26
CA GLN A 130 5.35 -27.39 2.09
C GLN A 130 5.38 -25.89 2.31
N ARG A 131 4.29 -25.35 2.85
CA ARG A 131 4.20 -23.91 3.07
C ARG A 131 5.28 -23.46 4.06
N GLU A 132 5.50 -24.25 5.11
CA GLU A 132 6.55 -23.92 6.08
C GLU A 132 7.92 -23.89 5.42
N ALA A 133 8.23 -24.89 4.60
CA ALA A 133 9.50 -24.88 3.87
C ALA A 133 9.64 -23.61 3.02
N SER A 134 8.56 -23.26 2.32
CA SER A 134 8.58 -22.06 1.49
C SER A 134 8.89 -20.83 2.34
N GLY A 135 8.16 -20.65 3.44
CA GLY A 135 8.42 -19.51 4.30
C GLY A 135 9.82 -19.49 4.87
N ARG A 136 10.41 -20.68 5.06
CA ARG A 136 11.81 -20.75 5.47
C ARG A 136 12.72 -20.17 4.40
N ARG A 137 12.52 -20.58 3.14
CA ARG A 137 13.34 -20.02 2.07
C ARG A 137 12.96 -18.58 1.74
N MET A 138 11.76 -18.15 2.13
CA MET A 138 11.32 -16.77 1.94
C MET A 138 11.43 -15.95 3.22
N GLY A 139 12.29 -16.38 4.14
CA GLY A 139 12.48 -15.70 5.40
C GLY A 139 13.71 -16.24 6.11
N ALA A 145 1.69 -18.00 16.71
CA ALA A 145 0.50 -17.67 15.93
C ALA A 145 -0.77 -18.24 16.59
N ALA A 146 -1.37 -19.24 15.95
CA ALA A 146 -2.59 -19.87 16.45
C ALA A 146 -2.34 -21.36 16.70
N ARG A 147 -3.26 -21.97 17.45
CA ARG A 147 -3.08 -23.33 17.97
C ARG A 147 -3.17 -24.36 16.85
N LEU A 148 -2.10 -25.13 16.67
CA LEU A 148 -2.07 -26.18 15.67
C LEU A 148 -1.96 -27.58 16.31
N ASP A 149 -2.35 -27.72 17.58
CA ASP A 149 -2.40 -29.01 18.24
C ASP A 149 -3.81 -29.59 18.07
N GLY A 150 -4.09 -30.68 18.76
CA GLY A 150 -5.43 -31.24 18.68
C GLY A 150 -6.20 -31.13 19.97
N LEU A 151 -5.81 -30.20 20.83
CA LEU A 151 -6.39 -30.09 22.17
C LEU A 151 -7.02 -28.72 22.38
N GLY A 152 -7.83 -28.63 23.43
CA GLY A 152 -8.48 -27.39 23.81
C GLY A 152 -9.58 -26.92 22.88
N GLY A 153 -10.40 -27.85 22.38
CA GLY A 153 -11.39 -27.49 21.40
C GLY A 153 -12.80 -27.50 21.95
N ARG A 154 -13.70 -26.74 21.32
CA ARG A 154 -15.10 -26.72 21.72
C ARG A 154 -15.78 -27.89 21.04
N VAL A 155 -16.18 -28.89 21.83
CA VAL A 155 -16.78 -30.11 21.29
C VAL A 155 -18.25 -30.15 21.70
N LEU A 156 -19.13 -30.25 20.70
CA LEU A 156 -20.57 -30.29 20.91
C LEU A 156 -21.08 -31.73 20.87
N ILE A 157 -21.63 -32.22 21.99
CA ILE A 157 -22.16 -33.57 22.12
C ILE A 157 -23.67 -33.51 21.95
N VAL A 158 -24.18 -34.08 20.87
CA VAL A 158 -25.61 -34.11 20.60
C VAL A 158 -26.09 -35.51 20.95
N ASP A 159 -26.61 -35.66 22.17
CA ASP A 159 -27.10 -36.95 22.63
C ASP A 159 -28.20 -36.76 23.67
N ASP A 160 -29.23 -37.60 23.60
CA ASP A 160 -30.29 -37.64 24.61
C ASP A 160 -29.94 -38.58 25.77
N ASN A 161 -29.06 -39.56 25.52
CA ASN A 161 -28.62 -40.50 26.55
C ASN A 161 -27.74 -39.75 27.53
N GLU A 162 -28.32 -39.35 28.66
CA GLU A 162 -27.58 -38.51 29.61
C GLU A 162 -26.35 -39.20 30.16
N ARG A 163 -26.43 -40.50 30.49
CA ARG A 163 -25.26 -41.19 31.03
C ARG A 163 -24.11 -41.16 30.03
N GLN A 164 -24.40 -41.50 28.77
CA GLN A 164 -23.39 -41.47 27.72
C GLN A 164 -22.83 -40.05 27.54
N ALA A 165 -23.73 -39.07 27.47
CA ALA A 165 -23.28 -37.69 27.29
C ALA A 165 -22.39 -37.23 28.43
N GLN A 166 -22.77 -37.54 29.66
CA GLN A 166 -21.96 -37.16 30.82
C GLN A 166 -20.60 -37.83 30.77
N ARG A 167 -20.55 -39.11 30.42
CA ARG A 167 -19.26 -39.79 30.37
C ARG A 167 -18.36 -39.18 29.30
N VAL A 168 -18.88 -38.97 28.09
CA VAL A 168 -18.04 -38.39 27.03
C VAL A 168 -17.58 -36.99 27.42
N ALA A 169 -18.47 -36.18 28.00
CA ALA A 169 -18.11 -34.84 28.43
C ALA A 169 -17.03 -34.86 29.50
N ALA A 170 -17.13 -35.81 30.44
CA ALA A 170 -16.11 -35.94 31.47
C ALA A 170 -14.77 -36.35 30.88
N GLU A 171 -14.80 -37.35 29.99
CA GLU A 171 -13.58 -37.85 29.36
C GLU A 171 -12.91 -36.76 28.53
N LEU A 172 -13.70 -35.90 27.91
CA LEU A 172 -13.18 -34.84 27.06
C LEU A 172 -13.04 -33.53 27.82
N GLY A 173 -13.30 -33.52 29.13
CA GLY A 173 -13.32 -32.32 29.90
C GLY A 173 -11.98 -31.94 30.46
N VAL A 174 -11.01 -32.83 30.29
CA VAL A 174 -9.68 -32.65 30.82
C VAL A 174 -8.75 -32.02 29.79
N GLU A 175 -8.94 -32.38 28.52
CA GLU A 175 -8.15 -31.86 27.42
C GLU A 175 -8.91 -30.90 26.52
N HIS A 176 -10.23 -30.92 26.54
CA HIS A 176 -11.06 -30.10 25.66
C HIS A 176 -12.15 -29.40 26.47
N ARG A 177 -12.96 -28.60 25.78
CA ARG A 177 -14.07 -27.85 26.36
C ARG A 177 -15.38 -28.41 25.82
N PRO A 178 -16.03 -29.33 26.53
CA PRO A 178 -17.24 -29.99 26.02
C PRO A 178 -18.53 -29.29 26.41
N VAL A 179 -19.49 -29.37 25.50
CA VAL A 179 -20.83 -28.81 25.69
C VAL A 179 -21.83 -29.89 25.29
N ILE A 180 -22.89 -30.06 26.09
CA ILE A 180 -23.88 -31.11 25.85
C ILE A 180 -25.17 -30.46 25.39
N GLU A 181 -25.75 -31.00 24.32
CA GLU A 181 -27.01 -30.52 23.78
C GLU A 181 -27.90 -31.74 23.53
N SER A 182 -29.13 -31.67 24.02
CA SER A 182 -30.07 -32.77 23.80
C SER A 182 -31.10 -32.45 22.73
N ASP A 183 -31.41 -31.16 22.52
CA ASP A 183 -32.37 -30.75 21.50
C ASP A 183 -31.64 -30.57 20.18
N PRO A 184 -32.01 -31.31 19.13
CA PRO A 184 -31.30 -31.17 17.84
C PRO A 184 -31.34 -29.77 17.25
N GLU A 185 -32.44 -29.03 17.41
CA GLU A 185 -32.52 -27.70 16.83
C GLU A 185 -31.55 -26.72 17.51
N LYS A 186 -31.57 -26.68 18.84
CA LYS A 186 -30.62 -25.86 19.57
C LYS A 186 -29.19 -26.24 19.20
N ALA A 187 -28.94 -27.55 19.09
CA ALA A 187 -27.63 -28.04 18.69
C ALA A 187 -27.26 -27.56 17.28
N LYS A 188 -28.24 -27.50 16.38
CA LYS A 188 -27.97 -26.98 15.04
C LYS A 188 -27.51 -25.53 15.11
N ILE A 189 -28.21 -24.72 15.91
CA ILE A 189 -27.79 -23.33 16.08
C ILE A 189 -26.37 -23.28 16.63
N SER A 190 -26.10 -24.05 17.69
CA SER A 190 -24.76 -24.04 18.28
C SER A 190 -23.70 -24.47 17.27
N ALA A 191 -23.99 -25.51 16.49
CA ALA A 191 -23.03 -26.00 15.50
C ALA A 191 -22.74 -24.95 14.43
N GLY A 192 -23.66 -24.01 14.23
CA GLY A 192 -23.31 -22.94 13.31
C GLY A 192 -22.30 -21.95 13.85
N GLY A 193 -21.95 -22.05 15.14
CA GLY A 193 -21.01 -21.14 15.76
C GLY A 193 -19.58 -21.62 15.81
N PRO A 194 -18.84 -21.17 16.83
CA PRO A 194 -17.42 -21.55 17.04
C PRO A 194 -17.26 -22.92 17.68
N VAL A 195 -17.61 -23.95 16.92
CA VAL A 195 -17.49 -25.34 17.34
C VAL A 195 -16.40 -26.02 16.52
N ASP A 196 -15.59 -26.84 17.18
CA ASP A 196 -14.53 -27.56 16.49
C ASP A 196 -14.92 -28.97 16.08
N LEU A 197 -15.82 -29.61 16.83
CA LEU A 197 -16.23 -30.97 16.54
C LEU A 197 -17.61 -31.21 17.13
N VAL A 198 -18.43 -31.94 16.38
CA VAL A 198 -19.75 -32.37 16.84
C VAL A 198 -19.72 -33.89 17.00
N ILE A 199 -20.09 -34.35 18.19
CA ILE A 199 -20.22 -35.78 18.47
C ILE A 199 -21.71 -36.07 18.58
N VAL A 200 -22.23 -36.87 17.68
CA VAL A 200 -23.66 -37.15 17.67
C VAL A 200 -23.90 -38.63 17.91
N ASN A 201 -25.00 -38.95 18.61
CA ASN A 201 -25.42 -40.33 18.82
C ASN A 201 -26.35 -40.71 17.68
N ALA A 202 -25.86 -41.57 16.79
CA ALA A 202 -26.69 -42.07 15.70
C ALA A 202 -27.84 -42.90 16.22
N ALA A 203 -27.65 -43.56 17.36
CA ALA A 203 -28.66 -44.40 17.99
C ALA A 203 -29.46 -43.64 19.02
N ALA A 204 -29.64 -42.35 18.82
CA ALA A 204 -30.41 -41.55 19.76
C ALA A 204 -31.86 -42.00 19.79
N LYS A 205 -32.50 -41.78 20.94
CA LYS A 205 -33.85 -42.27 21.15
C LYS A 205 -34.93 -41.24 20.87
N ASN A 206 -34.63 -39.95 20.91
CA ASN A 206 -35.63 -38.94 20.59
C ASN A 206 -35.35 -38.19 19.29
N PHE A 207 -34.27 -38.51 18.58
CA PHE A 207 -33.99 -37.86 17.30
C PHE A 207 -33.11 -38.77 16.45
N ASP A 208 -33.16 -38.54 15.14
CA ASP A 208 -32.36 -39.29 14.17
C ASP A 208 -31.02 -38.58 14.01
N GLY A 209 -29.97 -39.15 14.61
CA GLY A 209 -28.66 -38.53 14.54
C GLY A 209 -28.16 -38.35 13.13
N LEU A 210 -28.46 -39.31 12.24
CA LEU A 210 -28.08 -39.15 10.84
C LEU A 210 -28.85 -38.03 10.17
N ARG A 211 -30.11 -37.81 10.56
CA ARG A 211 -30.84 -36.67 10.03
C ARG A 211 -30.19 -35.35 10.46
N PHE A 212 -29.81 -35.25 11.73
CA PHE A 212 -29.08 -34.08 12.21
C PHE A 212 -27.79 -33.87 11.42
N THR A 213 -27.04 -34.96 11.24
CA THR A 213 -25.79 -34.87 10.48
C THR A 213 -26.02 -34.42 9.05
N ALA A 214 -27.05 -34.98 8.41
CA ALA A 214 -27.35 -34.60 7.04
C ALA A 214 -27.75 -33.14 6.95
N ALA A 215 -28.51 -32.66 7.95
CA ALA A 215 -28.87 -31.25 8.00
C ALA A 215 -27.63 -30.37 8.10
N LEU A 216 -26.68 -30.75 8.96
CA LEU A 216 -25.44 -29.98 9.06
C LEU A 216 -24.71 -29.96 7.72
N ARG A 217 -24.60 -31.11 7.07
CA ARG A 217 -23.89 -31.15 5.79
C ARG A 217 -24.67 -30.46 4.67
N SER A 218 -25.97 -30.25 4.84
CA SER A 218 -26.78 -29.62 3.80
C SER A 218 -26.55 -28.11 3.73
N GLU A 219 -26.27 -27.48 4.87
CA GLU A 219 -26.03 -26.05 4.94
C GLU A 219 -24.54 -25.78 4.77
N GLU A 220 -24.20 -24.72 4.03
CA GLU A 220 -22.78 -24.42 3.77
C GLU A 220 -22.05 -24.04 5.04
N ARG A 221 -22.73 -23.35 5.97
CA ARG A 221 -22.08 -22.92 7.21
C ARG A 221 -21.54 -24.11 8.00
N THR A 222 -22.23 -25.25 7.96
CA THR A 222 -21.82 -26.44 8.69
C THR A 222 -21.44 -27.59 7.77
N ARG A 223 -21.25 -27.32 6.48
CA ARG A 223 -21.01 -28.40 5.52
C ARG A 223 -19.71 -29.14 5.83
N GLN A 224 -18.68 -28.43 6.26
CA GLN A 224 -17.37 -29.04 6.50
C GLN A 224 -17.05 -29.13 7.99
N LEU A 225 -18.02 -28.89 8.85
CA LEU A 225 -17.80 -29.02 10.29
C LEU A 225 -17.47 -30.49 10.62
N PRO A 226 -16.38 -30.75 11.34
CA PRO A 226 -16.03 -32.13 11.69
C PRO A 226 -17.10 -32.77 12.58
N VAL A 227 -17.50 -33.98 12.21
CA VAL A 227 -18.54 -34.73 12.92
C VAL A 227 -18.07 -36.15 13.16
N LEU A 228 -18.13 -36.60 14.42
CA LEU A 228 -17.96 -38.00 14.78
C LEU A 228 -19.30 -38.54 15.26
N ALA A 229 -19.63 -39.76 14.84
CA ALA A 229 -20.90 -40.37 15.17
C ALA A 229 -20.67 -41.61 16.02
N MET A 230 -21.28 -41.64 17.21
CA MET A 230 -21.29 -42.81 18.06
C MET A 230 -22.28 -43.81 17.48
N VAL A 231 -21.78 -45.00 17.12
CA VAL A 231 -22.57 -46.02 16.43
C VAL A 231 -22.54 -47.31 17.24
N ASP A 232 -23.62 -48.08 17.13
CA ASP A 232 -23.65 -49.42 17.71
C ASP A 232 -22.99 -50.39 16.74
N PRO A 233 -22.00 -51.18 17.19
CA PRO A 233 -21.26 -52.04 16.24
C PRO A 233 -22.12 -53.07 15.55
N ASP A 234 -23.25 -53.44 16.15
CA ASP A 234 -24.12 -54.46 15.57
C ASP A 234 -24.81 -53.94 14.32
N ASP A 235 -25.34 -52.71 14.35
CA ASP A 235 -26.05 -52.15 13.21
C ASP A 235 -25.01 -51.61 12.23
N ARG A 236 -24.52 -52.50 11.36
CA ARG A 236 -23.58 -52.11 10.33
C ARG A 236 -24.19 -51.12 9.35
N GLY A 237 -25.49 -51.29 9.06
CA GLY A 237 -26.17 -50.41 8.12
C GLY A 237 -26.12 -48.96 8.53
N ARG A 238 -26.39 -48.69 9.82
CA ARG A 238 -26.32 -47.33 10.33
C ARG A 238 -24.92 -46.76 10.17
N MET A 239 -23.88 -47.55 10.50
CA MET A 239 -22.50 -47.07 10.35
C MET A 239 -22.21 -46.68 8.91
N VAL A 240 -22.57 -47.57 7.97
CA VAL A 240 -22.29 -47.29 6.57
C VAL A 240 -23.03 -46.03 6.13
N LYS A 241 -24.30 -45.90 6.53
CA LYS A 241 -25.06 -44.72 6.14
C LYS A 241 -24.47 -43.45 6.73
N ALA A 242 -24.07 -43.51 7.99
CA ALA A 242 -23.45 -42.34 8.62
C ALA A 242 -22.20 -41.91 7.85
N LEU A 243 -21.36 -42.88 7.46
CA LEU A 243 -20.17 -42.53 6.68
C LEU A 243 -20.53 -42.01 5.31
N GLU A 244 -21.71 -42.35 4.79
CA GLU A 244 -22.10 -41.85 3.47
C GLU A 244 -22.65 -40.43 3.55
N ILE A 245 -23.45 -40.13 4.57
CA ILE A 245 -24.00 -38.79 4.71
C ILE A 245 -22.92 -37.75 4.97
N GLY A 246 -21.74 -38.15 5.43
CA GLY A 246 -20.61 -37.25 5.52
C GLY A 246 -19.94 -37.18 6.87
N VAL A 247 -20.20 -38.16 7.72
CA VAL A 247 -19.50 -38.22 9.00
C VAL A 247 -18.02 -38.47 8.74
N ASN A 248 -17.17 -37.88 9.58
CA ASN A 248 -15.73 -37.98 9.35
C ASN A 248 -15.16 -39.31 9.85
N ASP A 249 -15.62 -39.78 11.01
CA ASP A 249 -15.31 -41.12 11.49
C ASP A 249 -16.40 -41.55 12.47
N ILE A 250 -16.37 -42.83 12.81
CA ILE A 250 -17.38 -43.41 13.68
C ILE A 250 -16.70 -43.90 14.95
N LEU A 251 -17.47 -43.92 16.04
CA LEU A 251 -17.01 -44.41 17.33
C LEU A 251 -17.97 -45.48 17.81
N SER A 252 -17.44 -46.66 18.09
CA SER A 252 -18.24 -47.80 18.53
C SER A 252 -18.75 -47.57 19.96
N ARG A 253 -19.92 -48.13 20.26
CA ARG A 253 -20.50 -48.04 21.59
C ARG A 253 -20.47 -49.40 22.25
N PRO A 254 -19.87 -49.56 23.43
CA PRO A 254 -19.55 -48.50 24.39
C PRO A 254 -18.31 -47.70 23.99
N ILE A 255 -18.26 -46.42 24.34
CA ILE A 255 -17.19 -45.53 23.89
C ILE A 255 -15.95 -45.79 24.73
N ASP A 256 -14.86 -46.15 24.05
CA ASP A 256 -13.59 -46.35 24.71
C ASP A 256 -12.90 -45.00 24.89
N PRO A 257 -12.45 -44.65 26.09
CA PRO A 257 -11.85 -43.32 26.29
C PRO A 257 -10.69 -43.01 25.36
N GLN A 258 -9.79 -43.97 25.14
CA GLN A 258 -8.61 -43.72 24.33
C GLN A 258 -8.98 -43.52 22.86
N GLU A 259 -9.93 -44.31 22.36
CA GLU A 259 -10.43 -44.13 21.01
C GLU A 259 -11.10 -42.76 20.86
N LEU A 260 -11.91 -42.38 21.84
CA LEU A 260 -12.53 -41.06 21.85
C LEU A 260 -11.48 -39.97 21.73
N SER A 261 -10.47 -40.03 22.62
CA SER A 261 -9.42 -39.02 22.63
C SER A 261 -8.73 -38.94 21.27
N ALA A 262 -8.31 -40.10 20.74
CA ALA A 262 -7.57 -40.13 19.49
C ALA A 262 -8.38 -39.51 18.35
N ARG A 263 -9.63 -39.95 18.18
CA ARG A 263 -10.42 -39.45 17.05
C ARG A 263 -10.68 -37.96 17.19
N VAL A 264 -11.02 -37.51 18.40
CA VAL A 264 -11.27 -36.09 18.63
C VAL A 264 -10.04 -35.26 18.26
N LYS A 265 -8.86 -35.68 18.73
CA LYS A 265 -7.64 -34.94 18.41
C LYS A 265 -7.41 -34.87 16.90
N THR A 266 -7.58 -36.00 16.22
CA THR A 266 -7.33 -36.00 14.78
C THR A 266 -8.25 -35.01 14.07
N GLN A 267 -9.54 -35.03 14.42
CA GLN A 267 -10.48 -34.15 13.72
C GLN A 267 -10.20 -32.68 14.03
N ILE A 268 -9.94 -32.36 15.29
CA ILE A 268 -9.69 -30.97 15.67
C ILE A 268 -8.42 -30.46 15.02
N GLN A 269 -7.35 -31.27 15.01
CA GLN A 269 -6.10 -30.83 14.39
C GLN A 269 -6.26 -30.64 12.89
N ARG A 270 -6.95 -31.57 12.22
CA ARG A 270 -7.20 -31.41 10.80
C ARG A 270 -7.94 -30.10 10.53
N LYS A 271 -8.98 -29.83 11.32
CA LYS A 271 -9.72 -28.59 11.17
C LYS A 271 -8.81 -27.38 11.32
N ARG A 272 -7.98 -27.38 12.36
CA ARG A 272 -7.07 -26.25 12.60
C ARG A 272 -6.08 -26.06 11.46
N TYR A 273 -5.47 -27.16 11.00
CA TYR A 273 -4.57 -27.08 9.86
C TYR A 273 -5.26 -26.48 8.64
N THR A 274 -6.46 -26.97 8.34
CA THR A 274 -7.19 -26.50 7.16
C THR A 274 -7.53 -25.02 7.27
N ASP A 275 -8.04 -24.61 8.44
CA ASP A 275 -8.41 -23.21 8.63
C ASP A 275 -7.18 -22.32 8.52
N TYR A 276 -6.05 -22.74 9.09
CA TYR A 276 -4.82 -21.97 8.98
C TYR A 276 -4.38 -21.85 7.53
N LEU A 277 -4.47 -22.94 6.77
CA LEU A 277 -4.01 -22.91 5.39
C LEU A 277 -4.92 -22.10 4.47
N ARG A 278 -6.21 -21.98 4.80
CA ARG A 278 -7.18 -21.40 3.89
C ARG A 278 -7.62 -19.99 4.26
N ASN A 279 -7.58 -19.64 5.54
CA ASN A 279 -8.06 -18.35 5.99
C ASN A 279 -6.93 -17.40 6.32
N ASN A 280 -5.69 -17.90 6.30
CA ASN A 280 -4.52 -17.11 6.65
C ASN A 280 -3.49 -17.20 5.54
N LEU A 281 -2.97 -18.41 5.33
CA LEU A 281 -1.88 -18.58 4.37
C LEU A 281 -2.36 -18.40 2.94
N ASP A 282 -3.52 -18.99 2.58
CA ASP A 282 -4.00 -18.86 1.21
C ASP A 282 -4.38 -17.42 0.89
N HIS A 283 -4.72 -16.62 1.90
CA HIS A 283 -4.99 -15.20 1.71
C HIS A 283 -3.75 -14.34 1.79
N SER A 284 -2.57 -14.93 1.98
CA SER A 284 -1.33 -14.17 1.93
C SER A 284 -1.01 -13.80 0.49
N LEU A 285 -0.22 -12.73 0.33
CA LEU A 285 0.03 -12.19 -0.99
C LEU A 285 0.96 -13.06 -1.83
N GLU A 286 1.78 -13.90 -1.19
CA GLU A 286 2.77 -14.70 -1.90
C GLU A 286 2.19 -16.00 -2.44
N LEU A 287 1.08 -16.46 -1.87
CA LEU A 287 0.44 -17.69 -2.27
C LEU A 287 -0.80 -17.42 -3.10
N ALA A 288 -0.97 -16.20 -3.59
CA ALA A 288 -2.12 -15.88 -4.41
C ALA A 288 -2.01 -16.54 -5.78
N VAL A 289 -3.16 -16.74 -6.42
CA VAL A 289 -3.23 -17.37 -7.73
C VAL A 289 -3.96 -16.49 -8.74
N THR A 290 -4.49 -15.34 -8.32
CA THR A 290 -5.24 -14.45 -9.19
C THR A 290 -4.76 -13.04 -8.92
N ASP A 291 -4.49 -12.27 -9.99
CA ASP A 291 -4.13 -10.88 -9.84
C ASP A 291 -5.36 -10.05 -9.49
N GLN A 292 -5.24 -9.21 -8.46
CA GLN A 292 -6.39 -8.49 -7.94
C GLN A 292 -6.83 -7.38 -8.91
N LEU A 293 -5.86 -6.70 -9.51
CA LEU A 293 -6.17 -5.61 -10.44
C LEU A 293 -6.86 -6.15 -11.69
N THR A 294 -6.13 -6.94 -12.48
CA THR A 294 -6.67 -7.42 -13.75
C THR A 294 -7.83 -8.39 -13.55
N GLY A 295 -7.77 -9.20 -12.49
CA GLY A 295 -8.72 -10.27 -12.28
C GLY A 295 -8.34 -11.56 -12.94
N LEU A 296 -7.19 -11.61 -13.60
CA LEU A 296 -6.69 -12.77 -14.31
C LEU A 296 -5.81 -13.59 -13.37
N HIS A 297 -5.42 -14.78 -13.82
CA HIS A 297 -4.51 -15.57 -13.01
C HIS A 297 -3.10 -14.97 -13.10
N ASN A 298 -2.23 -15.41 -12.19
CA ASN A 298 -0.89 -14.86 -12.07
C ASN A 298 0.15 -15.86 -12.59
N ARG A 299 1.43 -15.49 -12.45
CA ARG A 299 2.50 -16.34 -12.97
C ARG A 299 2.55 -17.70 -12.30
N ARG A 300 2.23 -17.76 -11.00
CA ARG A 300 2.28 -19.02 -10.23
C ARG A 300 1.34 -20.07 -10.83
N TYR A 301 0.07 -19.69 -10.99
CA TYR A 301 -0.92 -20.57 -11.59
C TYR A 301 -0.45 -21.05 -12.95
N MET A 302 0.02 -20.11 -13.77
CA MET A 302 0.49 -20.49 -15.10
C MET A 302 1.62 -21.50 -15.01
N THR A 303 2.54 -21.29 -14.07
CA THR A 303 3.69 -22.18 -13.96
C THR A 303 3.24 -23.61 -13.73
N GLY A 304 2.34 -23.81 -12.76
CA GLY A 304 1.85 -25.16 -12.51
C GLY A 304 1.19 -25.78 -13.74
N GLN A 305 0.25 -25.03 -14.34
CA GLN A 305 -0.49 -25.58 -15.47
C GLN A 305 0.45 -25.87 -16.64
N LEU A 306 1.41 -24.97 -16.88
CA LEU A 306 2.37 -25.14 -17.96
C LEU A 306 3.25 -26.36 -17.73
N ASP A 307 3.62 -26.62 -16.48
CA ASP A 307 4.35 -27.86 -16.19
C ASP A 307 3.56 -29.08 -16.67
N SER A 308 2.30 -29.18 -16.26
CA SER A 308 1.52 -30.34 -16.70
C SER A 308 1.41 -30.40 -18.23
N LEU A 309 1.12 -29.25 -18.85
CA LEU A 309 0.95 -29.20 -20.30
C LEU A 309 2.21 -29.64 -21.04
N VAL A 310 3.35 -29.06 -20.67
CA VAL A 310 4.60 -29.35 -21.35
C VAL A 310 5.00 -30.80 -21.14
N LYS A 311 4.73 -31.35 -19.95
CA LYS A 311 5.03 -32.77 -19.75
C LYS A 311 4.21 -33.64 -20.70
N ARG A 312 2.91 -33.36 -20.82
CA ARG A 312 2.09 -34.09 -21.79
C ARG A 312 2.66 -33.96 -23.20
N ALA A 313 3.08 -32.75 -23.58
CA ALA A 313 3.60 -32.53 -24.93
C ALA A 313 4.87 -33.33 -25.17
N THR A 314 5.78 -33.36 -24.19
CA THR A 314 7.00 -34.16 -24.33
C THR A 314 6.67 -35.63 -24.51
N LEU A 315 5.66 -36.13 -23.80
CA LEU A 315 5.27 -37.52 -23.98
C LEU A 315 4.73 -37.82 -25.38
N GLY A 316 4.44 -36.79 -26.17
CA GLY A 316 3.97 -36.94 -27.53
C GLY A 316 2.52 -36.56 -27.66
N GLY A 317 2.17 -35.78 -28.69
CA GLY A 317 0.82 -35.33 -28.90
C GLY A 317 0.81 -33.89 -29.39
N ASP A 318 -0.38 -33.29 -29.36
CA ASP A 318 -0.53 -31.92 -29.85
C ASP A 318 0.29 -30.95 -29.00
N PRO A 319 0.88 -29.92 -29.60
CA PRO A 319 1.78 -29.03 -28.87
C PRO A 319 1.02 -27.94 -28.13
N VAL A 320 1.73 -27.30 -27.20
CA VAL A 320 1.23 -26.18 -26.42
C VAL A 320 1.95 -24.92 -26.88
N SER A 321 1.18 -23.88 -27.24
CA SER A 321 1.77 -22.62 -27.65
C SER A 321 1.69 -21.58 -26.53
N ALA A 322 2.59 -20.61 -26.60
CA ALA A 322 2.70 -19.55 -25.62
C ALA A 322 2.83 -18.21 -26.32
N LEU A 323 2.09 -17.22 -25.80
CA LEU A 323 2.13 -15.84 -26.28
C LEU A 323 2.56 -14.95 -25.13
N LEU A 324 3.63 -14.19 -25.33
CA LEU A 324 4.06 -13.18 -24.36
C LEU A 324 3.78 -11.80 -24.96
N ILE A 325 2.89 -11.04 -24.32
CA ILE A 325 2.43 -9.75 -24.81
C ILE A 325 2.93 -8.66 -23.88
N ASP A 326 3.66 -7.69 -24.43
CA ASP A 326 4.14 -6.52 -23.70
C ASP A 326 3.56 -5.25 -24.29
N ILE A 327 2.87 -4.47 -23.45
CA ILE A 327 2.36 -3.19 -23.90
C ILE A 327 3.54 -2.28 -24.23
N ASP A 328 3.38 -1.45 -25.28
CA ASP A 328 4.45 -0.59 -25.77
C ASP A 328 4.27 0.81 -25.19
N PHE A 329 5.34 1.36 -24.64
CA PHE A 329 5.34 2.71 -24.07
C PHE A 329 4.32 2.87 -22.95
N PHE A 330 4.36 1.95 -21.98
CA PHE A 330 3.46 2.10 -20.85
C PHE A 330 3.95 3.18 -19.90
N LYS A 331 5.27 3.33 -19.80
CA LYS A 331 5.83 4.40 -18.96
C LYS A 331 5.29 5.76 -19.38
N LYS A 332 5.10 5.98 -20.69
CA LYS A 332 4.51 7.24 -21.13
C LYS A 332 3.08 7.39 -20.63
N ILE A 333 2.32 6.29 -20.62
CA ILE A 333 0.96 6.32 -20.09
C ILE A 333 0.99 6.77 -18.62
N ASN A 334 1.89 6.17 -17.82
CA ASN A 334 1.96 6.56 -16.42
C ASN A 334 2.44 8.00 -16.26
N ASP A 335 3.43 8.41 -17.05
CA ASP A 335 3.99 9.75 -16.95
C ASP A 335 2.94 10.80 -17.30
N THR A 336 2.01 10.47 -18.19
CA THR A 336 1.07 11.46 -18.67
C THR A 336 -0.25 11.43 -17.90
N PHE A 337 -0.81 10.26 -17.63
CA PHE A 337 -2.13 10.18 -17.02
C PHE A 337 -2.14 9.67 -15.59
N GLY A 338 -1.01 9.26 -15.02
CA GLY A 338 -1.00 8.78 -13.65
C GLY A 338 -1.11 7.27 -13.56
N HIS A 339 -0.68 6.74 -12.42
CA HIS A 339 -0.69 5.30 -12.22
C HIS A 339 -2.10 4.75 -12.17
N ASP A 340 -3.05 5.52 -11.63
CA ASP A 340 -4.42 5.04 -11.56
C ASP A 340 -5.01 4.80 -12.94
N ILE A 341 -4.78 5.74 -13.86
CA ILE A 341 -5.22 5.55 -15.24
C ILE A 341 -4.50 4.36 -15.85
N GLY A 342 -3.19 4.22 -15.55
CA GLY A 342 -2.47 3.05 -16.05
C GLY A 342 -3.08 1.75 -15.57
N ASP A 343 -3.49 1.70 -14.30
CA ASP A 343 -4.19 0.55 -13.77
C ASP A 343 -5.49 0.29 -14.52
N GLU A 344 -6.24 1.35 -14.82
CA GLU A 344 -7.46 1.16 -15.63
C GLU A 344 -7.14 0.55 -16.98
N VAL A 345 -6.08 1.06 -17.62
CA VAL A 345 -5.67 0.54 -18.92
C VAL A 345 -5.37 -0.94 -18.82
N LEU A 346 -4.63 -1.33 -17.78
CA LEU A 346 -4.30 -2.74 -17.58
C LEU A 346 -5.54 -3.60 -17.39
N ARG A 347 -6.47 -3.12 -16.55
CA ARG A 347 -7.72 -3.86 -16.32
C ARG A 347 -8.46 -4.12 -17.62
N GLU A 348 -8.67 -3.06 -18.41
CA GLU A 348 -9.41 -3.22 -19.67
C GLU A 348 -8.66 -4.11 -20.64
N PHE A 349 -7.34 -3.95 -20.73
CA PHE A 349 -6.53 -4.82 -21.57
C PHE A 349 -6.77 -6.28 -21.20
N ALA A 350 -6.78 -6.58 -19.91
CA ALA A 350 -7.03 -7.95 -19.46
C ALA A 350 -8.38 -8.45 -19.96
N LEU A 351 -9.42 -7.63 -19.79
CA LEU A 351 -10.73 -8.04 -20.29
C LEU A 351 -10.71 -8.34 -21.78
N ARG A 352 -10.16 -7.43 -22.59
CA ARG A 352 -10.12 -7.65 -24.03
C ARG A 352 -9.36 -8.93 -24.38
N LEU A 353 -8.21 -9.14 -23.72
CA LEU A 353 -7.39 -10.31 -24.00
C LEU A 353 -8.18 -11.59 -23.74
N ALA A 354 -8.79 -11.68 -22.55
CA ALA A 354 -9.57 -12.87 -22.24
C ALA A 354 -10.73 -13.04 -23.22
N SER A 355 -11.33 -11.92 -23.66
CA SER A 355 -12.47 -11.99 -24.55
C SER A 355 -12.11 -12.42 -25.96
N ASN A 356 -10.87 -12.24 -26.38
CA ASN A 356 -10.49 -12.58 -27.75
C ASN A 356 -9.66 -13.86 -27.85
N VAL A 357 -9.53 -14.61 -26.75
CA VAL A 357 -8.94 -15.94 -26.77
C VAL A 357 -9.92 -16.90 -26.09
N ARG A 358 -9.71 -18.19 -26.34
CA ARG A 358 -10.63 -19.20 -25.83
C ARG A 358 -10.54 -19.29 -24.31
N ALA A 359 -11.63 -19.75 -23.70
CA ALA A 359 -11.63 -19.97 -22.26
C ALA A 359 -10.78 -21.16 -21.86
N ILE A 360 -10.54 -22.10 -22.79
CA ILE A 360 -9.61 -23.20 -22.52
C ILE A 360 -8.19 -22.69 -22.48
N ASP A 361 -7.93 -21.53 -23.09
CA ASP A 361 -6.62 -20.90 -22.98
C ASP A 361 -6.45 -20.30 -21.59
N LEU A 362 -5.21 -19.90 -21.29
CA LEU A 362 -4.83 -19.34 -20.00
C LEU A 362 -4.29 -17.94 -20.22
N PRO A 363 -5.15 -16.92 -20.19
CA PRO A 363 -4.67 -15.52 -20.13
C PRO A 363 -4.34 -15.11 -18.70
N CYS A 364 -3.06 -14.87 -18.44
CA CYS A 364 -2.56 -14.55 -17.12
C CYS A 364 -1.66 -13.33 -17.20
N ARG A 365 -1.35 -12.77 -16.03
CA ARG A 365 -0.47 -11.60 -15.92
C ARG A 365 0.94 -12.09 -15.61
N TYR A 366 1.81 -12.06 -16.61
CA TYR A 366 3.18 -12.54 -16.43
C TYR A 366 4.00 -11.58 -15.59
N GLY A 367 3.89 -10.28 -15.87
CA GLY A 367 4.69 -9.27 -15.18
C GLY A 367 3.85 -8.07 -14.82
N GLY A 368 4.46 -6.89 -14.78
CA GLY A 368 3.69 -5.72 -14.42
C GLY A 368 2.85 -5.21 -15.56
N GLU A 369 3.47 -5.07 -16.74
CA GLU A 369 2.79 -4.66 -17.96
C GLU A 369 2.75 -5.79 -18.97
N GLU A 370 3.23 -6.97 -18.60
CA GLU A 370 3.34 -8.11 -19.50
C GLU A 370 2.27 -9.14 -19.17
N PHE A 371 1.70 -9.73 -20.21
CA PHE A 371 0.66 -10.73 -20.11
C PHE A 371 1.11 -11.96 -20.89
N VAL A 372 0.60 -13.11 -20.48
CA VAL A 372 0.92 -14.37 -21.14
C VAL A 372 -0.39 -15.06 -21.49
N VAL A 373 -0.43 -15.69 -22.65
CA VAL A 373 -1.57 -16.50 -23.08
C VAL A 373 -1.01 -17.87 -23.39
N ILE A 374 -1.22 -18.82 -22.47
CA ILE A 374 -0.87 -20.21 -22.73
C ILE A 374 -2.04 -20.86 -23.46
N MET A 375 -1.81 -21.27 -24.70
CA MET A 375 -2.85 -21.89 -25.51
C MET A 375 -2.60 -23.40 -25.63
N PRO A 376 -3.41 -24.23 -24.98
CA PRO A 376 -3.22 -25.69 -25.10
C PRO A 376 -3.63 -26.20 -26.46
N ASP A 377 -2.98 -27.29 -26.87
CA ASP A 377 -3.28 -28.04 -28.10
C ASP A 377 -3.38 -27.14 -29.33
N THR A 378 -2.34 -26.34 -29.57
CA THR A 378 -2.29 -25.47 -30.73
C THR A 378 -0.88 -25.43 -31.31
N ALA A 379 -0.81 -25.23 -32.62
CA ALA A 379 0.44 -25.20 -33.37
C ALA A 379 0.91 -23.75 -33.57
N LEU A 380 2.21 -23.61 -33.82
CA LEU A 380 2.81 -22.28 -33.87
C LEU A 380 2.15 -21.38 -34.91
N ALA A 381 1.83 -21.92 -36.08
CA ALA A 381 1.20 -21.10 -37.13
C ALA A 381 -0.11 -20.51 -36.66
N ASP A 382 -1.01 -21.37 -36.15
CA ASP A 382 -2.29 -20.89 -35.64
C ASP A 382 -2.05 -19.89 -34.50
N ALA A 383 -1.06 -20.17 -33.65
CA ALA A 383 -0.74 -19.26 -32.55
C ALA A 383 -0.36 -17.87 -33.08
N LEU A 384 0.44 -17.82 -34.13
CA LEU A 384 0.81 -16.54 -34.72
C LEU A 384 -0.40 -15.81 -35.26
N ARG A 385 -1.33 -16.54 -35.89
CA ARG A 385 -2.55 -15.89 -36.39
C ARG A 385 -3.38 -15.34 -35.22
N ILE A 386 -3.46 -16.10 -34.13
CA ILE A 386 -4.18 -15.63 -32.95
C ILE A 386 -3.53 -14.38 -32.39
N ALA A 387 -2.20 -14.36 -32.36
CA ALA A 387 -1.49 -13.17 -31.90
C ALA A 387 -1.84 -11.98 -32.77
N GLU A 388 -1.95 -12.20 -34.09
CA GLU A 388 -2.36 -11.12 -34.98
C GLU A 388 -3.76 -10.64 -34.65
N ARG A 389 -4.67 -11.57 -34.35
CA ARG A 389 -6.02 -11.20 -33.94
C ARG A 389 -5.99 -10.31 -32.70
N ILE A 390 -5.24 -10.73 -31.69
CA ILE A 390 -5.11 -9.94 -30.45
C ILE A 390 -4.53 -8.56 -30.75
N ARG A 391 -3.44 -8.52 -31.53
CA ARG A 391 -2.83 -7.24 -31.87
C ARG A 391 -3.84 -6.30 -32.52
N MET A 392 -4.60 -6.80 -33.50
CA MET A 392 -5.57 -5.95 -34.18
C MET A 392 -6.64 -5.46 -33.22
N HIS A 393 -7.09 -6.32 -32.30
CA HIS A 393 -8.13 -5.89 -31.37
C HIS A 393 -7.62 -4.82 -30.41
N VAL A 394 -6.35 -4.91 -30.00
CA VAL A 394 -5.80 -3.91 -29.08
C VAL A 394 -5.55 -2.59 -29.81
N SER A 395 -4.96 -2.66 -31.00
CA SER A 395 -4.62 -1.44 -31.72
C SER A 395 -5.85 -0.76 -32.31
N GLY A 396 -6.84 -1.54 -32.76
CA GLY A 396 -8.02 -0.98 -33.40
C GLY A 396 -8.85 -0.10 -32.50
N SER A 397 -9.32 -0.64 -31.37
CA SER A 397 -10.22 0.09 -30.48
C SER A 397 -9.43 0.82 -29.39
N PRO A 398 -9.77 2.08 -29.11
CA PRO A 398 -9.16 2.80 -27.99
C PRO A 398 -9.69 2.33 -26.64
N PHE A 399 -8.91 2.63 -25.59
CA PHE A 399 -9.25 2.32 -24.21
C PHE A 399 -9.77 3.59 -23.54
N THR A 400 -10.98 3.52 -22.98
CA THR A 400 -11.58 4.67 -22.31
C THR A 400 -11.31 4.63 -20.81
N VAL A 401 -10.76 5.72 -20.28
CA VAL A 401 -10.32 5.81 -18.89
C VAL A 401 -10.78 7.14 -18.32
N ALA A 402 -10.46 7.35 -17.03
CA ALA A 402 -10.82 8.56 -16.28
C ALA A 402 -12.35 8.76 -16.22
N HIS A 403 -13.08 7.67 -16.00
CA HIS A 403 -14.54 7.70 -16.01
C HIS A 403 -15.08 8.32 -17.29
N GLY A 404 -14.45 7.95 -18.42
CA GLY A 404 -14.86 8.44 -19.72
C GLY A 404 -14.21 9.73 -20.13
N ARG A 405 -13.53 10.43 -19.21
CA ARG A 405 -12.95 11.72 -19.50
C ARG A 405 -11.82 11.63 -20.51
N GLU A 406 -11.17 10.48 -20.64
CA GLU A 406 -10.02 10.37 -21.53
C GLU A 406 -10.10 9.09 -22.34
N MET A 407 -9.50 9.11 -23.53
CA MET A 407 -9.42 7.95 -24.40
C MET A 407 -7.98 7.83 -24.90
N LEU A 408 -7.45 6.60 -24.88
CA LEU A 408 -6.04 6.39 -25.16
C LEU A 408 -5.87 5.17 -26.06
N ASN A 409 -4.91 5.24 -26.98
CA ASN A 409 -4.59 4.12 -27.86
C ASN A 409 -3.34 3.39 -27.38
N VAL A 410 -3.42 2.06 -27.41
CA VAL A 410 -2.36 1.18 -26.92
C VAL A 410 -1.88 0.28 -28.05
N THR A 411 -0.57 0.05 -28.10
CA THR A 411 0.02 -0.92 -29.01
C THR A 411 0.72 -1.98 -28.17
N ILE A 412 0.90 -3.17 -28.73
CA ILE A 412 1.52 -4.28 -28.01
C ILE A 412 2.49 -5.00 -28.93
N SER A 413 3.57 -5.51 -28.35
CA SER A 413 4.52 -6.38 -29.04
C SER A 413 4.36 -7.79 -28.49
N ILE A 414 4.25 -8.77 -29.38
CA ILE A 414 3.96 -10.15 -29.00
C ILE A 414 5.10 -11.07 -29.44
N GLY A 415 5.46 -12.01 -28.57
CA GLY A 415 6.41 -13.05 -28.89
C GLY A 415 5.76 -14.42 -28.74
N VAL A 416 5.79 -15.22 -29.81
CA VAL A 416 5.07 -16.49 -29.85
C VAL A 416 6.06 -17.64 -29.92
N SER A 417 5.78 -18.72 -29.20
CA SER A 417 6.61 -19.91 -29.25
C SER A 417 5.73 -21.13 -28.99
N ALA A 418 6.22 -22.31 -29.37
CA ALA A 418 5.47 -23.54 -29.19
C ALA A 418 6.40 -24.66 -28.75
N THR A 419 5.84 -25.60 -27.99
CA THR A 419 6.61 -26.74 -27.48
C THR A 419 7.07 -27.65 -28.62
N ALA A 420 8.37 -27.89 -28.71
CA ALA A 420 8.95 -28.76 -29.73
C ALA A 420 9.76 -29.88 -29.09
N GLY A 421 9.68 -31.07 -29.68
CA GLY A 421 10.37 -32.27 -29.21
C GLY A 421 10.04 -32.70 -27.78
N GLU A 422 10.74 -33.78 -27.39
CA GLU A 422 10.58 -34.49 -26.12
C GLU A 422 11.38 -33.91 -24.96
N GLY A 423 12.41 -33.11 -25.22
CA GLY A 423 13.19 -32.52 -24.15
C GLY A 423 12.83 -31.10 -23.77
N ASP A 424 11.77 -30.53 -24.34
CA ASP A 424 11.42 -29.15 -24.06
C ASP A 424 10.94 -29.00 -22.63
N THR A 425 11.16 -27.81 -22.07
CA THR A 425 10.79 -27.47 -20.71
C THR A 425 9.99 -26.17 -20.72
N PRO A 426 9.04 -25.98 -19.76
CA PRO A 426 8.31 -24.71 -19.68
C PRO A 426 9.21 -23.50 -19.83
N GLU A 427 10.35 -23.54 -19.11
CA GLU A 427 11.30 -22.44 -19.12
C GLU A 427 11.79 -22.14 -20.53
N ALA A 428 12.12 -23.18 -21.30
CA ALA A 428 12.63 -22.96 -22.65
C ALA A 428 11.56 -22.31 -23.53
N LEU A 429 10.32 -22.76 -23.42
CA LEU A 429 9.22 -22.17 -24.19
C LEU A 429 9.07 -20.69 -23.86
N LEU A 430 9.03 -20.36 -22.57
CA LEU A 430 8.90 -18.96 -22.17
C LEU A 430 10.10 -18.14 -22.61
N LYS A 431 11.31 -18.72 -22.57
CA LYS A 431 12.50 -18.00 -23.05
C LYS A 431 12.39 -17.68 -24.54
N ARG A 432 11.97 -18.65 -25.35
CA ARG A 432 11.84 -18.39 -26.78
C ARG A 432 10.81 -17.28 -27.03
N ALA A 433 9.71 -17.30 -26.28
CA ALA A 433 8.74 -16.22 -26.40
C ALA A 433 9.34 -14.87 -26.01
N ASP A 434 10.16 -14.86 -24.94
CA ASP A 434 10.84 -13.63 -24.53
C ASP A 434 11.75 -13.10 -25.63
N GLU A 435 12.52 -13.97 -26.26
CA GLU A 435 13.35 -13.56 -27.39
C GLU A 435 12.50 -12.95 -28.50
N GLY A 436 11.32 -13.55 -28.76
CA GLY A 436 10.41 -12.97 -29.73
C GLY A 436 9.97 -11.57 -29.37
N VAL A 437 9.64 -11.36 -28.09
CA VAL A 437 9.23 -10.02 -27.63
C VAL A 437 10.37 -9.02 -27.80
N TYR A 438 11.58 -9.42 -27.42
CA TYR A 438 12.75 -8.56 -27.58
C TYR A 438 12.91 -8.13 -29.03
N GLN A 439 12.88 -9.10 -29.95
CA GLN A 439 13.03 -8.77 -31.36
C GLN A 439 11.92 -7.86 -31.84
N ALA A 440 10.68 -8.12 -31.41
CA ALA A 440 9.55 -7.29 -31.84
C ALA A 440 9.70 -5.86 -31.34
N LYS A 441 10.26 -5.69 -30.14
CA LYS A 441 10.51 -4.34 -29.62
C LYS A 441 11.61 -3.64 -30.41
N ALA A 442 12.63 -4.40 -30.83
CA ALA A 442 13.67 -3.80 -31.68
C ALA A 442 13.13 -3.45 -33.06
N SER A 443 12.43 -4.38 -33.71
CA SER A 443 11.90 -4.20 -35.06
C SER A 443 10.64 -3.33 -35.06
N GLY A 444 10.83 -2.06 -34.69
CA GLY A 444 9.68 -1.19 -34.51
C GLY A 444 8.90 -1.69 -33.31
N ARG A 445 7.60 -1.50 -33.34
CA ARG A 445 6.72 -2.10 -32.34
C ARG A 445 5.45 -2.54 -33.07
N ASN A 446 4.38 -2.77 -32.31
CA ASN A 446 3.10 -3.27 -32.84
C ASN A 446 3.34 -4.43 -33.81
N ALA A 447 3.99 -5.47 -33.29
CA ALA A 447 4.45 -6.56 -34.14
C ALA A 447 4.43 -7.88 -33.38
N VAL A 448 4.41 -8.97 -34.15
CA VAL A 448 4.47 -10.33 -33.61
C VAL A 448 5.69 -11.01 -34.23
N VAL A 449 6.46 -11.70 -33.39
CA VAL A 449 7.67 -12.41 -33.81
C VAL A 449 7.63 -13.82 -33.24
N GLY A 450 7.91 -14.81 -34.08
CA GLY A 450 7.91 -16.21 -33.66
C GLY A 450 9.32 -16.79 -33.55
N LYS A 451 9.56 -17.54 -32.47
CA LYS A 451 10.81 -18.25 -32.25
C LYS A 451 10.54 -19.73 -32.03
N ALA A 452 11.21 -20.58 -32.81
CA ALA A 452 11.09 -22.03 -32.70
C ALA A 452 12.47 -22.65 -32.57
N ALA A 453 12.62 -23.58 -31.63
CA ALA A 453 13.93 -24.13 -31.25
C ALA A 453 14.81 -24.54 -32.44
N SER B 1 -31.61 -30.75 4.66
CA SER B 1 -32.42 -29.55 4.77
C SER B 1 -32.57 -28.85 3.41
N ALA B 2 -32.36 -29.62 2.34
CA ALA B 2 -32.58 -29.12 0.99
C ALA B 2 -34.05 -29.27 0.63
N ARG B 3 -34.64 -28.22 0.11
CA ARG B 3 -36.07 -28.17 -0.20
C ARG B 3 -36.28 -28.51 -1.67
N ILE B 4 -37.04 -29.57 -1.92
CA ILE B 4 -37.32 -30.08 -3.26
C ILE B 4 -38.82 -29.97 -3.53
N LEU B 5 -39.18 -29.48 -4.71
CA LEU B 5 -40.57 -29.41 -5.16
C LEU B 5 -40.82 -30.48 -6.22
N VAL B 6 -41.71 -31.41 -5.92
CA VAL B 6 -42.07 -32.51 -6.82
C VAL B 6 -43.41 -32.16 -7.48
N VAL B 7 -43.43 -32.19 -8.82
CA VAL B 7 -44.61 -31.79 -9.59
C VAL B 7 -45.00 -32.92 -10.54
N ASP B 8 -46.22 -33.45 -10.35
CA ASP B 8 -46.80 -34.46 -11.22
C ASP B 8 -48.30 -34.51 -10.97
N ASP B 9 -49.05 -34.93 -11.99
CA ASP B 9 -50.51 -35.01 -11.88
C ASP B 9 -50.96 -36.21 -11.07
N ILE B 10 -50.33 -37.37 -11.27
CA ILE B 10 -50.72 -38.59 -10.57
C ILE B 10 -50.26 -38.52 -9.11
N GLU B 11 -51.21 -38.65 -8.17
CA GLU B 11 -50.86 -38.56 -6.76
C GLU B 11 -49.84 -39.62 -6.36
N ALA B 12 -50.02 -40.86 -6.83
CA ALA B 12 -49.13 -41.95 -6.43
C ALA B 12 -47.68 -41.64 -6.75
N ASN B 13 -47.40 -41.15 -7.95
CA ASN B 13 -46.03 -40.84 -8.33
C ASN B 13 -45.43 -39.79 -7.40
N VAL B 14 -46.17 -38.69 -7.18
CA VAL B 14 -45.66 -37.63 -6.31
C VAL B 14 -45.37 -38.15 -4.92
N ARG B 15 -46.31 -38.91 -4.36
CA ARG B 15 -46.15 -39.42 -3.00
C ARG B 15 -44.99 -40.39 -2.91
N LEU B 16 -44.82 -41.25 -3.91
CA LEU B 16 -43.71 -42.20 -3.92
C LEU B 16 -42.37 -41.47 -3.91
N LEU B 17 -42.21 -40.49 -4.80
CA LEU B 17 -40.99 -39.70 -4.80
C LEU B 17 -40.80 -38.95 -3.49
N GLU B 18 -41.87 -38.36 -2.96
CA GLU B 18 -41.81 -37.67 -1.67
C GLU B 18 -41.30 -38.60 -0.58
N ALA B 19 -41.83 -39.82 -0.53
CA ALA B 19 -41.40 -40.80 0.46
C ALA B 19 -39.92 -41.08 0.34
N LYS B 20 -39.46 -41.38 -0.88
CA LYS B 20 -38.04 -41.68 -1.09
C LYS B 20 -37.15 -40.50 -0.69
N LEU B 21 -37.52 -39.30 -1.12
CA LEU B 21 -36.70 -38.13 -0.85
C LEU B 21 -36.67 -37.80 0.64
N THR B 22 -37.82 -37.84 1.32
CA THR B 22 -37.84 -37.59 2.75
C THR B 22 -37.06 -38.66 3.50
N ALA B 23 -37.10 -39.91 3.03
CA ALA B 23 -36.27 -40.94 3.64
C ALA B 23 -34.79 -40.64 3.49
N GLU B 24 -34.40 -39.91 2.43
CA GLU B 24 -33.02 -39.47 2.30
C GLU B 24 -32.79 -38.08 2.89
N TYR B 25 -33.57 -37.70 3.91
CA TYR B 25 -33.36 -36.45 4.65
C TYR B 25 -33.45 -35.21 3.75
N TYR B 26 -34.56 -35.11 3.02
CA TYR B 26 -34.84 -33.98 2.15
C TYR B 26 -36.21 -33.43 2.50
N GLU B 27 -36.33 -32.11 2.53
CA GLU B 27 -37.62 -31.47 2.78
C GLU B 27 -38.38 -31.36 1.47
N VAL B 28 -39.52 -32.06 1.36
CA VAL B 28 -40.22 -32.21 0.09
C VAL B 28 -41.55 -31.48 0.16
N SER B 29 -41.77 -30.59 -0.82
CA SER B 29 -43.08 -29.99 -1.11
C SER B 29 -43.60 -30.59 -2.41
N THR B 30 -44.92 -30.67 -2.51
CA THR B 30 -45.56 -31.34 -3.64
C THR B 30 -46.58 -30.42 -4.30
N ALA B 31 -46.67 -30.52 -5.62
CA ALA B 31 -47.67 -29.81 -6.40
C ALA B 31 -48.21 -30.73 -7.47
N MET B 32 -49.51 -30.64 -7.73
CA MET B 32 -50.19 -31.56 -8.62
C MET B 32 -50.68 -30.89 -9.89
N ASP B 33 -50.43 -29.58 -10.03
CA ASP B 33 -50.79 -28.82 -11.21
C ASP B 33 -49.64 -27.89 -11.55
N GLY B 34 -49.48 -27.62 -12.85
CA GLY B 34 -48.49 -26.69 -13.32
C GLY B 34 -48.62 -25.32 -12.68
N PRO B 35 -49.79 -24.70 -12.78
CA PRO B 35 -50.01 -23.39 -12.12
C PRO B 35 -49.71 -23.41 -10.63
N THR B 36 -50.21 -24.44 -9.94
CA THR B 36 -49.91 -24.60 -8.51
C THR B 36 -48.41 -24.68 -8.28
N ALA B 37 -47.71 -25.44 -9.12
CA ALA B 37 -46.25 -25.54 -9.00
C ALA B 37 -45.60 -24.18 -9.13
N LEU B 38 -45.97 -23.40 -10.15
CA LEU B 38 -45.36 -22.08 -10.35
C LEU B 38 -45.59 -21.17 -9.15
N ALA B 39 -46.82 -21.16 -8.63
CA ALA B 39 -47.13 -20.33 -7.47
C ALA B 39 -46.30 -20.76 -6.26
N MET B 40 -46.29 -22.07 -5.97
CA MET B 40 -45.49 -22.59 -4.87
C MET B 40 -44.02 -22.28 -5.06
N ALA B 41 -43.54 -22.32 -6.31
CA ALA B 41 -42.13 -22.04 -6.55
C ALA B 41 -41.80 -20.60 -6.20
N ALA B 42 -42.67 -19.68 -6.59
CA ALA B 42 -42.43 -18.27 -6.25
C ALA B 42 -42.60 -18.04 -4.75
N ARG B 43 -43.42 -18.86 -4.09
CA ARG B 43 -43.68 -18.65 -2.66
C ARG B 43 -42.56 -19.21 -1.80
N ASP B 44 -42.23 -20.48 -1.98
CA ASP B 44 -41.25 -21.19 -1.17
C ASP B 44 -39.82 -21.01 -1.64
N LEU B 45 -39.62 -20.55 -2.89
CA LEU B 45 -38.30 -20.45 -3.51
C LEU B 45 -37.47 -21.70 -3.21
N PRO B 46 -37.84 -22.86 -3.77
CA PRO B 46 -37.15 -24.11 -3.43
C PRO B 46 -35.70 -24.15 -3.90
N ASP B 47 -35.02 -25.26 -3.57
CA ASP B 47 -33.65 -25.50 -4.03
C ASP B 47 -33.61 -26.34 -5.29
N ILE B 48 -34.51 -27.32 -5.43
CA ILE B 48 -34.58 -28.17 -6.62
C ILE B 48 -36.05 -28.45 -6.95
N ILE B 49 -36.36 -28.49 -8.25
CA ILE B 49 -37.70 -28.82 -8.75
C ILE B 49 -37.60 -30.05 -9.63
N LEU B 50 -38.33 -31.11 -9.25
CA LEU B 50 -38.52 -32.30 -10.09
C LEU B 50 -39.90 -32.22 -10.73
N LEU B 51 -39.93 -32.12 -12.06
CA LEU B 51 -41.15 -31.87 -12.81
C LEU B 51 -41.32 -32.93 -13.89
N ASP B 52 -42.50 -33.53 -13.96
CA ASP B 52 -42.83 -34.50 -15.00
C ASP B 52 -43.37 -33.79 -16.23
N VAL B 53 -42.88 -34.21 -17.40
CA VAL B 53 -43.30 -33.59 -18.66
C VAL B 53 -44.72 -33.99 -19.01
N MET B 54 -45.15 -35.19 -18.62
CA MET B 54 -46.47 -35.70 -19.01
C MET B 54 -47.46 -35.21 -17.96
N MET B 55 -48.07 -34.06 -18.25
CA MET B 55 -49.06 -33.46 -17.36
C MET B 55 -50.21 -32.90 -18.18
N PRO B 56 -51.45 -33.34 -17.93
CA PRO B 56 -52.59 -32.77 -18.65
C PRO B 56 -52.76 -31.29 -18.33
N GLY B 57 -53.26 -30.54 -19.31
CA GLY B 57 -53.42 -29.11 -19.17
C GLY B 57 -52.16 -28.37 -19.55
N MET B 58 -51.36 -28.01 -18.55
CA MET B 58 -50.03 -27.43 -18.76
C MET B 58 -49.00 -28.54 -18.75
N ASP B 59 -48.33 -28.75 -19.90
CA ASP B 59 -47.28 -29.76 -19.97
C ASP B 59 -46.05 -29.28 -19.19
N GLY B 60 -45.24 -30.26 -18.76
CA GLY B 60 -44.04 -29.94 -17.98
C GLY B 60 -43.11 -28.96 -18.68
N PHE B 61 -43.00 -29.05 -20.00
CA PHE B 61 -42.15 -28.13 -20.75
C PHE B 61 -42.59 -26.68 -20.56
N THR B 62 -43.91 -26.43 -20.64
CA THR B 62 -44.42 -25.08 -20.44
C THR B 62 -44.11 -24.58 -19.03
N VAL B 63 -44.31 -25.44 -18.03
CA VAL B 63 -44.01 -25.07 -16.65
C VAL B 63 -42.53 -24.70 -16.51
N CYS B 64 -41.65 -25.53 -17.09
CA CYS B 64 -40.21 -25.25 -17.06
C CYS B 64 -39.91 -23.90 -17.70
N ARG B 65 -40.48 -23.63 -18.86
CA ARG B 65 -40.27 -22.35 -19.52
C ARG B 65 -40.72 -21.19 -18.63
N LYS B 66 -41.89 -21.33 -17.99
CA LYS B 66 -42.38 -20.28 -17.11
C LYS B 66 -41.47 -20.09 -15.91
N LEU B 67 -40.94 -21.19 -15.36
CA LEU B 67 -39.98 -21.10 -14.26
C LEU B 67 -38.73 -20.36 -14.70
N LYS B 68 -38.30 -20.58 -15.95
CA LYS B 68 -37.10 -19.92 -16.46
C LYS B 68 -37.39 -18.51 -16.96
N ASP B 69 -38.66 -18.09 -17.03
CA ASP B 69 -38.99 -16.70 -17.36
C ASP B 69 -39.12 -15.82 -16.12
N ASP B 70 -39.62 -16.37 -15.01
CA ASP B 70 -39.70 -15.63 -13.76
C ASP B 70 -38.30 -15.39 -13.21
N PRO B 71 -37.87 -14.14 -13.02
CA PRO B 71 -36.50 -13.89 -12.52
C PRO B 71 -36.29 -14.34 -11.09
N THR B 72 -37.34 -14.70 -10.36
CA THR B 72 -37.20 -15.15 -8.99
C THR B 72 -37.02 -16.66 -8.89
N THR B 73 -37.31 -17.39 -9.96
CA THR B 73 -37.20 -18.85 -9.98
C THR B 73 -36.24 -19.34 -11.05
N ARG B 74 -35.62 -18.43 -11.81
CA ARG B 74 -34.76 -18.83 -12.91
C ARG B 74 -33.52 -19.58 -12.40
N HIS B 75 -33.01 -19.19 -11.23
CA HIS B 75 -31.80 -19.81 -10.69
C HIS B 75 -32.04 -21.25 -10.24
N ILE B 76 -33.25 -21.56 -9.77
CA ILE B 76 -33.58 -22.87 -9.21
C ILE B 76 -33.41 -23.96 -10.25
N PRO B 77 -32.54 -24.94 -10.02
CA PRO B 77 -32.41 -26.05 -10.96
C PRO B 77 -33.70 -26.85 -11.09
N VAL B 78 -34.04 -27.21 -12.33
CA VAL B 78 -35.23 -27.98 -12.66
C VAL B 78 -34.81 -29.25 -13.37
N VAL B 79 -35.29 -30.40 -12.87
CA VAL B 79 -35.05 -31.70 -13.50
C VAL B 79 -36.36 -32.18 -14.10
N LEU B 80 -36.34 -32.50 -15.40
CA LEU B 80 -37.52 -32.96 -16.11
C LEU B 80 -37.50 -34.48 -16.18
N ILE B 81 -38.56 -35.11 -15.67
CA ILE B 81 -38.69 -36.56 -15.67
C ILE B 81 -39.37 -36.99 -16.97
N THR B 82 -38.63 -37.71 -17.80
CA THR B 82 -39.11 -38.17 -19.09
C THR B 82 -39.32 -39.67 -19.06
N ALA B 83 -39.85 -40.21 -20.16
CA ALA B 83 -40.10 -41.64 -20.34
C ALA B 83 -39.08 -42.25 -21.27
N LEU B 84 -39.21 -43.57 -21.47
CA LEU B 84 -38.34 -44.31 -22.37
C LEU B 84 -38.44 -43.73 -23.79
N ASP B 85 -37.31 -43.69 -24.48
CA ASP B 85 -37.24 -43.09 -25.81
C ASP B 85 -37.89 -41.71 -25.79
N GLY B 86 -37.34 -40.87 -24.92
CA GLY B 86 -37.85 -39.54 -24.68
C GLY B 86 -36.79 -38.59 -25.20
N ARG B 87 -36.10 -39.05 -26.25
CA ARG B 87 -35.12 -38.23 -26.93
C ARG B 87 -35.76 -36.93 -27.42
N GLY B 88 -36.94 -37.02 -28.01
CA GLY B 88 -37.70 -35.82 -28.34
C GLY B 88 -38.07 -35.04 -27.09
N ASP B 89 -38.50 -35.76 -26.05
CA ASP B 89 -38.81 -35.12 -24.78
C ASP B 89 -37.60 -34.38 -24.23
N ARG B 90 -36.43 -35.03 -24.28
CA ARG B 90 -35.19 -34.41 -23.79
C ARG B 90 -34.80 -33.20 -24.64
N ILE B 91 -34.92 -33.30 -25.97
CA ILE B 91 -34.61 -32.18 -26.85
C ILE B 91 -35.48 -30.99 -26.50
N GLN B 92 -36.78 -31.22 -26.36
CA GLN B 92 -37.70 -30.15 -26.01
C GLN B 92 -37.40 -29.62 -24.61
N GLY B 93 -36.99 -30.49 -23.68
CA GLY B 93 -36.63 -30.04 -22.36
C GLY B 93 -35.41 -29.14 -22.35
N LEU B 94 -34.39 -29.50 -23.12
CA LEU B 94 -33.23 -28.63 -23.27
C LEU B 94 -33.63 -27.30 -23.88
N GLU B 95 -34.50 -27.33 -24.89
CA GLU B 95 -35.00 -26.09 -25.46
C GLU B 95 -35.84 -25.32 -24.43
N SER B 96 -36.44 -26.03 -23.48
CA SER B 96 -37.24 -25.42 -22.43
C SER B 96 -36.40 -24.85 -21.30
N GLY B 97 -35.17 -25.31 -21.13
CA GLY B 97 -34.27 -24.79 -20.12
C GLY B 97 -34.04 -25.72 -18.96
N ALA B 98 -34.38 -27.00 -19.10
CA ALA B 98 -34.21 -27.94 -18.02
C ALA B 98 -32.73 -28.10 -17.71
N SER B 99 -32.40 -28.21 -16.42
CA SER B 99 -31.01 -28.37 -16.02
C SER B 99 -30.52 -29.78 -16.32
N ASP B 100 -31.34 -30.78 -16.02
CA ASP B 100 -31.02 -32.17 -16.35
C ASP B 100 -32.32 -32.97 -16.45
N PHE B 101 -32.19 -34.27 -16.69
CA PHE B 101 -33.32 -35.14 -16.96
C PHE B 101 -33.21 -36.41 -16.14
N LEU B 102 -34.37 -37.02 -15.88
CA LEU B 102 -34.47 -38.34 -15.28
C LEU B 102 -35.43 -39.16 -16.13
N THR B 103 -35.07 -40.42 -16.38
CA THR B 103 -35.87 -41.31 -17.20
C THR B 103 -36.77 -42.18 -16.35
N LYS B 104 -37.98 -42.48 -16.88
CA LYS B 104 -38.94 -43.34 -16.20
C LYS B 104 -38.88 -44.73 -16.81
N PRO B 105 -38.79 -45.80 -16.01
CA PRO B 105 -38.96 -45.87 -14.55
C PRO B 105 -37.78 -45.27 -13.78
N ILE B 106 -38.05 -44.63 -12.64
CA ILE B 106 -37.03 -43.88 -11.91
C ILE B 106 -36.07 -44.84 -11.21
N ASP B 107 -34.78 -44.68 -11.49
CA ASP B 107 -33.73 -45.42 -10.79
C ASP B 107 -33.31 -44.62 -9.56
N ASP B 108 -33.45 -45.22 -8.38
CA ASP B 108 -33.09 -44.52 -7.16
C ASP B 108 -31.65 -44.01 -7.22
N VAL B 109 -30.73 -44.84 -7.75
CA VAL B 109 -29.34 -44.43 -7.87
C VAL B 109 -29.23 -43.15 -8.68
N MET B 110 -29.80 -43.15 -9.89
CA MET B 110 -29.73 -41.97 -10.74
C MET B 110 -30.44 -40.78 -10.11
N LEU B 111 -31.60 -41.03 -9.50
CA LEU B 111 -32.36 -39.95 -8.86
C LEU B 111 -31.51 -39.24 -7.81
N PHE B 112 -30.95 -40.00 -6.87
CA PHE B 112 -30.19 -39.37 -5.80
C PHE B 112 -28.89 -38.79 -6.30
N ALA B 113 -28.29 -39.38 -7.35
CA ALA B 113 -27.12 -38.76 -7.94
C ALA B 113 -27.44 -37.36 -8.48
N ARG B 114 -28.53 -37.24 -9.24
CA ARG B 114 -28.92 -35.94 -9.78
C ARG B 114 -29.20 -34.95 -8.66
N VAL B 115 -29.99 -35.38 -7.69
CA VAL B 115 -30.36 -34.50 -6.59
C VAL B 115 -29.13 -34.00 -5.85
N ARG B 116 -28.20 -34.92 -5.52
CA ARG B 116 -26.99 -34.54 -4.81
C ARG B 116 -26.17 -33.54 -5.62
N SER B 117 -25.93 -33.85 -6.90
CA SER B 117 -25.12 -32.97 -7.74
C SER B 117 -25.73 -31.58 -7.83
N LEU B 118 -27.04 -31.53 -8.09
CA LEU B 118 -27.67 -30.23 -8.29
C LEU B 118 -27.86 -29.46 -6.99
N THR B 119 -28.01 -30.15 -5.86
CA THR B 119 -28.04 -29.46 -4.58
C THR B 119 -26.69 -28.80 -4.29
N ARG B 120 -25.60 -29.48 -4.63
CA ARG B 120 -24.28 -28.86 -4.48
C ARG B 120 -24.18 -27.62 -5.38
N PHE B 121 -24.65 -27.75 -6.62
CA PHE B 121 -24.66 -26.60 -7.51
C PHE B 121 -25.49 -25.46 -6.92
N LYS B 122 -26.64 -25.79 -6.33
CA LYS B 122 -27.50 -24.78 -5.73
C LYS B 122 -26.79 -24.05 -4.60
N LEU B 123 -26.01 -24.80 -3.81
CA LEU B 123 -25.21 -24.15 -2.77
C LEU B 123 -24.33 -23.07 -3.36
N VAL B 124 -23.59 -23.43 -4.43
CA VAL B 124 -22.68 -22.45 -5.03
C VAL B 124 -23.45 -21.28 -5.63
N ILE B 125 -24.59 -21.57 -6.26
CA ILE B 125 -25.43 -20.53 -6.85
C ILE B 125 -25.86 -19.52 -5.81
N ASP B 126 -26.39 -20.02 -4.69
CA ASP B 126 -26.88 -19.14 -3.62
C ASP B 126 -25.76 -18.27 -3.06
N GLU B 127 -24.57 -18.88 -2.88
CA GLU B 127 -23.45 -18.11 -2.37
C GLU B 127 -23.11 -16.95 -3.31
N LEU B 128 -22.99 -17.24 -4.61
CA LEU B 128 -22.66 -16.19 -5.56
C LEU B 128 -23.72 -15.09 -5.57
N ARG B 129 -25.00 -15.47 -5.48
CA ARG B 129 -26.07 -14.49 -5.45
C ARG B 129 -25.90 -13.53 -4.27
N GLN B 130 -25.62 -14.10 -3.10
CA GLN B 130 -25.39 -13.29 -1.89
C GLN B 130 -24.21 -12.34 -2.08
N ARG B 131 -23.08 -12.87 -2.54
CA ARG B 131 -21.88 -12.06 -2.68
C ARG B 131 -22.06 -10.96 -3.71
N GLU B 132 -22.76 -11.24 -4.81
CA GLU B 132 -23.06 -10.21 -5.78
C GLU B 132 -23.85 -9.07 -5.14
N ALA B 133 -24.85 -9.44 -4.33
CA ALA B 133 -25.64 -8.42 -3.63
C ALA B 133 -24.75 -7.52 -2.76
N SER B 134 -23.89 -8.14 -1.96
CA SER B 134 -22.95 -7.37 -1.13
C SER B 134 -22.03 -6.48 -1.98
N GLY B 135 -21.37 -7.09 -2.98
CA GLY B 135 -20.44 -6.38 -3.86
C GLY B 135 -21.04 -5.24 -4.64
N ARG B 136 -22.35 -5.27 -4.87
CA ARG B 136 -23.00 -4.12 -5.51
C ARG B 136 -22.74 -2.85 -4.71
N ARG B 137 -22.93 -2.92 -3.40
CA ARG B 137 -22.63 -1.83 -2.48
C ARG B 137 -21.12 -1.58 -2.34
N MET B 138 -20.26 -2.39 -2.98
CA MET B 138 -18.80 -2.20 -2.96
C MET B 138 -18.22 -2.71 -1.65
N GLY B 139 -18.90 -3.67 -1.05
CA GLY B 139 -18.45 -4.28 0.20
C GLY B 139 -19.55 -4.29 1.24
N ALA B 146 -14.94 -12.96 -16.86
CA ALA B 146 -15.57 -13.73 -15.78
C ALA B 146 -16.59 -14.73 -16.33
N ARG B 147 -16.15 -15.66 -17.16
CA ARG B 147 -17.06 -16.62 -17.78
C ARG B 147 -17.72 -17.51 -16.72
N LEU B 148 -19.03 -17.36 -16.56
CA LEU B 148 -19.80 -18.15 -15.59
C LEU B 148 -20.88 -19.00 -16.26
N ASP B 149 -20.75 -19.29 -17.55
CA ASP B 149 -21.67 -20.19 -18.22
C ASP B 149 -21.12 -21.60 -18.13
N GLY B 150 -21.75 -22.54 -18.84
CA GLY B 150 -21.28 -23.91 -18.86
C GLY B 150 -20.74 -24.34 -20.20
N LEU B 151 -20.31 -23.38 -21.03
CA LEU B 151 -19.91 -23.67 -22.40
C LEU B 151 -18.45 -23.33 -22.62
N GLY B 152 -17.91 -23.86 -23.70
CA GLY B 152 -16.53 -23.56 -24.07
C GLY B 152 -15.51 -24.16 -23.13
N GLY B 153 -15.74 -25.37 -22.66
CA GLY B 153 -14.89 -25.99 -21.66
C GLY B 153 -14.04 -27.08 -22.28
N ARG B 154 -12.87 -27.32 -21.67
CA ARG B 154 -11.97 -28.38 -22.09
C ARG B 154 -12.40 -29.66 -21.40
N VAL B 155 -12.93 -30.60 -22.17
CA VAL B 155 -13.42 -31.86 -21.64
C VAL B 155 -12.48 -32.97 -22.08
N LEU B 156 -11.95 -33.70 -21.10
CA LEU B 156 -11.03 -34.80 -21.33
C LEU B 156 -11.80 -36.12 -21.29
N ILE B 157 -11.82 -36.83 -22.41
CA ILE B 157 -12.50 -38.11 -22.55
C ILE B 157 -11.46 -39.20 -22.38
N VAL B 158 -11.53 -39.94 -21.28
CA VAL B 158 -10.64 -41.05 -21.00
C VAL B 158 -11.41 -42.32 -21.31
N ASP B 159 -11.22 -42.85 -22.52
CA ASP B 159 -11.92 -44.03 -22.97
C ASP B 159 -11.04 -44.75 -23.99
N ASP B 160 -11.06 -46.09 -23.95
CA ASP B 160 -10.37 -46.90 -24.94
C ASP B 160 -11.23 -47.18 -26.17
N ASN B 161 -12.56 -47.10 -26.05
CA ASN B 161 -13.48 -47.29 -27.17
C ASN B 161 -13.39 -46.09 -28.10
N GLU B 162 -12.69 -46.26 -29.21
CA GLU B 162 -12.51 -45.15 -30.16
C GLU B 162 -13.84 -44.66 -30.69
N ARG B 163 -14.76 -45.57 -31.01
CA ARG B 163 -16.06 -45.16 -31.54
C ARG B 163 -16.83 -44.31 -30.53
N GLN B 164 -16.93 -44.79 -29.29
CA GLN B 164 -17.61 -44.03 -28.24
C GLN B 164 -16.93 -42.68 -28.02
N ALA B 165 -15.60 -42.68 -27.93
CA ALA B 165 -14.87 -41.43 -27.72
C ALA B 165 -15.15 -40.43 -28.83
N GLN B 166 -15.12 -40.90 -30.10
CA GLN B 166 -15.38 -40.01 -31.22
C GLN B 166 -16.80 -39.46 -31.16
N ARG B 167 -17.77 -40.31 -30.84
CA ARG B 167 -19.16 -39.86 -30.77
C ARG B 167 -19.32 -38.81 -29.68
N VAL B 168 -18.75 -39.06 -28.50
CA VAL B 168 -18.83 -38.11 -27.38
C VAL B 168 -18.17 -36.80 -27.76
N ALA B 169 -17.00 -36.86 -28.38
CA ALA B 169 -16.31 -35.64 -28.79
C ALA B 169 -17.12 -34.85 -29.81
N ALA B 170 -17.75 -35.55 -30.76
CA ALA B 170 -18.59 -34.88 -31.75
C ALA B 170 -19.77 -34.20 -31.08
N GLU B 171 -20.44 -34.91 -30.17
CA GLU B 171 -21.60 -34.33 -29.48
C GLU B 171 -21.21 -33.10 -28.68
N LEU B 172 -19.98 -33.09 -28.15
CA LEU B 172 -19.47 -31.98 -27.36
C LEU B 172 -18.62 -31.02 -28.18
N GLY B 173 -18.58 -31.18 -29.51
CA GLY B 173 -17.65 -30.43 -30.30
C GLY B 173 -18.12 -29.08 -30.77
N VAL B 174 -19.40 -28.77 -30.61
CA VAL B 174 -19.96 -27.48 -31.03
C VAL B 174 -20.07 -26.56 -29.81
N GLU B 175 -20.29 -27.15 -28.64
CA GLU B 175 -20.48 -26.38 -27.43
C GLU B 175 -19.25 -26.35 -26.53
N HIS B 176 -18.37 -27.34 -26.63
CA HIS B 176 -17.20 -27.43 -25.77
C HIS B 176 -15.96 -27.75 -26.59
N ARG B 177 -14.82 -27.85 -25.92
CA ARG B 177 -13.55 -28.17 -26.55
C ARG B 177 -13.08 -29.54 -26.07
N PRO B 178 -13.32 -30.61 -26.81
CA PRO B 178 -12.98 -31.96 -26.34
C PRO B 178 -11.59 -32.45 -26.76
N VAL B 179 -11.00 -33.23 -25.86
CA VAL B 179 -9.72 -33.90 -26.07
C VAL B 179 -9.87 -35.36 -25.64
N ILE B 180 -9.33 -36.29 -26.42
CA ILE B 180 -9.47 -37.73 -26.17
C ILE B 180 -8.12 -38.30 -25.78
N GLU B 181 -8.11 -39.11 -24.72
CA GLU B 181 -6.91 -39.79 -24.24
C GLU B 181 -7.24 -41.25 -23.94
N SER B 182 -6.41 -42.16 -24.44
CA SER B 182 -6.61 -43.58 -24.18
C SER B 182 -5.65 -44.14 -23.14
N ASP B 183 -4.47 -43.55 -23.00
CA ASP B 183 -3.51 -44.01 -22.00
C ASP B 183 -3.80 -43.39 -20.65
N PRO B 184 -4.08 -44.19 -19.61
CA PRO B 184 -4.41 -43.60 -18.30
C PRO B 184 -3.33 -42.70 -17.72
N GLU B 185 -2.04 -43.03 -17.90
CA GLU B 185 -0.97 -42.20 -17.35
C GLU B 185 -0.90 -40.84 -18.04
N LYS B 186 -0.92 -40.84 -19.38
CA LYS B 186 -0.96 -39.58 -20.12
C LYS B 186 -2.18 -38.76 -19.72
N ALA B 187 -3.32 -39.43 -19.56
CA ALA B 187 -4.53 -38.75 -19.14
C ALA B 187 -4.37 -38.15 -17.74
N LYS B 188 -3.66 -38.84 -16.84
CA LYS B 188 -3.40 -38.29 -15.51
C LYS B 188 -2.58 -37.00 -15.62
N ILE B 189 -1.55 -37.02 -16.45
CA ILE B 189 -0.74 -35.82 -16.67
C ILE B 189 -1.60 -34.68 -17.19
N SER B 190 -2.43 -34.96 -18.21
CA SER B 190 -3.30 -33.93 -18.76
C SER B 190 -4.30 -33.42 -17.73
N ALA B 191 -4.89 -34.33 -16.94
CA ALA B 191 -5.87 -33.94 -15.94
C ALA B 191 -5.26 -33.03 -14.89
N GLY B 192 -3.95 -33.11 -14.69
CA GLY B 192 -3.36 -32.12 -13.80
C GLY B 192 -3.29 -30.72 -14.39
N GLY B 193 -3.58 -30.56 -15.67
CA GLY B 193 -3.52 -29.28 -16.34
C GLY B 193 -4.82 -28.53 -16.41
N PRO B 194 -5.00 -27.70 -17.47
CA PRO B 194 -6.22 -26.89 -17.65
C PRO B 194 -7.40 -27.67 -18.21
N VAL B 195 -7.92 -28.59 -17.41
CA VAL B 195 -9.08 -29.41 -17.77
C VAL B 195 -10.26 -28.98 -16.91
N ASP B 196 -11.44 -28.87 -17.53
CA ASP B 196 -12.64 -28.45 -16.82
C ASP B 196 -13.51 -29.63 -16.40
N LEU B 197 -13.46 -30.73 -17.14
CA LEU B 197 -14.25 -31.92 -16.83
C LEU B 197 -13.56 -33.13 -17.44
N VAL B 198 -13.59 -34.25 -16.71
CA VAL B 198 -13.07 -35.52 -17.19
C VAL B 198 -14.24 -36.49 -17.35
N ILE B 199 -14.36 -37.06 -18.54
CA ILE B 199 -15.35 -38.10 -18.81
C ILE B 199 -14.59 -39.42 -18.89
N VAL B 200 -14.88 -40.32 -17.96
CA VAL B 200 -14.17 -41.59 -17.92
C VAL B 200 -15.17 -42.72 -18.16
N ASN B 201 -14.72 -43.76 -18.85
CA ASN B 201 -15.52 -44.96 -19.07
C ASN B 201 -15.27 -45.94 -17.92
N ALA B 202 -16.27 -46.10 -17.05
CA ALA B 202 -16.15 -47.07 -15.97
C ALA B 202 -16.08 -48.50 -16.51
N ALA B 203 -16.65 -48.74 -17.68
CA ALA B 203 -16.65 -50.06 -18.30
C ALA B 203 -15.51 -50.24 -19.30
N ALA B 204 -14.39 -49.55 -19.11
CA ALA B 204 -13.22 -49.75 -19.95
C ALA B 204 -12.60 -51.12 -19.69
N LYS B 205 -12.04 -51.72 -20.74
CA LYS B 205 -11.47 -53.06 -20.64
C LYS B 205 -9.95 -53.07 -20.56
N ASN B 206 -9.29 -51.98 -20.94
CA ASN B 206 -7.83 -51.90 -20.92
C ASN B 206 -7.31 -51.10 -19.74
N PHE B 207 -8.21 -50.54 -18.94
CA PHE B 207 -7.83 -49.85 -17.71
C PHE B 207 -9.07 -49.77 -16.82
N ASP B 208 -8.83 -49.67 -15.51
CA ASP B 208 -9.91 -49.55 -14.54
C ASP B 208 -10.21 -48.07 -14.38
N GLY B 209 -11.30 -47.62 -15.00
CA GLY B 209 -11.68 -46.22 -14.92
C GLY B 209 -11.92 -45.77 -13.49
N LEU B 210 -12.46 -46.67 -12.66
CA LEU B 210 -12.68 -46.31 -11.26
C LEU B 210 -11.37 -46.12 -10.52
N ARG B 211 -10.36 -46.94 -10.83
CA ARG B 211 -9.04 -46.73 -10.25
C ARG B 211 -8.45 -45.40 -10.68
N PHE B 212 -8.58 -45.06 -11.96
CA PHE B 212 -8.14 -43.76 -12.45
C PHE B 212 -8.83 -42.62 -11.71
N THR B 213 -10.15 -42.72 -11.55
CA THR B 213 -10.89 -41.68 -10.83
C THR B 213 -10.42 -41.56 -9.38
N ALA B 214 -10.22 -42.71 -8.72
CA ALA B 214 -9.74 -42.68 -7.34
C ALA B 214 -8.36 -42.03 -7.26
N ALA B 215 -7.50 -42.32 -8.25
CA ALA B 215 -6.20 -41.68 -8.31
C ALA B 215 -6.33 -40.17 -8.41
N LEU B 216 -7.27 -39.71 -9.26
CA LEU B 216 -7.52 -38.26 -9.35
C LEU B 216 -7.92 -37.69 -8.00
N ARG B 217 -8.85 -38.37 -7.31
CA ARG B 217 -9.33 -37.86 -6.03
C ARG B 217 -8.27 -37.98 -4.92
N SER B 218 -7.24 -38.80 -5.12
CA SER B 218 -6.22 -38.99 -4.11
C SER B 218 -5.25 -37.82 -4.03
N GLU B 219 -4.91 -37.22 -5.17
CA GLU B 219 -3.97 -36.10 -5.21
C GLU B 219 -4.73 -34.78 -5.10
N GLU B 220 -4.19 -33.85 -4.31
CA GLU B 220 -4.86 -32.59 -4.07
C GLU B 220 -4.99 -31.79 -5.36
N ARG B 221 -4.04 -31.93 -6.27
CA ARG B 221 -4.08 -31.24 -7.56
C ARG B 221 -5.36 -31.53 -8.32
N THR B 222 -5.81 -32.78 -8.28
CA THR B 222 -6.99 -33.20 -9.03
C THR B 222 -8.12 -33.63 -8.12
N ARG B 223 -8.03 -33.32 -6.81
CA ARG B 223 -9.01 -33.85 -5.87
C ARG B 223 -10.42 -33.34 -6.17
N GLN B 224 -10.53 -32.09 -6.63
CA GLN B 224 -11.84 -31.50 -6.88
C GLN B 224 -12.15 -31.33 -8.37
N LEU B 225 -11.35 -31.93 -9.24
CA LEU B 225 -11.63 -31.89 -10.67
C LEU B 225 -12.96 -32.59 -10.96
N PRO B 226 -13.90 -31.93 -11.65
CA PRO B 226 -15.18 -32.57 -11.95
C PRO B 226 -14.98 -33.79 -12.86
N VAL B 227 -15.60 -34.91 -12.47
CA VAL B 227 -15.49 -36.16 -13.20
C VAL B 227 -16.89 -36.74 -13.39
N LEU B 228 -17.22 -37.06 -14.65
CA LEU B 228 -18.42 -37.80 -15.01
C LEU B 228 -18.01 -39.17 -15.52
N ALA B 229 -18.75 -40.20 -15.11
CA ALA B 229 -18.43 -41.58 -15.46
C ALA B 229 -19.54 -42.16 -16.34
N MET B 230 -19.15 -42.64 -17.51
CA MET B 230 -20.04 -43.41 -18.38
C MET B 230 -20.17 -44.81 -17.80
N VAL B 231 -21.38 -45.19 -17.43
CA VAL B 231 -21.62 -46.46 -16.75
C VAL B 231 -22.57 -47.29 -17.60
N ASP B 232 -22.39 -48.60 -17.56
CA ASP B 232 -23.32 -49.51 -18.22
C ASP B 232 -24.52 -49.74 -17.30
N PRO B 233 -25.75 -49.59 -17.80
CA PRO B 233 -26.92 -49.69 -16.92
C PRO B 233 -27.09 -51.05 -16.27
N ASP B 234 -26.46 -52.11 -16.80
CA ASP B 234 -26.60 -53.44 -16.22
C ASP B 234 -25.88 -53.52 -14.87
N ASP B 235 -24.65 -53.01 -14.79
CA ASP B 235 -23.83 -53.09 -13.58
C ASP B 235 -24.22 -51.99 -12.60
N ARG B 236 -25.22 -52.29 -11.77
CA ARG B 236 -25.57 -51.35 -10.70
C ARG B 236 -24.41 -51.22 -9.71
N GLY B 237 -23.67 -52.31 -9.49
CA GLY B 237 -22.60 -52.29 -8.51
C GLY B 237 -21.52 -51.27 -8.85
N ARG B 238 -21.00 -51.31 -10.07
CA ARG B 238 -20.00 -50.33 -10.50
C ARG B 238 -20.57 -48.92 -10.48
N MET B 239 -21.83 -48.77 -10.89
CA MET B 239 -22.46 -47.44 -10.87
C MET B 239 -22.43 -46.86 -9.46
N VAL B 240 -22.84 -47.66 -8.47
CA VAL B 240 -22.80 -47.21 -7.08
C VAL B 240 -21.36 -46.96 -6.65
N LYS B 241 -20.44 -47.85 -7.02
CA LYS B 241 -19.04 -47.71 -6.64
C LYS B 241 -18.43 -46.44 -7.21
N ALA B 242 -18.73 -46.14 -8.47
CA ALA B 242 -18.27 -44.90 -9.10
C ALA B 242 -18.76 -43.70 -8.31
N LEU B 243 -20.05 -43.73 -7.90
CA LEU B 243 -20.53 -42.63 -7.08
C LEU B 243 -19.82 -42.55 -5.73
N GLU B 244 -19.28 -43.68 -5.27
CA GLU B 244 -18.56 -43.71 -3.99
C GLU B 244 -17.11 -43.25 -4.10
N ILE B 245 -16.41 -43.63 -5.17
CA ILE B 245 -15.01 -43.20 -5.32
C ILE B 245 -14.93 -41.70 -5.47
N GLY B 246 -16.04 -41.05 -5.86
CA GLY B 246 -16.12 -39.61 -5.85
C GLY B 246 -16.53 -38.94 -7.15
N VAL B 247 -17.13 -39.68 -8.08
CA VAL B 247 -17.62 -39.06 -9.31
C VAL B 247 -18.79 -38.15 -8.96
N ASN B 248 -18.96 -37.08 -9.76
CA ASN B 248 -19.98 -36.07 -9.47
C ASN B 248 -21.35 -36.51 -9.97
N ASP B 249 -21.41 -37.11 -11.17
CA ASP B 249 -22.64 -37.69 -11.68
C ASP B 249 -22.26 -38.79 -12.67
N ILE B 250 -23.25 -39.55 -13.09
CA ILE B 250 -23.07 -40.70 -13.96
C ILE B 250 -23.85 -40.50 -15.25
N LEU B 251 -23.37 -41.14 -16.31
CA LEU B 251 -24.02 -41.11 -17.62
C LEU B 251 -24.24 -42.54 -18.11
N SER B 252 -25.48 -42.88 -18.44
CA SER B 252 -25.79 -44.23 -18.90
C SER B 252 -25.26 -44.44 -20.31
N ARG B 253 -24.91 -45.69 -20.61
CA ARG B 253 -24.45 -46.13 -21.92
C ARG B 253 -25.51 -46.99 -22.57
N PRO B 254 -26.03 -46.62 -23.73
CA PRO B 254 -25.48 -45.67 -24.71
C PRO B 254 -25.66 -44.21 -24.32
N ILE B 255 -24.72 -43.34 -24.71
CA ILE B 255 -24.73 -41.95 -24.26
C ILE B 255 -25.76 -41.16 -25.06
N ASP B 256 -26.73 -40.58 -24.36
CA ASP B 256 -27.70 -39.72 -25.02
C ASP B 256 -27.12 -38.31 -25.15
N PRO B 257 -27.14 -37.71 -26.35
CA PRO B 257 -26.53 -36.38 -26.52
C PRO B 257 -27.07 -35.31 -25.56
N GLN B 258 -28.38 -35.29 -25.36
CA GLN B 258 -28.97 -34.24 -24.51
C GLN B 258 -28.58 -34.43 -23.05
N GLU B 259 -28.54 -35.68 -22.59
CA GLU B 259 -28.07 -35.97 -21.22
C GLU B 259 -26.63 -35.53 -21.04
N LEU B 260 -25.78 -35.85 -22.03
CA LEU B 260 -24.38 -35.43 -22.00
C LEU B 260 -24.28 -33.91 -21.92
N SER B 261 -24.99 -33.20 -22.78
CA SER B 261 -24.96 -31.74 -22.78
C SER B 261 -25.35 -31.19 -21.41
N ALA B 262 -26.46 -31.68 -20.85
CA ALA B 262 -26.92 -31.19 -19.56
C ALA B 262 -25.89 -31.43 -18.47
N ARG B 263 -25.37 -32.65 -18.36
CA ARG B 263 -24.43 -32.96 -17.28
C ARG B 263 -23.14 -32.17 -17.42
N VAL B 264 -22.59 -32.09 -18.64
CA VAL B 264 -21.36 -31.35 -18.86
C VAL B 264 -21.55 -29.88 -18.48
N LYS B 265 -22.64 -29.26 -18.93
CA LYS B 265 -22.87 -27.86 -18.59
C LYS B 265 -22.99 -27.67 -17.09
N THR B 266 -23.71 -28.57 -16.41
CA THR B 266 -23.85 -28.45 -14.96
C THR B 266 -22.49 -28.46 -14.27
N GLN B 267 -21.65 -29.42 -14.64
CA GLN B 267 -20.37 -29.55 -13.97
C GLN B 267 -19.47 -28.36 -14.25
N ILE B 268 -19.41 -27.92 -15.51
CA ILE B 268 -18.55 -26.80 -15.86
C ILE B 268 -19.01 -25.52 -15.15
N GLN B 269 -20.32 -25.30 -15.10
CA GLN B 269 -20.83 -24.10 -14.44
C GLN B 269 -20.54 -24.13 -12.95
N ARG B 270 -20.74 -25.29 -12.30
CA ARG B 270 -20.40 -25.40 -10.89
C ARG B 270 -18.93 -25.09 -10.64
N LYS B 271 -18.05 -25.69 -11.45
CA LYS B 271 -16.62 -25.44 -11.29
C LYS B 271 -16.30 -23.96 -11.44
N ARG B 272 -16.83 -23.32 -12.48
CA ARG B 272 -16.55 -21.90 -12.71
C ARG B 272 -17.04 -21.04 -11.56
N TYR B 273 -18.27 -21.25 -11.10
CA TYR B 273 -18.79 -20.53 -9.95
C TYR B 273 -17.88 -20.70 -8.74
N THR B 274 -17.53 -21.95 -8.42
CA THR B 274 -16.72 -22.23 -7.24
C THR B 274 -15.35 -21.57 -7.34
N ASP B 275 -14.70 -21.69 -8.50
CA ASP B 275 -13.39 -21.07 -8.70
C ASP B 275 -13.47 -19.56 -8.58
N TYR B 276 -14.54 -18.97 -9.12
CA TYR B 276 -14.71 -17.52 -8.99
C TYR B 276 -14.87 -17.12 -7.53
N LEU B 277 -15.66 -17.90 -6.78
CA LEU B 277 -15.92 -17.54 -5.39
C LEU B 277 -14.72 -17.76 -4.48
N ARG B 278 -13.84 -18.71 -4.80
CA ARG B 278 -12.76 -19.04 -3.87
C ARG B 278 -11.39 -18.56 -4.30
N ASN B 279 -11.16 -18.37 -5.59
CA ASN B 279 -9.86 -17.94 -6.12
C ASN B 279 -9.85 -16.48 -6.52
N ASN B 280 -11.01 -15.82 -6.48
CA ASN B 280 -11.09 -14.42 -6.85
C ASN B 280 -11.74 -13.65 -5.72
N LEU B 281 -13.02 -13.96 -5.45
CA LEU B 281 -13.78 -13.16 -4.49
C LEU B 281 -13.25 -13.34 -3.07
N ASP B 282 -12.98 -14.59 -2.66
CA ASP B 282 -12.54 -14.84 -1.29
C ASP B 282 -11.17 -14.25 -1.02
N HIS B 283 -10.35 -14.05 -2.05
CA HIS B 283 -9.05 -13.43 -1.91
C HIS B 283 -9.11 -11.91 -2.03
N SER B 284 -10.31 -11.33 -2.11
CA SER B 284 -10.47 -9.89 -2.10
C SER B 284 -10.20 -9.34 -0.71
N LEU B 285 -9.82 -8.05 -0.66
CA LEU B 285 -9.46 -7.44 0.60
C LEU B 285 -10.68 -7.18 1.48
N GLU B 286 -11.87 -7.11 0.89
CA GLU B 286 -13.09 -6.83 1.64
C GLU B 286 -13.72 -8.09 2.22
N LEU B 287 -13.44 -9.25 1.65
CA LEU B 287 -14.04 -10.49 2.11
C LEU B 287 -13.09 -11.30 2.96
N ALA B 288 -11.99 -10.70 3.39
CA ALA B 288 -11.01 -11.39 4.22
C ALA B 288 -11.57 -11.65 5.61
N VAL B 289 -11.02 -12.66 6.27
CA VAL B 289 -11.44 -13.07 7.60
C VAL B 289 -10.30 -13.05 8.60
N THR B 290 -9.09 -12.71 8.18
CA THR B 290 -7.93 -12.73 9.04
C THR B 290 -7.16 -11.43 8.84
N ASP B 291 -6.80 -10.78 9.94
CA ASP B 291 -5.95 -9.60 9.85
C ASP B 291 -4.52 -10.04 9.58
N GLN B 292 -3.91 -9.48 8.53
CA GLN B 292 -2.59 -9.95 8.13
C GLN B 292 -1.51 -9.49 9.11
N LEU B 293 -1.65 -8.29 9.66
CA LEU B 293 -0.66 -7.80 10.62
C LEU B 293 -0.66 -8.65 11.90
N THR B 294 -1.77 -8.62 12.64
CA THR B 294 -1.85 -9.34 13.91
C THR B 294 -1.84 -10.85 13.72
N GLY B 295 -2.47 -11.34 12.66
CA GLY B 295 -2.70 -12.75 12.47
C GLY B 295 -3.99 -13.26 13.06
N LEU B 296 -4.78 -12.37 13.67
CA LEU B 296 -6.04 -12.71 14.29
C LEU B 296 -7.19 -12.54 13.29
N HIS B 297 -8.38 -13.01 13.67
CA HIS B 297 -9.52 -12.82 12.81
C HIS B 297 -9.99 -11.36 12.88
N ASN B 298 -10.85 -10.98 11.95
CA ASN B 298 -11.33 -9.61 11.83
C ASN B 298 -12.80 -9.52 12.24
N ARG B 299 -13.37 -8.32 12.07
CA ARG B 299 -14.76 -8.07 12.49
C ARG B 299 -15.76 -8.96 11.77
N ARG B 300 -15.50 -9.29 10.49
CA ARG B 300 -16.41 -10.13 9.73
C ARG B 300 -16.63 -11.49 10.38
N TYR B 301 -15.52 -12.18 10.67
CA TYR B 301 -15.56 -13.49 11.29
C TYR B 301 -16.33 -13.45 12.61
N MET B 302 -15.96 -12.53 13.49
CA MET B 302 -16.63 -12.41 14.78
C MET B 302 -18.10 -12.09 14.59
N THR B 303 -18.46 -11.27 13.60
CA THR B 303 -19.86 -10.94 13.38
C THR B 303 -20.69 -12.19 13.14
N GLY B 304 -20.26 -13.03 12.18
CA GLY B 304 -20.99 -14.26 11.92
C GLY B 304 -21.09 -15.17 13.13
N GLN B 305 -19.93 -15.44 13.75
CA GLN B 305 -19.90 -16.37 14.87
C GLN B 305 -20.75 -15.84 16.04
N LEU B 306 -20.66 -14.54 16.31
CA LEU B 306 -21.42 -13.93 17.39
C LEU B 306 -22.91 -14.00 17.11
N ASP B 307 -23.31 -13.86 15.84
CA ASP B 307 -24.73 -14.02 15.52
C ASP B 307 -25.22 -15.39 15.97
N SER B 308 -24.52 -16.46 15.56
CA SER B 308 -24.97 -17.79 15.97
C SER B 308 -24.97 -17.94 17.50
N LEU B 309 -23.90 -17.48 18.15
CA LEU B 309 -23.80 -17.62 19.60
C LEU B 309 -24.96 -16.91 20.30
N VAL B 310 -25.21 -15.66 19.92
CA VAL B 310 -26.25 -14.87 20.57
C VAL B 310 -27.62 -15.49 20.36
N LYS B 311 -27.87 -16.04 19.17
CA LYS B 311 -29.15 -16.71 18.94
C LYS B 311 -29.32 -17.89 19.89
N ARG B 312 -28.30 -18.75 19.99
CA ARG B 312 -28.36 -19.85 20.94
C ARG B 312 -28.65 -19.35 22.35
N ALA B 313 -28.02 -18.26 22.76
CA ALA B 313 -28.24 -17.73 24.09
C ALA B 313 -29.69 -17.27 24.27
N THR B 314 -30.26 -16.64 23.24
CA THR B 314 -31.66 -16.22 23.31
C THR B 314 -32.58 -17.41 23.54
N LEU B 315 -32.30 -18.53 22.86
CA LEU B 315 -33.11 -19.73 23.11
C LEU B 315 -32.96 -20.25 24.53
N GLY B 316 -32.01 -19.75 25.30
CA GLY B 316 -31.88 -20.16 26.69
C GLY B 316 -30.61 -20.98 26.86
N GLY B 317 -29.88 -20.69 27.92
CA GLY B 317 -28.66 -21.39 28.22
C GLY B 317 -27.61 -20.43 28.72
N ASP B 318 -26.37 -20.91 28.79
CA ASP B 318 -25.27 -20.09 29.26
C ASP B 318 -25.01 -18.94 28.30
N PRO B 319 -24.63 -17.77 28.81
CA PRO B 319 -24.51 -16.58 27.97
C PRO B 319 -23.16 -16.50 27.24
N VAL B 320 -23.11 -15.56 26.29
CA VAL B 320 -21.90 -15.24 25.55
C VAL B 320 -21.40 -13.89 26.05
N SER B 321 -20.15 -13.83 26.47
CA SER B 321 -19.57 -12.57 26.95
C SER B 321 -18.66 -11.95 25.89
N ALA B 322 -18.48 -10.63 25.99
CA ALA B 322 -17.67 -9.87 25.05
C ALA B 322 -16.76 -8.92 25.81
N LEU B 323 -15.50 -8.85 25.37
CA LEU B 323 -14.51 -7.94 25.91
C LEU B 323 -14.01 -7.04 24.79
N LEU B 324 -14.12 -5.73 24.97
CA LEU B 324 -13.54 -4.78 24.04
C LEU B 324 -12.35 -4.12 24.72
N ILE B 325 -11.17 -4.29 24.13
CA ILE B 325 -9.91 -3.80 24.69
C ILE B 325 -9.37 -2.72 23.75
N ASP B 326 -9.15 -1.52 24.28
CA ASP B 326 -8.57 -0.45 23.49
C ASP B 326 -7.27 -0.05 24.14
N ILE B 327 -6.17 -0.10 23.37
CA ILE B 327 -4.88 0.33 23.88
C ILE B 327 -4.95 1.82 24.23
N ASP B 328 -4.24 2.21 25.28
CA ASP B 328 -4.25 3.60 25.75
C ASP B 328 -3.02 4.33 25.23
N PHE B 329 -3.24 5.51 24.64
CA PHE B 329 -2.17 6.38 24.16
C PHE B 329 -1.32 5.68 23.09
N PHE B 330 -2.00 5.08 22.10
CA PHE B 330 -1.27 4.44 21.01
C PHE B 330 -0.68 5.47 20.05
N LYS B 331 -1.38 6.59 19.91
CA LYS B 331 -0.88 7.68 19.08
C LYS B 331 0.51 8.09 19.51
N LYS B 332 0.76 8.11 20.83
CA LYS B 332 2.09 8.46 21.33
C LYS B 332 3.13 7.42 20.93
N ILE B 333 2.75 6.14 20.96
CA ILE B 333 3.67 5.09 20.53
C ILE B 333 4.11 5.35 19.10
N ASN B 334 3.15 5.63 18.22
CA ASN B 334 3.50 5.93 16.83
C ASN B 334 4.29 7.23 16.72
N ASP B 335 3.94 8.24 17.51
CA ASP B 335 4.60 9.53 17.43
C ASP B 335 6.06 9.45 17.86
N THR B 336 6.39 8.58 18.81
CA THR B 336 7.72 8.51 19.37
C THR B 336 8.59 7.45 18.70
N PHE B 337 8.05 6.25 18.46
CA PHE B 337 8.83 5.15 17.93
C PHE B 337 8.53 4.83 16.48
N GLY B 338 7.56 5.50 15.87
CA GLY B 338 7.28 5.25 14.48
C GLY B 338 6.15 4.25 14.30
N HIS B 339 5.60 4.24 13.08
CA HIS B 339 4.48 3.37 12.75
C HIS B 339 4.87 1.89 12.80
N ASP B 340 6.11 1.56 12.41
CA ASP B 340 6.54 0.18 12.37
C ASP B 340 6.61 -0.42 13.78
N ILE B 341 7.15 0.33 14.74
CA ILE B 341 7.18 -0.15 16.12
C ILE B 341 5.76 -0.32 16.64
N GLY B 342 4.86 0.61 16.26
CA GLY B 342 3.45 0.44 16.63
C GLY B 342 2.86 -0.85 16.11
N ASP B 343 3.20 -1.20 14.86
CA ASP B 343 2.77 -2.48 14.31
C ASP B 343 3.34 -3.64 15.12
N GLU B 344 4.61 -3.53 15.53
CA GLU B 344 5.21 -4.57 16.37
C GLU B 344 4.43 -4.71 17.67
N VAL B 345 4.10 -3.59 18.30
CA VAL B 345 3.33 -3.60 19.54
C VAL B 345 2.00 -4.28 19.32
N LEU B 346 1.32 -3.97 18.21
CA LEU B 346 0.04 -4.59 17.90
C LEU B 346 0.17 -6.10 17.75
N ARG B 347 1.20 -6.55 17.01
CA ARG B 347 1.42 -7.98 16.85
C ARG B 347 1.64 -8.67 18.18
N GLU B 348 2.53 -8.12 19.00
CA GLU B 348 2.82 -8.74 20.28
C GLU B 348 1.60 -8.75 21.17
N PHE B 349 0.85 -7.64 21.19
CA PHE B 349 -0.39 -7.59 21.96
C PHE B 349 -1.31 -8.72 21.53
N ALA B 350 -1.44 -8.94 20.22
CA ALA B 350 -2.29 -10.02 19.72
C ALA B 350 -1.82 -11.37 20.26
N LEU B 351 -0.51 -11.63 20.18
CA LEU B 351 0.03 -12.87 20.74
C LEU B 351 -0.31 -13.01 22.23
N ARG B 352 -0.01 -11.99 23.03
CA ARG B 352 -0.27 -12.07 24.47
C ARG B 352 -1.74 -12.33 24.74
N LEU B 353 -2.60 -11.60 24.04
CA LEU B 353 -4.05 -11.75 24.21
C LEU B 353 -4.49 -13.17 23.91
N ALA B 354 -4.12 -13.69 22.73
CA ALA B 354 -4.51 -15.03 22.35
C ALA B 354 -3.97 -16.08 23.32
N SER B 355 -2.75 -15.85 23.84
CA SER B 355 -2.16 -16.82 24.76
C SER B 355 -2.83 -16.82 26.12
N ASN B 356 -3.47 -15.72 26.50
CA ASN B 356 -4.10 -15.64 27.83
C ASN B 356 -5.63 -15.75 27.78
N VAL B 357 -6.20 -16.15 26.64
CA VAL B 357 -7.61 -16.51 26.53
C VAL B 357 -7.68 -17.89 25.89
N ARG B 358 -8.84 -18.53 26.03
CA ARG B 358 -9.01 -19.90 25.55
C ARG B 358 -9.04 -19.93 24.02
N ALA B 359 -8.63 -21.08 23.47
CA ALA B 359 -8.74 -21.25 22.03
C ALA B 359 -10.19 -21.37 21.59
N ILE B 360 -11.10 -21.75 22.50
CA ILE B 360 -12.51 -21.75 22.19
C ILE B 360 -13.04 -20.33 22.11
N ASP B 361 -12.33 -19.37 22.71
CA ASP B 361 -12.68 -17.97 22.58
C ASP B 361 -12.29 -17.43 21.20
N LEU B 362 -12.76 -16.22 20.92
CA LEU B 362 -12.54 -15.55 19.64
C LEU B 362 -11.81 -14.24 19.90
N PRO B 363 -10.48 -14.26 19.95
CA PRO B 363 -9.70 -13.03 19.98
C PRO B 363 -9.53 -12.50 18.56
N CYS B 364 -10.14 -11.35 18.28
CA CYS B 364 -10.14 -10.75 16.96
C CYS B 364 -9.74 -9.29 17.07
N ARG B 365 -9.40 -8.70 15.93
CA ARG B 365 -9.04 -7.30 15.86
C ARG B 365 -10.29 -6.52 15.44
N TYR B 366 -10.88 -5.83 16.41
CA TYR B 366 -12.12 -5.09 16.15
C TYR B 366 -11.85 -3.86 15.30
N GLY B 367 -10.80 -3.11 15.63
CA GLY B 367 -10.45 -1.89 14.93
C GLY B 367 -8.95 -1.82 14.70
N GLY B 368 -8.38 -0.63 14.68
CA GLY B 368 -6.96 -0.50 14.46
C GLY B 368 -6.18 -0.76 15.73
N GLU B 369 -6.60 -0.13 16.82
CA GLU B 369 -5.98 -0.34 18.11
C GLU B 369 -6.91 -1.08 19.07
N GLU B 370 -8.09 -1.48 18.59
CA GLU B 370 -9.11 -2.12 19.41
C GLU B 370 -9.18 -3.61 19.09
N PHE B 371 -9.32 -4.41 20.13
CA PHE B 371 -9.41 -5.86 20.03
C PHE B 371 -10.67 -6.31 20.74
N VAL B 372 -11.22 -7.43 20.29
CA VAL B 372 -12.43 -7.99 20.87
C VAL B 372 -12.16 -9.44 21.23
N VAL B 373 -12.68 -9.88 22.37
CA VAL B 373 -12.61 -11.27 22.79
C VAL B 373 -14.03 -11.73 23.03
N ILE B 374 -14.56 -12.52 22.10
CA ILE B 374 -15.86 -13.16 22.28
C ILE B 374 -15.65 -14.47 23.04
N MET B 375 -16.19 -14.56 24.25
CA MET B 375 -16.03 -15.75 25.08
C MET B 375 -17.34 -16.52 25.12
N PRO B 376 -17.45 -17.66 24.43
CA PRO B 376 -18.69 -18.45 24.47
C PRO B 376 -18.88 -19.09 25.83
N ASP B 377 -20.16 -19.25 26.22
CA ASP B 377 -20.53 -19.87 27.49
C ASP B 377 -19.76 -19.24 28.65
N THR B 378 -19.88 -17.92 28.78
CA THR B 378 -19.20 -17.18 29.82
C THR B 378 -20.15 -16.14 30.44
N ALA B 379 -20.00 -15.92 31.73
CA ALA B 379 -20.86 -15.03 32.49
C ALA B 379 -20.15 -13.70 32.74
N LEU B 380 -20.95 -12.66 33.00
CA LEU B 380 -20.41 -11.31 33.15
C LEU B 380 -19.37 -11.24 34.25
N ALA B 381 -19.65 -11.87 35.40
CA ALA B 381 -18.71 -11.84 36.51
C ALA B 381 -17.38 -12.47 36.11
N ASP B 382 -17.44 -13.68 35.57
CA ASP B 382 -16.23 -14.36 35.11
C ASP B 382 -15.54 -13.55 34.02
N ALA B 383 -16.32 -12.94 33.12
CA ALA B 383 -15.75 -12.10 32.07
C ALA B 383 -14.96 -10.93 32.66
N LEU B 384 -15.50 -10.29 33.69
CA LEU B 384 -14.78 -9.20 34.34
C LEU B 384 -13.48 -9.70 34.95
N ARG B 385 -13.50 -10.89 35.56
CA ARG B 385 -12.27 -11.44 36.13
C ARG B 385 -11.25 -11.75 35.04
N ILE B 386 -11.72 -12.29 33.90
CA ILE B 386 -10.83 -12.55 32.76
C ILE B 386 -10.24 -11.26 32.24
N ALA B 387 -11.06 -10.20 32.16
CA ALA B 387 -10.56 -8.90 31.71
C ALA B 387 -9.48 -8.40 32.63
N GLU B 388 -9.66 -8.56 33.95
CA GLU B 388 -8.61 -8.17 34.88
C GLU B 388 -7.34 -8.98 34.67
N ARG B 389 -7.48 -10.29 34.40
CA ARG B 389 -6.30 -11.12 34.10
C ARG B 389 -5.55 -10.56 32.89
N ILE B 390 -6.28 -10.30 31.81
CA ILE B 390 -5.68 -9.78 30.58
C ILE B 390 -4.99 -8.45 30.85
N ARG B 391 -5.68 -7.54 31.55
CA ARG B 391 -5.11 -6.24 31.88
C ARG B 391 -3.79 -6.40 32.62
N MET B 392 -3.76 -7.26 33.64
CA MET B 392 -2.53 -7.45 34.40
C MET B 392 -1.42 -8.02 33.52
N HIS B 393 -1.74 -8.95 32.63
CA HIS B 393 -0.72 -9.54 31.78
C HIS B 393 -0.15 -8.52 30.79
N VAL B 394 -1.00 -7.66 30.23
CA VAL B 394 -0.52 -6.69 29.25
C VAL B 394 0.22 -5.54 29.94
N SER B 395 -0.34 -5.01 31.03
CA SER B 395 0.27 -3.86 31.69
C SER B 395 1.54 -4.26 32.45
N GLY B 396 1.55 -5.45 33.05
CA GLY B 396 2.68 -5.88 33.85
C GLY B 396 3.98 -6.03 33.09
N SER B 397 3.98 -6.82 32.03
CA SER B 397 5.23 -7.10 31.34
C SER B 397 5.47 -6.05 30.26
N PRO B 398 6.68 -5.50 30.15
CA PRO B 398 6.97 -4.55 29.08
C PRO B 398 7.04 -5.23 27.73
N PHE B 399 6.84 -4.42 26.69
CA PHE B 399 6.91 -4.84 25.29
C PHE B 399 8.28 -4.43 24.75
N THR B 400 9.06 -5.41 24.32
CA THR B 400 10.39 -5.12 23.79
C THR B 400 10.30 -4.99 22.27
N VAL B 401 10.80 -3.88 21.75
CA VAL B 401 10.72 -3.53 20.35
C VAL B 401 12.08 -3.02 19.89
N ALA B 402 12.15 -2.66 18.61
CA ALA B 402 13.37 -2.20 17.96
C ALA B 402 14.43 -3.30 18.00
N HIS B 403 13.98 -4.55 17.80
CA HIS B 403 14.85 -5.73 17.84
C HIS B 403 15.66 -5.76 19.14
N GLY B 404 14.99 -5.47 20.26
CA GLY B 404 15.64 -5.45 21.56
C GLY B 404 16.24 -4.11 21.95
N ARG B 405 16.30 -3.15 21.02
CA ARG B 405 16.93 -1.87 21.30
C ARG B 405 16.14 -1.01 22.28
N GLU B 406 14.81 -1.16 22.33
CA GLU B 406 13.99 -0.31 23.19
C GLU B 406 12.86 -1.13 23.81
N MET B 407 12.36 -0.64 24.95
CA MET B 407 11.26 -1.28 25.65
C MET B 407 10.20 -0.26 26.06
N LEU B 408 8.94 -0.64 25.92
CA LEU B 408 7.80 0.25 26.11
C LEU B 408 6.74 -0.42 26.95
N ASN B 409 6.08 0.35 27.81
CA ASN B 409 5.02 -0.16 28.68
C ASN B 409 3.66 0.27 28.12
N VAL B 410 2.72 -0.67 28.06
CA VAL B 410 1.41 -0.44 27.46
C VAL B 410 0.32 -0.66 28.50
N THR B 411 -0.70 0.21 28.48
CA THR B 411 -1.91 0.07 29.28
C THR B 411 -3.11 -0.06 28.34
N ILE B 412 -4.16 -0.69 28.83
CA ILE B 412 -5.36 -0.94 28.03
C ILE B 412 -6.59 -0.65 28.87
N SER B 413 -7.64 -0.15 28.21
CA SER B 413 -8.95 0.03 28.83
C SER B 413 -9.92 -0.99 28.26
N ILE B 414 -10.65 -1.68 29.15
CA ILE B 414 -11.48 -2.80 28.76
C ILE B 414 -12.94 -2.52 29.13
N GLY B 415 -13.84 -2.92 28.23
CA GLY B 415 -15.27 -2.88 28.43
C GLY B 415 -15.87 -4.26 28.32
N VAL B 416 -16.64 -4.67 29.33
CA VAL B 416 -17.16 -6.02 29.44
C VAL B 416 -18.67 -6.01 29.24
N SER B 417 -19.18 -7.03 28.54
CA SER B 417 -20.61 -7.15 28.32
C SER B 417 -20.96 -8.63 28.23
N ALA B 418 -22.22 -8.96 28.48
CA ALA B 418 -22.65 -10.36 28.37
C ALA B 418 -24.07 -10.42 27.82
N THR B 419 -24.33 -11.45 27.01
CA THR B 419 -25.66 -11.69 26.47
C THR B 419 -26.55 -12.28 27.55
N ALA B 420 -26.91 -11.48 28.56
CA ALA B 420 -27.73 -11.99 29.63
C ALA B 420 -29.21 -11.71 29.33
N GLY B 421 -30.04 -12.69 29.64
CA GLY B 421 -31.46 -12.69 29.29
C GLY B 421 -31.69 -12.97 27.81
N GLU B 422 -32.97 -13.08 27.46
CA GLU B 422 -33.41 -13.44 26.11
C GLU B 422 -33.51 -12.20 25.21
N GLY B 423 -33.61 -12.46 23.90
CA GLY B 423 -33.80 -11.45 22.89
C GLY B 423 -32.63 -10.52 22.61
N ASP B 424 -31.48 -10.72 23.28
CA ASP B 424 -30.32 -9.87 23.05
C ASP B 424 -29.79 -10.06 21.63
N THR B 425 -29.10 -9.05 21.12
CA THR B 425 -28.58 -9.06 19.76
C THR B 425 -27.08 -8.78 19.77
N PRO B 426 -26.30 -9.34 18.80
CA PRO B 426 -24.86 -9.03 18.74
C PRO B 426 -24.53 -7.55 18.89
N GLU B 427 -25.29 -6.72 18.18
CA GLU B 427 -25.07 -5.28 18.21
C GLU B 427 -25.20 -4.71 19.61
N ALA B 428 -26.24 -5.12 20.35
CA ALA B 428 -26.42 -4.61 21.70
C ALA B 428 -25.27 -5.01 22.61
N LEU B 429 -24.81 -6.25 22.49
CA LEU B 429 -23.68 -6.72 23.29
C LEU B 429 -22.43 -5.88 23.03
N LEU B 430 -22.10 -5.68 21.75
CA LEU B 430 -20.94 -4.87 21.41
C LEU B 430 -21.12 -3.42 21.86
N LYS B 431 -22.35 -2.92 21.75
CA LYS B 431 -22.64 -1.55 22.16
C LYS B 431 -22.38 -1.36 23.65
N ARG B 432 -22.86 -2.29 24.47
CA ARG B 432 -22.62 -2.20 25.91
C ARG B 432 -21.13 -2.27 26.21
N ALA B 433 -20.39 -3.13 25.49
CA ALA B 433 -18.95 -3.18 25.70
C ALA B 433 -18.29 -1.85 25.33
N ASP B 434 -18.73 -1.22 24.23
CA ASP B 434 -18.21 0.08 23.85
C ASP B 434 -18.46 1.12 24.94
N GLU B 435 -19.67 1.14 25.50
CA GLU B 435 -19.95 2.05 26.61
C GLU B 435 -18.97 1.81 27.75
N GLY B 436 -18.68 0.55 28.03
CA GLY B 436 -17.70 0.25 29.06
C GLY B 436 -16.33 0.83 28.74
N VAL B 437 -15.90 0.72 27.48
CA VAL B 437 -14.60 1.26 27.08
C VAL B 437 -14.55 2.77 27.27
N TYR B 438 -15.59 3.46 26.80
CA TYR B 438 -15.65 4.91 26.96
C TYR B 438 -15.53 5.29 28.42
N GLN B 439 -16.35 4.65 29.28
CA GLN B 439 -16.35 4.99 30.69
C GLN B 439 -14.98 4.70 31.33
N ALA B 440 -14.34 3.60 30.95
CA ALA B 440 -13.03 3.29 31.51
C ALA B 440 -11.99 4.32 31.08
N LYS B 441 -12.09 4.82 29.85
CA LYS B 441 -11.17 5.85 29.38
C LYS B 441 -11.42 7.18 30.08
N ALA B 442 -12.68 7.50 30.36
CA ALA B 442 -12.97 8.72 31.12
C ALA B 442 -12.49 8.60 32.57
N SER B 443 -12.84 7.50 33.23
CA SER B 443 -12.47 7.25 34.63
C SER B 443 -11.02 6.78 34.70
N GLY B 444 -10.11 7.70 34.36
CA GLY B 444 -8.70 7.34 34.29
C GLY B 444 -8.42 6.44 33.10
N ARG B 445 -7.45 5.55 33.26
CA ARG B 445 -7.13 4.54 32.26
C ARG B 445 -6.81 3.25 33.00
N ASN B 446 -6.16 2.32 32.31
CA ASN B 446 -5.73 1.04 32.88
C ASN B 446 -6.82 0.43 33.78
N ALA B 447 -7.99 0.26 33.20
CA ALA B 447 -9.15 -0.12 33.99
C ALA B 447 -10.10 -0.97 33.15
N VAL B 448 -10.97 -1.70 33.86
CA VAL B 448 -12.00 -2.53 33.27
C VAL B 448 -13.34 -2.02 33.79
N VAL B 449 -14.31 -1.86 32.88
CA VAL B 449 -15.65 -1.40 33.23
C VAL B 449 -16.67 -2.34 32.60
N GLY B 450 -17.64 -2.76 33.39
CA GLY B 450 -18.70 -3.65 32.92
C GLY B 450 -20.03 -2.94 32.78
N LYS B 451 -20.72 -3.22 31.68
CA LYS B 451 -22.09 -2.73 31.50
C LYS B 451 -23.07 -3.89 31.21
N SER C 1 18.47 35.69 18.19
CA SER C 1 19.12 35.61 16.89
C SER C 1 20.10 34.45 16.84
N ALA C 2 21.15 34.58 16.03
CA ALA C 2 22.24 33.62 15.97
C ALA C 2 23.26 33.89 17.05
N ARG C 3 23.66 32.84 17.76
CA ARG C 3 24.57 32.96 18.89
C ARG C 3 26.00 32.68 18.41
N ILE C 4 26.90 33.64 18.60
CA ILE C 4 28.28 33.55 18.15
C ILE C 4 29.18 33.56 19.39
N LEU C 5 30.17 32.67 19.41
CA LEU C 5 31.20 32.66 20.45
C LEU C 5 32.51 33.17 19.85
N VAL C 6 33.00 34.28 20.38
CA VAL C 6 34.25 34.88 19.94
C VAL C 6 35.33 34.54 20.97
N VAL C 7 36.42 33.93 20.51
CA VAL C 7 37.51 33.49 21.40
C VAL C 7 38.81 34.16 20.95
N ASP C 8 39.38 35.01 21.81
CA ASP C 8 40.68 35.63 21.57
C ASP C 8 41.19 36.22 22.87
N ASP C 9 42.52 36.28 23.01
CA ASP C 9 43.14 36.81 24.24
C ASP C 9 43.10 38.34 24.30
N ILE C 10 43.32 39.02 23.17
CA ILE C 10 43.40 40.47 23.16
C ILE C 10 42.01 41.07 23.41
N GLU C 11 41.90 41.87 24.48
CA GLU C 11 40.63 42.46 24.86
C GLU C 11 40.06 43.34 23.75
N ALA C 12 40.91 44.19 23.17
CA ALA C 12 40.45 45.10 22.12
C ALA C 12 39.84 44.35 20.94
N ASN C 13 40.51 43.29 20.49
CA ASN C 13 40.00 42.51 19.36
C ASN C 13 38.62 41.94 19.66
N VAL C 14 38.49 41.30 20.82
CA VAL C 14 37.22 40.70 21.22
C VAL C 14 36.13 41.75 21.28
N ARG C 15 36.42 42.89 21.91
CA ARG C 15 35.41 43.93 22.11
C ARG C 15 34.95 44.52 20.78
N LEU C 16 35.90 44.84 19.89
CA LEU C 16 35.52 45.39 18.59
C LEU C 16 34.69 44.40 17.78
N LEU C 17 35.11 43.13 17.75
CA LEU C 17 34.37 42.11 17.01
C LEU C 17 32.95 41.96 17.57
N GLU C 18 32.84 41.88 18.89
CA GLU C 18 31.52 41.80 19.52
C GLU C 18 30.66 42.99 19.14
N ALA C 19 31.25 44.20 19.16
CA ALA C 19 30.49 45.40 18.82
C ALA C 19 29.90 45.29 17.41
N LYS C 20 30.74 44.96 16.42
CA LYS C 20 30.24 44.85 15.05
C LYS C 20 29.14 43.81 14.95
N LEU C 21 29.35 42.63 15.55
CA LEU C 21 28.37 41.56 15.42
C LEU C 21 27.06 41.93 16.09
N THR C 22 27.10 42.48 17.31
CA THR C 22 25.88 42.85 18.00
C THR C 22 25.14 43.96 17.24
N ALA C 23 25.89 44.90 16.64
CA ALA C 23 25.24 45.91 15.81
C ALA C 23 24.54 45.27 14.63
N GLU C 24 25.02 44.11 14.18
CA GLU C 24 24.32 43.35 13.15
C GLU C 24 23.34 42.33 13.72
N TYR C 25 22.81 42.59 14.92
CA TYR C 25 21.76 41.77 15.54
C TYR C 25 22.20 40.31 15.75
N TYR C 26 23.34 40.14 16.41
CA TYR C 26 23.88 38.82 16.72
C TYR C 26 24.13 38.73 18.22
N GLU C 27 23.82 37.57 18.80
CA GLU C 27 24.12 37.33 20.20
C GLU C 27 25.55 36.83 20.33
N VAL C 28 26.39 37.60 21.02
CA VAL C 28 27.82 37.34 21.05
C VAL C 28 28.23 36.92 22.46
N SER C 29 28.91 35.77 22.54
CA SER C 29 29.57 35.30 23.74
C SER C 29 31.07 35.45 23.56
N THR C 30 31.78 35.70 24.67
CA THR C 30 33.21 35.96 24.61
C THR C 30 33.95 35.03 25.56
N ALA C 31 35.12 34.57 25.13
CA ALA C 31 36.03 33.79 25.94
C ALA C 31 37.45 34.26 25.62
N MET C 32 38.31 34.32 26.62
CA MET C 32 39.65 34.84 26.38
C MET C 32 40.74 33.79 26.49
N ASP C 33 40.39 32.54 26.79
CA ASP C 33 41.33 31.43 26.81
C ASP C 33 40.65 30.20 26.25
N GLY C 34 41.45 29.32 25.64
CA GLY C 34 40.96 28.11 25.04
C GLY C 34 40.08 27.22 25.93
N PRO C 35 40.59 26.84 27.10
CA PRO C 35 39.77 25.98 28.00
C PRO C 35 38.39 26.55 28.31
N THR C 36 38.34 27.84 28.67
CA THR C 36 37.06 28.50 28.92
C THR C 36 36.16 28.41 27.70
N ALA C 37 36.73 28.64 26.51
CA ALA C 37 35.96 28.54 25.27
C ALA C 37 35.35 27.15 25.11
N LEU C 38 36.14 26.11 25.32
CA LEU C 38 35.62 24.75 25.20
C LEU C 38 34.47 24.51 26.19
N ALA C 39 34.65 24.98 27.42
CA ALA C 39 33.60 24.80 28.42
C ALA C 39 32.32 25.54 28.02
N MET C 40 32.46 26.82 27.68
CA MET C 40 31.32 27.63 27.27
C MET C 40 30.64 27.05 26.03
N ALA C 41 31.42 26.51 25.09
CA ALA C 41 30.82 25.93 23.90
C ALA C 41 30.02 24.70 24.24
N ALA C 42 30.54 23.85 25.13
CA ALA C 42 29.80 22.65 25.52
C ALA C 42 28.55 23.00 26.32
N ARG C 43 28.56 24.12 27.05
CA ARG C 43 27.39 24.48 27.84
C ARG C 43 26.36 25.24 27.02
N ASP C 44 26.76 26.31 26.31
CA ASP C 44 25.83 27.15 25.56
C ASP C 44 25.50 26.60 24.18
N LEU C 45 26.29 25.67 23.65
CA LEU C 45 26.14 25.13 22.31
C LEU C 45 25.86 26.24 21.30
N PRO C 46 26.85 27.10 21.01
CA PRO C 46 26.59 28.24 20.10
C PRO C 46 26.31 27.80 18.67
N ASP C 47 26.04 28.77 17.80
CA ASP C 47 25.80 28.48 16.39
C ASP C 47 27.06 28.60 15.55
N ILE C 48 27.92 29.54 15.88
CA ILE C 48 29.20 29.74 15.20
C ILE C 48 30.24 30.10 16.25
N ILE C 49 31.46 29.61 16.06
CA ILE C 49 32.60 29.94 16.92
C ILE C 49 33.66 30.64 16.07
N LEU C 50 34.00 31.86 16.46
CA LEU C 50 35.05 32.65 15.83
C LEU C 50 36.30 32.52 16.70
N LEU C 51 37.35 31.90 16.17
CA LEU C 51 38.50 31.52 16.99
C LEU C 51 39.80 32.03 16.39
N ASP C 52 40.64 32.66 17.22
CA ASP C 52 41.96 33.15 16.80
C ASP C 52 43.00 32.05 16.94
N VAL C 53 43.83 31.87 15.90
CA VAL C 53 44.82 30.79 15.91
C VAL C 53 45.93 31.06 16.91
N MET C 54 46.31 32.34 17.07
CA MET C 54 47.41 32.72 17.96
C MET C 54 46.81 33.01 19.33
N MET C 55 46.86 32.02 20.22
CA MET C 55 46.34 32.16 21.58
C MET C 55 47.33 31.54 22.55
N PRO C 56 47.71 32.26 23.61
CA PRO C 56 48.66 31.69 24.58
C PRO C 56 48.10 30.44 25.23
N GLY C 57 48.98 29.49 25.49
CA GLY C 57 48.55 28.22 26.08
C GLY C 57 48.03 27.29 25.02
N MET C 58 46.78 26.86 25.19
CA MET C 58 46.08 26.05 24.20
C MET C 58 45.91 26.87 22.92
N ASP C 59 46.57 26.44 21.84
CA ASP C 59 46.44 27.12 20.56
C ASP C 59 45.08 26.86 19.93
N GLY C 60 44.68 27.77 19.04
CA GLY C 60 43.39 27.65 18.38
C GLY C 60 43.22 26.32 17.67
N PHE C 61 44.30 25.78 17.09
CA PHE C 61 44.22 24.49 16.42
C PHE C 61 43.79 23.39 17.40
N THR C 62 44.37 23.40 18.60
CA THR C 62 43.99 22.42 19.61
C THR C 62 42.54 22.59 20.02
N VAL C 63 42.09 23.82 20.21
CA VAL C 63 40.69 24.08 20.57
C VAL C 63 39.76 23.53 19.49
N CYS C 64 40.08 23.80 18.23
CA CYS C 64 39.29 23.29 17.12
C CYS C 64 39.22 21.76 17.15
N ARG C 65 40.38 21.10 17.33
CA ARG C 65 40.41 19.64 17.39
C ARG C 65 39.55 19.11 18.53
N LYS C 66 39.68 19.72 19.72
CA LYS C 66 38.89 19.28 20.87
C LYS C 66 37.40 19.50 20.65
N LEU C 67 37.03 20.62 20.04
CA LEU C 67 35.63 20.87 19.70
C LEU C 67 35.10 19.80 18.75
N LYS C 68 35.94 19.36 17.81
CA LYS C 68 35.54 18.32 16.86
C LYS C 68 35.64 16.92 17.45
N ASP C 69 36.25 16.75 18.64
CA ASP C 69 36.26 15.46 19.32
C ASP C 69 35.05 15.29 20.24
N ASP C 70 34.60 16.38 20.86
CA ASP C 70 33.39 16.35 21.66
C ASP C 70 32.19 16.15 20.76
N PRO C 71 31.40 15.08 20.91
CA PRO C 71 30.26 14.88 20.02
C PRO C 71 29.14 15.89 20.22
N THR C 72 29.20 16.69 21.28
CA THR C 72 28.16 17.67 21.56
C THR C 72 28.45 19.01 20.91
N THR C 73 29.69 19.24 20.49
CA THR C 73 30.11 20.49 19.86
C THR C 73 30.68 20.27 18.46
N ARG C 74 30.71 19.02 17.98
CA ARG C 74 31.31 18.74 16.67
C ARG C 74 30.58 19.45 15.55
N HIS C 75 29.26 19.59 15.68
CA HIS C 75 28.45 20.19 14.63
C HIS C 75 28.70 21.70 14.49
N ILE C 76 29.05 22.38 15.58
CA ILE C 76 29.19 23.84 15.58
C ILE C 76 30.30 24.26 14.63
N PRO C 77 29.98 25.03 13.58
CA PRO C 77 31.02 25.53 12.66
C PRO C 77 32.01 26.43 13.37
N VAL C 78 33.29 26.27 13.03
CA VAL C 78 34.39 27.02 13.64
C VAL C 78 35.11 27.80 12.54
N VAL C 79 35.26 29.11 12.76
CA VAL C 79 36.00 29.99 11.85
C VAL C 79 37.29 30.42 12.52
N LEU C 80 38.41 30.20 11.85
CA LEU C 80 39.74 30.53 12.37
C LEU C 80 40.19 31.87 11.81
N ILE C 81 40.51 32.81 12.68
CA ILE C 81 41.02 34.11 12.27
C ILE C 81 42.54 34.04 12.16
N THR C 82 43.04 34.12 10.94
CA THR C 82 44.47 34.05 10.62
C THR C 82 44.92 35.41 10.08
N ALA C 83 46.18 35.47 9.68
CA ALA C 83 46.68 36.66 9.01
C ALA C 83 46.70 36.39 7.51
N LEU C 84 46.98 37.43 6.72
CA LEU C 84 46.97 37.25 5.27
C LEU C 84 48.00 36.21 4.86
N ASP C 85 49.18 36.25 5.48
CA ASP C 85 50.22 35.26 5.24
C ASP C 85 50.09 34.11 6.24
N GLY C 86 48.92 33.48 6.25
CA GLY C 86 48.62 32.41 7.17
C GLY C 86 48.35 31.13 6.41
N ARG C 87 49.06 30.94 5.29
CA ARG C 87 48.83 29.74 4.48
C ARG C 87 49.10 28.50 5.32
N GLY C 88 50.19 28.52 6.09
CA GLY C 88 50.41 27.44 7.03
C GLY C 88 49.30 27.33 8.06
N ASP C 89 48.85 28.46 8.60
CA ASP C 89 47.73 28.45 9.52
C ASP C 89 46.49 27.87 8.87
N ARG C 90 46.22 28.23 7.61
CA ARG C 90 45.04 27.71 6.93
C ARG C 90 45.15 26.20 6.67
N ILE C 91 46.33 25.72 6.24
CA ILE C 91 46.50 24.29 6.03
C ILE C 91 46.29 23.52 7.33
N GLN C 92 46.94 23.97 8.40
CA GLN C 92 46.80 23.31 9.69
C GLN C 92 45.38 23.43 10.22
N GLY C 93 44.72 24.57 10.00
CA GLY C 93 43.36 24.74 10.46
C GLY C 93 42.39 23.82 9.76
N LEU C 94 42.53 23.67 8.44
CA LEU C 94 41.72 22.72 7.71
C LEU C 94 41.94 21.31 8.23
N GLU C 95 43.21 20.96 8.50
CA GLU C 95 43.49 19.66 9.07
C GLU C 95 42.90 19.49 10.47
N SER C 96 42.74 20.59 11.21
CA SER C 96 42.16 20.54 12.55
C SER C 96 40.64 20.46 12.53
N GLY C 97 40.01 20.84 11.43
CA GLY C 97 38.57 20.78 11.30
C GLY C 97 37.87 22.13 11.18
N ALA C 98 38.60 23.19 10.85
CA ALA C 98 37.98 24.50 10.69
C ALA C 98 37.05 24.50 9.49
N SER C 99 35.90 25.17 9.63
CA SER C 99 34.96 25.24 8.52
C SER C 99 35.41 26.26 7.47
N ASP C 100 35.85 27.44 7.90
CA ASP C 100 36.34 28.47 7.01
C ASP C 100 37.29 29.37 7.79
N PHE C 101 37.76 30.43 7.13
CA PHE C 101 38.77 31.31 7.69
C PHE C 101 38.41 32.78 7.48
N LEU C 102 38.94 33.62 8.36
CA LEU C 102 38.87 35.07 8.22
C LEU C 102 40.28 35.62 8.34
N THR C 103 40.62 36.53 7.44
CA THR C 103 41.97 37.10 7.40
C THR C 103 42.03 38.44 8.12
N LYS C 104 43.20 38.70 8.82
CA LYS C 104 43.40 39.98 9.48
C LYS C 104 44.29 40.85 8.61
N PRO C 105 43.90 42.10 8.35
CA PRO C 105 42.82 42.86 9.00
C PRO C 105 41.44 42.39 8.54
N ILE C 106 40.48 42.31 9.46
CA ILE C 106 39.17 41.74 9.16
C ILE C 106 38.36 42.78 8.41
N ASP C 107 37.89 42.43 7.22
CA ASP C 107 37.01 43.29 6.45
C ASP C 107 35.58 42.98 6.86
N ASP C 108 34.87 44.02 7.30
CA ASP C 108 33.49 43.85 7.76
C ASP C 108 32.66 43.11 6.73
N VAL C 109 32.85 43.44 5.45
CA VAL C 109 32.12 42.77 4.39
C VAL C 109 32.35 41.26 4.45
N MET C 110 33.61 40.84 4.47
CA MET C 110 33.93 39.41 4.52
C MET C 110 33.47 38.78 5.82
N LEU C 111 33.61 39.50 6.94
CA LEU C 111 33.16 38.97 8.22
C LEU C 111 31.68 38.60 8.16
N PHE C 112 30.85 39.54 7.72
CA PHE C 112 29.41 39.27 7.69
C PHE C 112 29.04 38.26 6.61
N ALA C 113 29.78 38.22 5.51
CA ALA C 113 29.54 37.19 4.51
C ALA C 113 29.73 35.80 5.11
N ARG C 114 30.87 35.58 5.79
CA ARG C 114 31.11 34.28 6.41
C ARG C 114 30.04 33.96 7.45
N VAL C 115 29.76 34.91 8.33
CA VAL C 115 28.81 34.65 9.41
C VAL C 115 27.45 34.27 8.84
N ARG C 116 26.97 35.02 7.84
CA ARG C 116 25.68 34.69 7.23
C ARG C 116 25.68 33.29 6.62
N SER C 117 26.69 32.97 5.79
CA SER C 117 26.70 31.67 5.13
C SER C 117 26.73 30.53 6.17
N LEU C 118 27.58 30.66 7.17
CA LEU C 118 27.72 29.57 8.13
C LEU C 118 26.56 29.48 9.11
N THR C 119 25.91 30.59 9.44
CA THR C 119 24.68 30.50 10.25
C THR C 119 23.57 29.80 9.48
N ARG C 120 23.46 30.08 8.16
CA ARG C 120 22.48 29.37 7.35
C ARG C 120 22.79 27.88 7.32
N PHE C 121 24.07 27.55 7.13
CA PHE C 121 24.47 26.16 7.18
C PHE C 121 24.12 25.54 8.52
N LYS C 122 24.32 26.28 9.62
CA LYS C 122 23.97 25.78 10.96
C LYS C 122 22.49 25.46 11.06
N LEU C 123 21.64 26.26 10.42
CA LEU C 123 20.22 25.94 10.38
C LEU C 123 20.00 24.56 9.76
N VAL C 124 20.60 24.32 8.59
CA VAL C 124 20.42 23.04 7.92
C VAL C 124 21.01 21.90 8.74
N ILE C 125 22.17 22.15 9.37
CA ILE C 125 22.84 21.17 10.20
C ILE C 125 21.93 20.74 11.34
N ASP C 126 21.37 21.72 12.06
CA ASP C 126 20.51 21.41 13.19
C ASP C 126 19.29 20.61 12.78
N GLU C 127 18.68 20.98 11.65
CA GLU C 127 17.52 20.21 11.19
C GLU C 127 17.90 18.76 10.90
N LEU C 128 19.00 18.55 10.19
CA LEU C 128 19.42 17.18 9.88
C LEU C 128 19.71 16.38 11.14
N ARG C 129 20.42 16.99 12.10
CA ARG C 129 20.73 16.28 13.33
C ARG C 129 19.46 15.89 14.08
N GLN C 130 18.51 16.81 14.18
CA GLN C 130 17.26 16.53 14.87
C GLN C 130 16.51 15.38 14.20
N ARG C 131 16.41 15.43 12.86
CA ARG C 131 15.72 14.35 12.15
C ARG C 131 16.43 13.01 12.37
N GLU C 132 17.75 13.02 12.37
CA GLU C 132 18.52 11.81 12.66
C GLU C 132 18.16 11.26 14.04
N ALA C 133 18.09 12.14 15.05
CA ALA C 133 17.73 11.70 16.40
C ALA C 133 16.35 11.06 16.44
N SER C 134 15.38 11.69 15.79
CA SER C 134 14.03 11.12 15.72
C SER C 134 14.07 9.72 15.13
N GLY C 135 14.75 9.56 13.99
CA GLY C 135 14.91 8.22 13.42
C GLY C 135 15.67 7.28 14.34
N ARG C 136 16.55 7.83 15.18
CA ARG C 136 17.24 7.02 16.18
C ARG C 136 16.26 6.33 17.10
N ARG C 137 15.28 7.08 17.63
CA ARG C 137 14.27 6.40 18.44
C ARG C 137 13.37 5.48 17.60
N MET C 138 13.34 5.67 16.27
CA MET C 138 12.56 4.84 15.36
C MET C 138 13.42 3.80 14.65
N GLY C 139 14.57 3.45 15.20
CA GLY C 139 15.46 2.49 14.60
C GLY C 139 16.87 3.03 14.48
N ALA C 145 23.01 6.18 3.22
CA ALA C 145 23.54 5.74 1.93
C ALA C 145 23.63 6.89 0.94
N ALA C 146 23.63 8.11 1.47
CA ALA C 146 23.70 9.32 0.67
C ALA C 146 24.99 10.07 0.96
N ARG C 147 25.58 10.67 -0.07
CA ARG C 147 26.81 11.45 0.12
C ARG C 147 26.48 12.72 0.89
N LEU C 148 27.00 12.83 2.11
CA LEU C 148 26.75 13.99 2.95
C LEU C 148 28.03 14.75 3.28
N ASP C 149 29.09 14.57 2.50
CA ASP C 149 30.31 15.34 2.66
C ASP C 149 30.23 16.56 1.74
N GLY C 150 31.33 17.29 1.61
CA GLY C 150 31.38 18.42 0.70
C GLY C 150 32.34 18.19 -0.45
N LEU C 151 32.61 16.93 -0.77
CA LEU C 151 33.64 16.59 -1.75
C LEU C 151 33.04 15.83 -2.93
N GLY C 152 33.83 15.76 -4.00
CA GLY C 152 33.45 15.03 -5.20
C GLY C 152 32.31 15.69 -5.96
N GLY C 153 32.30 17.02 -6.02
CA GLY C 153 31.19 17.72 -6.61
C GLY C 153 31.52 18.31 -7.95
N ARG C 154 30.50 18.53 -8.79
CA ARG C 154 30.68 19.16 -10.10
C ARG C 154 30.69 20.67 -9.92
N VAL C 155 31.85 21.29 -10.11
CA VAL C 155 32.01 22.73 -9.92
C VAL C 155 32.19 23.40 -11.27
N LEU C 156 31.31 24.36 -11.58
CA LEU C 156 31.35 25.09 -12.84
C LEU C 156 32.08 26.41 -12.65
N ILE C 157 33.20 26.58 -13.35
CA ILE C 157 34.01 27.80 -13.29
C ILE C 157 33.66 28.64 -14.50
N VAL C 158 33.00 29.77 -14.26
CA VAL C 158 32.62 30.71 -15.31
C VAL C 158 33.57 31.90 -15.23
N ASP C 159 34.62 31.88 -16.06
CA ASP C 159 35.60 32.96 -16.06
C ASP C 159 36.21 33.08 -17.45
N ASP C 160 36.47 34.33 -17.87
CA ASP C 160 37.18 34.56 -19.13
C ASP C 160 38.69 34.54 -18.94
N ASN C 161 39.18 34.79 -17.73
CA ASN C 161 40.61 34.70 -17.45
C ASN C 161 40.99 33.23 -17.48
N GLU C 162 41.55 32.79 -18.60
CA GLU C 162 41.88 31.38 -18.76
C GLU C 162 42.88 30.91 -17.71
N ARG C 163 43.88 31.74 -17.40
CA ARG C 163 44.88 31.37 -16.41
C ARG C 163 44.23 31.14 -15.04
N GLN C 164 43.38 32.08 -14.62
CA GLN C 164 42.68 31.93 -13.35
C GLN C 164 41.81 30.68 -13.34
N ALA C 165 41.03 30.47 -14.42
CA ALA C 165 40.17 29.29 -14.51
C ALA C 165 40.98 28.01 -14.41
N GLN C 166 42.10 27.94 -15.14
CA GLN C 166 42.96 26.76 -15.07
C GLN C 166 43.48 26.54 -13.66
N ARG C 167 43.91 27.61 -12.99
CA ARG C 167 44.44 27.48 -11.65
C ARG C 167 43.37 26.95 -10.69
N VAL C 168 42.17 27.53 -10.76
CA VAL C 168 41.08 27.08 -9.90
C VAL C 168 40.73 25.63 -10.16
N ALA C 169 40.67 25.24 -11.44
CA ALA C 169 40.37 23.86 -11.78
C ALA C 169 41.44 22.92 -11.23
N ALA C 170 42.70 23.32 -11.30
CA ALA C 170 43.78 22.51 -10.75
C ALA C 170 43.64 22.35 -9.25
N GLU C 171 43.43 23.47 -8.54
CA GLU C 171 43.29 23.41 -7.09
C GLU C 171 42.07 22.61 -6.69
N LEU C 172 41.03 22.62 -7.50
CA LEU C 172 39.81 21.88 -7.22
C LEU C 172 39.80 20.50 -7.85
N GLY C 173 40.93 20.08 -8.43
CA GLY C 173 40.97 18.85 -9.20
C GLY C 173 41.26 17.63 -8.38
N VAL C 174 41.65 17.81 -7.12
CA VAL C 174 41.98 16.71 -6.24
C VAL C 174 40.79 16.31 -5.39
N GLU C 175 39.98 17.28 -4.99
CA GLU C 175 38.84 17.01 -4.11
C GLU C 175 37.50 17.06 -4.83
N HIS C 176 37.40 17.74 -5.99
CA HIS C 176 36.14 17.86 -6.71
C HIS C 176 36.36 17.59 -8.20
N ARG C 177 35.27 17.65 -8.97
CA ARG C 177 35.30 17.47 -10.42
C ARG C 177 34.94 18.79 -11.09
N PRO C 178 35.93 19.57 -11.50
CA PRO C 178 35.68 20.90 -12.05
C PRO C 178 35.52 20.90 -13.56
N VAL C 179 34.65 21.80 -14.03
CA VAL C 179 34.38 22.02 -15.46
C VAL C 179 34.43 23.52 -15.71
N ILE C 180 35.08 23.94 -16.79
CA ILE C 180 35.29 25.35 -17.11
C ILE C 180 34.46 25.74 -18.32
N GLU C 181 33.76 26.86 -18.21
CA GLU C 181 33.00 27.43 -19.31
C GLU C 181 33.28 28.92 -19.38
N SER C 182 33.61 29.41 -20.57
CA SER C 182 33.89 30.82 -20.77
C SER C 182 32.73 31.58 -21.38
N ASP C 183 31.86 30.90 -22.13
CA ASP C 183 30.70 31.57 -22.71
C ASP C 183 29.56 31.59 -21.69
N PRO C 184 29.08 32.77 -21.28
CA PRO C 184 28.01 32.83 -20.27
C PRO C 184 26.74 32.08 -20.64
N GLU C 185 26.33 32.08 -21.90
CA GLU C 185 25.08 31.41 -22.29
C GLU C 185 25.20 29.89 -22.14
N LYS C 186 26.28 29.31 -22.67
CA LYS C 186 26.53 27.88 -22.47
C LYS C 186 26.57 27.54 -20.99
N ALA C 187 27.21 28.41 -20.20
CA ALA C 187 27.27 28.21 -18.76
C ALA C 187 25.90 28.23 -18.12
N LYS C 188 25.00 29.10 -18.61
CA LYS C 188 23.63 29.12 -18.08
C LYS C 188 22.95 27.78 -18.33
N ILE C 189 23.05 27.28 -19.56
CA ILE C 189 22.45 25.98 -19.88
C ILE C 189 23.02 24.90 -18.97
N SER C 190 24.35 24.85 -18.84
CA SER C 190 24.96 23.83 -17.98
C SER C 190 24.51 23.99 -16.53
N ALA C 191 24.43 25.24 -16.04
CA ALA C 191 24.03 25.48 -14.66
C ALA C 191 22.62 24.98 -14.40
N GLY C 192 21.80 24.88 -15.44
CA GLY C 192 20.50 24.25 -15.20
C GLY C 192 20.55 22.75 -14.97
N GLY C 193 21.70 22.12 -15.15
CA GLY C 193 21.82 20.69 -15.00
C GLY C 193 22.32 20.23 -13.63
N PRO C 194 22.99 19.07 -13.59
CA PRO C 194 23.52 18.53 -12.31
C PRO C 194 24.80 19.20 -11.87
N VAL C 195 24.68 20.49 -11.52
CA VAL C 195 25.81 21.28 -11.05
C VAL C 195 25.63 21.54 -9.57
N ASP C 196 26.71 21.40 -8.81
CA ASP C 196 26.68 21.54 -7.37
C ASP C 196 27.11 22.91 -6.89
N LEU C 197 27.98 23.59 -7.63
CA LEU C 197 28.46 24.92 -7.27
C LEU C 197 28.94 25.61 -8.53
N VAL C 198 28.65 26.90 -8.63
CA VAL C 198 29.13 27.75 -9.71
C VAL C 198 30.05 28.79 -9.11
N ILE C 199 31.26 28.89 -9.63
CA ILE C 199 32.21 29.93 -9.26
C ILE C 199 32.30 30.89 -10.43
N VAL C 200 31.88 32.13 -10.22
CA VAL C 200 31.84 33.13 -11.27
C VAL C 200 32.81 34.25 -10.90
N ASN C 201 33.47 34.82 -11.91
CA ASN C 201 34.37 35.96 -11.74
C ASN C 201 33.60 37.25 -11.93
N ALA C 202 33.40 37.99 -10.83
CA ALA C 202 32.77 39.30 -10.94
C ALA C 202 33.60 40.28 -11.75
N ALA C 203 34.92 40.07 -11.81
CA ALA C 203 35.82 40.96 -12.54
C ALA C 203 36.08 40.48 -13.96
N ALA C 204 35.14 39.77 -14.57
CA ALA C 204 35.29 39.36 -15.96
C ALA C 204 35.24 40.57 -16.89
N LYS C 205 35.96 40.48 -18.00
CA LYS C 205 36.07 41.59 -18.94
C LYS C 205 35.20 41.41 -20.19
N ASN C 206 34.79 40.18 -20.48
CA ASN C 206 33.96 39.88 -21.64
C ASN C 206 32.51 39.59 -21.27
N PHE C 207 32.18 39.57 -19.98
CA PHE C 207 30.80 39.42 -19.54
C PHE C 207 30.70 39.96 -18.13
N ASP C 208 29.49 40.36 -17.75
CA ASP C 208 29.21 40.88 -16.42
C ASP C 208 28.84 39.68 -15.55
N GLY C 209 29.78 39.26 -14.70
CA GLY C 209 29.52 38.12 -13.84
C GLY C 209 28.33 38.34 -12.92
N LEU C 210 28.14 39.58 -12.47
CA LEU C 210 27.01 39.88 -11.62
C LEU C 210 25.69 39.75 -12.37
N ARG C 211 25.68 40.13 -13.65
CA ARG C 211 24.49 39.91 -14.48
C ARG C 211 24.22 38.41 -14.63
N PHE C 212 25.27 37.62 -14.86
CA PHE C 212 25.13 36.16 -14.94
C PHE C 212 24.52 35.59 -13.67
N THR C 213 25.04 36.01 -12.51
CA THR C 213 24.51 35.52 -11.23
C THR C 213 23.06 35.93 -11.05
N ALA C 214 22.71 37.17 -11.39
CA ALA C 214 21.34 37.62 -11.27
C ALA C 214 20.42 36.81 -12.17
N ALA C 215 20.90 36.47 -13.38
CA ALA C 215 20.13 35.61 -14.27
C ALA C 215 19.90 34.24 -13.64
N LEU C 216 20.93 33.68 -13.02
CA LEU C 216 20.76 32.40 -12.33
C LEU C 216 19.68 32.49 -11.25
N ARG C 217 19.74 33.53 -10.43
CA ARG C 217 18.77 33.68 -9.36
C ARG C 217 17.37 34.03 -9.88
N SER C 218 17.26 34.49 -11.13
CA SER C 218 15.95 34.84 -11.67
C SER C 218 15.15 33.59 -12.05
N GLU C 219 15.80 32.56 -12.56
CA GLU C 219 15.11 31.36 -13.01
C GLU C 219 15.02 30.34 -11.88
N GLU C 220 13.85 29.70 -11.75
CA GLU C 220 13.65 28.75 -10.66
C GLU C 220 14.60 27.57 -10.78
N ARG C 221 14.93 27.19 -12.02
CA ARG C 221 15.83 26.06 -12.24
C ARG C 221 17.17 26.29 -11.57
N THR C 222 17.66 27.53 -11.57
CA THR C 222 18.95 27.88 -11.00
C THR C 222 18.83 28.83 -9.81
N ARG C 223 17.62 29.03 -9.28
CA ARG C 223 17.41 30.05 -8.24
C ARG C 223 18.18 29.72 -6.97
N GLN C 224 18.27 28.44 -6.61
CA GLN C 224 18.87 28.03 -5.35
C GLN C 224 20.24 27.41 -5.52
N LEU C 225 20.79 27.46 -6.73
CA LEU C 225 22.10 26.90 -7.02
C LEU C 225 23.20 27.66 -6.28
N PRO C 226 24.07 26.99 -5.52
CA PRO C 226 25.14 27.69 -4.80
C PRO C 226 26.07 28.42 -5.77
N VAL C 227 26.38 29.68 -5.44
CA VAL C 227 27.26 30.51 -6.27
C VAL C 227 28.30 31.18 -5.38
N LEU C 228 29.57 31.03 -5.76
CA LEU C 228 30.68 31.76 -5.17
C LEU C 228 31.21 32.76 -6.18
N ALA C 229 31.57 33.95 -5.71
CA ALA C 229 32.01 35.04 -6.57
C ALA C 229 33.48 35.34 -6.26
N MET C 230 34.31 35.26 -7.28
CA MET C 230 35.69 35.71 -7.20
C MET C 230 35.70 37.22 -7.32
N VAL C 231 36.16 37.91 -6.28
CA VAL C 231 36.10 39.36 -6.25
C VAL C 231 37.49 39.93 -6.03
N ASP C 232 37.73 41.12 -6.60
CA ASP C 232 38.95 41.85 -6.29
C ASP C 232 38.76 42.61 -4.98
N PRO C 233 39.67 42.47 -4.01
CA PRO C 233 39.45 43.10 -2.70
C PRO C 233 39.39 44.62 -2.75
N ASP C 234 39.90 45.24 -3.82
CA ASP C 234 39.87 46.70 -3.90
C ASP C 234 38.44 47.20 -4.11
N ASP C 235 37.69 46.58 -5.02
CA ASP C 235 36.35 47.05 -5.40
C ASP C 235 35.34 46.56 -4.36
N ARG C 236 35.15 47.36 -3.31
CA ARG C 236 34.18 47.03 -2.27
C ARG C 236 32.76 47.04 -2.82
N GLY C 237 32.47 47.97 -3.73
CA GLY C 237 31.14 48.04 -4.31
C GLY C 237 30.77 46.77 -5.04
N ARG C 238 31.70 46.22 -5.83
CA ARG C 238 31.43 44.97 -6.51
C ARG C 238 31.14 43.85 -5.54
N MET C 239 31.93 43.75 -4.47
CA MET C 239 31.71 42.71 -3.47
C MET C 239 30.31 42.84 -2.85
N VAL C 240 29.96 44.04 -2.43
CA VAL C 240 28.66 44.24 -1.80
C VAL C 240 27.53 43.93 -2.78
N LYS C 241 27.67 44.38 -4.03
CA LYS C 241 26.63 44.12 -5.02
C LYS C 241 26.48 42.63 -5.28
N ALA C 242 27.61 41.91 -5.36
CA ALA C 242 27.54 40.47 -5.55
C ALA C 242 26.81 39.81 -4.38
N LEU C 243 27.12 40.22 -3.15
CA LEU C 243 26.42 39.65 -2.00
C LEU C 243 24.95 40.06 -1.98
N GLU C 244 24.59 41.16 -2.64
CA GLU C 244 23.20 41.58 -2.69
C GLU C 244 22.40 40.85 -3.75
N ILE C 245 22.99 40.61 -4.93
CA ILE C 245 22.30 39.86 -5.97
C ILE C 245 22.05 38.42 -5.55
N GLY C 246 22.79 37.89 -4.58
CA GLY C 246 22.47 36.59 -4.03
C GLY C 246 23.59 35.57 -4.02
N VAL C 247 24.84 36.02 -4.15
CA VAL C 247 25.96 35.10 -4.06
C VAL C 247 26.07 34.58 -2.62
N ASN C 248 26.51 33.32 -2.47
CA ASN C 248 26.52 32.68 -1.15
C ASN C 248 27.71 33.13 -0.32
N ASP C 249 28.88 33.24 -0.93
CA ASP C 249 30.06 33.82 -0.28
C ASP C 249 30.99 34.32 -1.36
N ILE C 250 31.99 35.10 -0.97
CA ILE C 250 32.92 35.70 -1.92
C ILE C 250 34.31 35.15 -1.66
N LEU C 251 35.12 35.13 -2.72
CA LEU C 251 36.49 34.64 -2.69
C LEU C 251 37.42 35.71 -3.24
N SER C 252 38.42 36.10 -2.46
CA SER C 252 39.31 37.19 -2.87
C SER C 252 40.28 36.75 -3.96
N ARG C 253 40.69 37.72 -4.80
CA ARG C 253 41.67 37.44 -5.85
C ARG C 253 42.97 38.18 -5.50
N PRO C 254 44.10 37.48 -5.34
CA PRO C 254 44.41 36.11 -5.80
C PRO C 254 43.79 35.03 -4.91
N ILE C 255 43.37 33.91 -5.50
CA ILE C 255 42.61 32.89 -4.80
C ILE C 255 43.54 32.01 -3.98
N ASP C 256 43.29 31.93 -2.67
CA ASP C 256 44.06 31.05 -1.79
C ASP C 256 43.49 29.64 -1.89
N PRO C 257 44.33 28.62 -2.13
CA PRO C 257 43.81 27.26 -2.29
C PRO C 257 42.98 26.78 -1.10
N GLN C 258 43.45 27.06 0.12
CA GLN C 258 42.77 26.54 1.30
C GLN C 258 41.41 27.21 1.50
N GLU C 259 41.34 28.52 1.26
CA GLU C 259 40.05 29.21 1.33
C GLU C 259 39.09 28.66 0.29
N LEU C 260 39.58 28.47 -0.94
CA LEU C 260 38.75 27.85 -1.97
C LEU C 260 38.20 26.51 -1.52
N SER C 261 39.08 25.64 -1.02
CA SER C 261 38.65 24.32 -0.56
C SER C 261 37.55 24.44 0.49
N ALA C 262 37.78 25.29 1.51
CA ALA C 262 36.82 25.43 2.60
C ALA C 262 35.47 25.93 2.10
N ARG C 263 35.46 27.01 1.31
CA ARG C 263 34.19 27.57 0.85
C ARG C 263 33.43 26.59 -0.03
N VAL C 264 34.13 25.95 -0.97
CA VAL C 264 33.48 24.98 -1.86
C VAL C 264 32.86 23.87 -1.03
N LYS C 265 33.61 23.35 -0.05
CA LYS C 265 33.08 22.27 0.80
C LYS C 265 31.81 22.73 1.51
N THR C 266 31.84 23.95 2.06
CA THR C 266 30.68 24.46 2.80
C THR C 266 29.45 24.50 1.91
N GLN C 267 29.60 25.06 0.70
CA GLN C 267 28.44 25.21 -0.17
C GLN C 267 27.91 23.85 -0.62
N ILE C 268 28.82 22.95 -1.00
CA ILE C 268 28.41 21.63 -1.48
C ILE C 268 27.73 20.85 -0.36
N GLN C 269 28.27 20.90 0.86
CA GLN C 269 27.65 20.17 1.97
C GLN C 269 26.28 20.74 2.30
N ARG C 270 26.15 22.07 2.30
CA ARG C 270 24.84 22.67 2.53
C ARG C 270 23.83 22.20 1.48
N LYS C 271 24.23 22.23 0.21
CA LYS C 271 23.32 21.79 -0.84
C LYS C 271 22.90 20.34 -0.63
N ARG C 272 23.87 19.46 -0.34
CA ARG C 272 23.57 18.05 -0.14
C ARG C 272 22.63 17.84 1.05
N TYR C 273 22.93 18.50 2.17
CA TYR C 273 22.05 18.40 3.35
C TYR C 273 20.63 18.83 3.01
N THR C 274 20.50 19.98 2.34
CA THR C 274 19.18 20.50 2.01
C THR C 274 18.43 19.55 1.10
N ASP C 275 19.11 19.05 0.06
CA ASP C 275 18.45 18.13 -0.87
C ASP C 275 18.04 16.83 -0.18
N TYR C 276 18.89 16.31 0.70
CA TYR C 276 18.55 15.11 1.44
C TYR C 276 17.32 15.34 2.31
N LEU C 277 17.26 16.49 2.99
CA LEU C 277 16.16 16.78 3.90
C LEU C 277 14.86 17.10 3.18
N ARG C 278 14.93 17.59 1.94
CA ARG C 278 13.76 18.12 1.23
C ARG C 278 13.25 17.23 0.11
N ASN C 279 14.10 16.38 -0.46
CA ASN C 279 13.69 15.49 -1.52
C ASN C 279 13.59 14.05 -1.06
N ASN C 280 14.01 13.76 0.17
CA ASN C 280 13.96 12.39 0.67
C ASN C 280 13.26 12.31 2.02
N LEU C 281 13.83 12.92 3.05
CA LEU C 281 13.32 12.72 4.41
C LEU C 281 11.95 13.35 4.61
N ASP C 282 11.77 14.60 4.15
CA ASP C 282 10.48 15.26 4.38
C ASP C 282 9.36 14.59 3.58
N HIS C 283 9.68 13.83 2.54
CA HIS C 283 8.69 13.03 1.82
C HIS C 283 8.48 11.66 2.45
N SER C 284 9.12 11.36 3.58
CA SER C 284 8.85 10.13 4.30
C SER C 284 7.50 10.22 5.00
N LEU C 285 6.90 9.06 5.25
CA LEU C 285 5.56 9.06 5.82
C LEU C 285 5.57 9.51 7.28
N GLU C 286 6.72 9.45 7.94
CA GLU C 286 6.79 9.79 9.34
C GLU C 286 6.97 11.29 9.56
N LEU C 287 7.55 11.99 8.58
CA LEU C 287 7.83 13.40 8.66
C LEU C 287 6.86 14.25 7.84
N ALA C 288 5.80 13.64 7.33
CA ALA C 288 4.85 14.37 6.50
C ALA C 288 4.07 15.38 7.35
N VAL C 289 3.52 16.39 6.68
CA VAL C 289 2.75 17.43 7.35
C VAL C 289 1.33 17.54 6.80
N THR C 290 0.99 16.81 5.76
CA THR C 290 -0.32 16.90 5.14
C THR C 290 -0.83 15.50 4.88
N ASP C 291 -2.07 15.24 5.25
CA ASP C 291 -2.70 13.96 4.92
C ASP C 291 -3.10 13.95 3.45
N GLN C 292 -2.66 12.91 2.72
CA GLN C 292 -2.93 12.86 1.29
C GLN C 292 -4.40 12.60 1.00
N LEU C 293 -5.04 11.79 1.85
CA LEU C 293 -6.46 11.49 1.66
C LEU C 293 -7.31 12.74 1.82
N THR C 294 -7.36 13.30 3.02
CA THR C 294 -8.19 14.47 3.28
C THR C 294 -7.65 15.71 2.60
N GLY C 295 -6.32 15.86 2.55
CA GLY C 295 -5.72 17.09 2.12
C GLY C 295 -5.49 18.08 3.23
N LEU C 296 -5.83 17.71 4.47
CA LEU C 296 -5.68 18.56 5.64
C LEU C 296 -4.31 18.32 6.28
N HIS C 297 -3.96 19.17 7.24
CA HIS C 297 -2.72 18.92 7.95
C HIS C 297 -2.93 17.76 8.93
N ASN C 298 -1.82 17.24 9.43
CA ASN C 298 -1.84 16.07 10.30
C ASN C 298 -1.47 16.46 11.73
N ARG C 299 -1.34 15.44 12.58
CA ARG C 299 -1.06 15.67 14.00
C ARG C 299 0.26 16.40 14.23
N ARG C 300 1.29 16.10 13.42
CA ARG C 300 2.59 16.74 13.57
C ARG C 300 2.50 18.27 13.47
N TYR C 301 1.89 18.74 12.37
CA TYR C 301 1.72 20.16 12.14
C TYR C 301 1.00 20.81 13.32
N MET C 302 -0.14 20.22 13.71
CA MET C 302 -0.92 20.75 14.81
C MET C 302 -0.10 20.82 16.09
N THR C 303 0.70 19.79 16.36
CA THR C 303 1.49 19.77 17.58
C THR C 303 2.40 20.98 17.66
N GLY C 304 3.17 21.23 16.59
CA GLY C 304 4.05 22.41 16.61
C GLY C 304 3.30 23.72 16.81
N GLN C 305 2.27 23.93 15.98
CA GLN C 305 1.54 25.20 16.04
C GLN C 305 0.89 25.40 17.40
N LEU C 306 0.32 24.33 17.95
CA LEU C 306 -0.31 24.37 19.26
C LEU C 306 0.71 24.70 20.35
N ASP C 307 1.94 24.20 20.21
CA ASP C 307 2.99 24.58 21.15
C ASP C 307 3.13 26.08 21.22
N SER C 308 3.33 26.72 20.05
CA SER C 308 3.49 28.18 20.06
C SER C 308 2.25 28.88 20.61
N LEU C 309 1.06 28.44 20.19
CA LEU C 309 -0.18 29.07 20.62
C LEU C 309 -0.33 29.02 22.14
N VAL C 310 -0.15 27.83 22.72
CA VAL C 310 -0.32 27.68 24.16
C VAL C 310 0.73 28.49 24.92
N LYS C 311 1.97 28.52 24.41
CA LYS C 311 2.99 29.33 25.07
C LYS C 311 2.56 30.80 25.13
N ARG C 312 2.05 31.33 24.02
CA ARG C 312 1.54 32.71 24.05
C ARG C 312 0.41 32.87 25.05
N ALA C 313 -0.51 31.90 25.09
CA ALA C 313 -1.67 32.02 25.98
C ALA C 313 -1.26 32.04 27.45
N THR C 314 -0.30 31.19 27.84
CA THR C 314 0.15 31.17 29.23
C THR C 314 0.73 32.52 29.67
N LEU C 315 1.48 33.19 28.80
CA LEU C 315 1.97 34.52 29.13
C LEU C 315 0.85 35.54 29.28
N GLY C 316 -0.38 35.21 28.90
CA GLY C 316 -1.48 36.13 29.09
C GLY C 316 -1.98 36.66 27.76
N GLY C 317 -3.30 36.74 27.61
CA GLY C 317 -3.93 37.20 26.40
C GLY C 317 -5.14 36.35 26.09
N ASP C 318 -5.65 36.51 24.87
CA ASP C 318 -6.82 35.75 24.45
C ASP C 318 -6.50 34.25 24.41
N PRO C 319 -7.44 33.39 24.77
CA PRO C 319 -7.15 31.95 24.90
C PRO C 319 -7.19 31.23 23.55
N VAL C 320 -6.69 30.01 23.57
CA VAL C 320 -6.71 29.11 22.41
C VAL C 320 -7.72 28.01 22.67
N SER C 321 -8.65 27.80 21.74
CA SER C 321 -9.64 26.75 21.89
C SER C 321 -9.29 25.53 21.02
N ALA C 322 -9.77 24.37 21.45
CA ALA C 322 -9.51 23.11 20.79
C ALA C 322 -10.81 22.34 20.66
N LEU C 323 -11.05 21.79 19.46
CA LEU C 323 -12.20 20.97 19.14
C LEU C 323 -11.71 19.61 18.67
N LEU C 324 -12.14 18.55 19.33
CA LEU C 324 -11.87 17.19 18.90
C LEU C 324 -13.17 16.58 18.39
N ILE C 325 -13.21 16.23 17.11
CA ILE C 325 -14.42 15.72 16.47
C ILE C 325 -14.18 14.27 16.06
N ASP C 326 -15.03 13.36 16.57
CA ASP C 326 -14.97 11.95 16.21
C ASP C 326 -16.28 11.56 15.52
N ILE C 327 -16.16 11.05 14.30
CA ILE C 327 -17.33 10.58 13.58
C ILE C 327 -17.95 9.41 14.35
N ASP C 328 -19.27 9.28 14.25
CA ASP C 328 -20.01 8.23 14.93
C ASP C 328 -20.32 7.10 13.97
N PHE C 329 -20.02 5.86 14.40
CA PHE C 329 -20.32 4.64 13.65
C PHE C 329 -19.65 4.62 12.28
N PHE C 330 -18.34 4.87 12.25
CA PHE C 330 -17.62 4.80 10.98
C PHE C 330 -17.36 3.35 10.57
N LYS C 331 -17.14 2.48 11.56
CA LYS C 331 -16.99 1.06 11.24
C LYS C 331 -18.18 0.54 10.48
N LYS C 332 -19.38 1.01 10.81
CA LYS C 332 -20.57 0.60 10.06
C LYS C 332 -20.52 1.10 8.63
N ILE C 333 -20.00 2.32 8.42
CA ILE C 333 -19.83 2.85 7.07
C ILE C 333 -18.92 1.92 6.26
N ASN C 334 -17.79 1.54 6.84
CA ASN C 334 -16.89 0.64 6.13
C ASN C 334 -17.50 -0.74 5.94
N ASP C 335 -18.24 -1.23 6.95
CA ASP C 335 -18.86 -2.55 6.89
C ASP C 335 -19.92 -2.63 5.81
N THR C 336 -20.59 -1.51 5.54
CA THR C 336 -21.72 -1.49 4.62
C THR C 336 -21.31 -1.11 3.20
N PHE C 337 -20.51 -0.06 3.04
CA PHE C 337 -20.18 0.44 1.71
C PHE C 337 -18.73 0.20 1.34
N GLY C 338 -17.91 -0.34 2.23
CA GLY C 338 -16.52 -0.61 1.89
C GLY C 338 -15.59 0.50 2.35
N HIS C 339 -14.29 0.16 2.37
CA HIS C 339 -13.27 1.09 2.86
C HIS C 339 -13.13 2.30 1.93
N ASP C 340 -13.32 2.10 0.63
CA ASP C 340 -13.18 3.18 -0.34
C ASP C 340 -14.25 4.26 -0.12
N ILE C 341 -15.50 3.85 0.09
CA ILE C 341 -16.55 4.81 0.38
C ILE C 341 -16.25 5.55 1.67
N GLY C 342 -15.71 4.84 2.66
CA GLY C 342 -15.30 5.50 3.89
C GLY C 342 -14.26 6.57 3.64
N ASP C 343 -13.30 6.28 2.77
CA ASP C 343 -12.32 7.29 2.38
C ASP C 343 -13.01 8.50 1.74
N GLU C 344 -14.01 8.26 0.89
CA GLU C 344 -14.77 9.36 0.31
C GLU C 344 -15.46 10.19 1.37
N VAL C 345 -16.09 9.51 2.35
CA VAL C 345 -16.77 10.21 3.44
C VAL C 345 -15.78 11.09 4.19
N LEU C 346 -14.58 10.57 4.45
CA LEU C 346 -13.56 11.35 5.14
C LEU C 346 -13.17 12.59 4.32
N ARG C 347 -12.98 12.42 3.02
CA ARG C 347 -12.65 13.57 2.17
C ARG C 347 -13.74 14.65 2.26
N GLU C 348 -15.00 14.23 2.11
CA GLU C 348 -16.08 15.21 2.18
C GLU C 348 -16.15 15.87 3.56
N PHE C 349 -16.00 15.08 4.63
CA PHE C 349 -16.00 15.65 5.96
C PHE C 349 -14.91 16.72 6.09
N ALA C 350 -13.73 16.43 5.57
CA ALA C 350 -12.64 17.40 5.62
C ALA C 350 -13.04 18.70 4.93
N LEU C 351 -13.59 18.58 3.71
CA LEU C 351 -14.04 19.79 3.00
C LEU C 351 -15.05 20.58 3.83
N ARG C 352 -16.09 19.90 4.31
CA ARG C 352 -17.13 20.58 5.08
C ARG C 352 -16.56 21.26 6.32
N LEU C 353 -15.69 20.55 7.05
CA LEU C 353 -15.10 21.10 8.26
C LEU C 353 -14.29 22.36 7.95
N ALA C 354 -13.39 22.27 6.98
CA ALA C 354 -12.56 23.43 6.63
C ALA C 354 -13.42 24.60 6.15
N SER C 355 -14.50 24.31 5.42
CA SER C 355 -15.32 25.37 4.85
C SER C 355 -16.16 26.11 5.88
N ASN C 356 -16.47 25.48 7.02
CA ASN C 356 -17.31 26.11 8.03
C ASN C 356 -16.53 26.62 9.23
N VAL C 357 -15.19 26.62 9.15
CA VAL C 357 -14.35 27.28 10.14
C VAL C 357 -13.42 28.22 9.38
N ARG C 358 -12.81 29.14 10.13
CA ARG C 358 -11.95 30.15 9.54
C ARG C 358 -10.66 29.54 8.99
N ALA C 359 -10.09 30.20 7.99
CA ALA C 359 -8.80 29.78 7.47
C ALA C 359 -7.69 30.05 8.46
N ILE C 360 -7.88 30.99 9.39
CA ILE C 360 -6.94 31.22 10.46
C ILE C 360 -6.95 30.08 11.47
N ASP C 361 -8.05 29.32 11.53
CA ASP C 361 -8.09 28.13 12.36
C ASP C 361 -7.29 27.01 11.71
N LEU C 362 -7.06 25.95 12.49
CA LEU C 362 -6.26 24.80 12.06
C LEU C 362 -7.16 23.57 12.09
N PRO C 363 -7.86 23.29 11.00
CA PRO C 363 -8.55 21.99 10.86
C PRO C 363 -7.59 20.93 10.32
N CYS C 364 -7.29 19.96 11.17
CA CYS C 364 -6.30 18.92 10.89
C CYS C 364 -6.89 17.55 11.20
N ARG C 365 -6.20 16.51 10.74
CA ARG C 365 -6.64 15.13 10.96
C ARG C 365 -5.88 14.57 12.17
N TYR C 366 -6.56 14.49 13.31
CA TYR C 366 -5.93 14.02 14.53
C TYR C 366 -5.68 12.53 14.49
N GLY C 367 -6.65 11.76 14.01
CA GLY C 367 -6.53 10.32 13.94
C GLY C 367 -7.05 9.81 12.61
N GLY C 368 -7.56 8.58 12.58
CA GLY C 368 -8.08 8.04 11.34
C GLY C 368 -9.47 8.57 11.11
N GLU C 369 -10.28 8.50 12.16
CA GLU C 369 -11.65 8.98 12.14
C GLU C 369 -11.80 10.25 12.98
N GLU C 370 -10.72 10.75 13.56
CA GLU C 370 -10.75 11.89 14.46
C GLU C 370 -10.12 13.10 13.78
N PHE C 371 -10.76 14.26 13.96
CA PHE C 371 -10.31 15.52 13.41
C PHE C 371 -10.18 16.52 14.54
N VAL C 372 -9.30 17.50 14.36
CA VAL C 372 -9.06 18.51 15.38
C VAL C 372 -9.18 19.88 14.72
N VAL C 373 -9.79 20.82 15.43
CA VAL C 373 -9.86 22.21 15.00
C VAL C 373 -9.26 23.03 16.11
N ILE C 374 -8.03 23.50 15.92
CA ILE C 374 -7.41 24.45 16.83
C ILE C 374 -7.80 25.86 16.42
N MET C 375 -8.50 26.57 17.30
CA MET C 375 -8.94 27.93 17.00
C MET C 375 -8.16 28.93 17.83
N PRO C 376 -7.27 29.70 17.21
CA PRO C 376 -6.49 30.70 17.94
C PRO C 376 -7.36 31.86 18.39
N ASP C 377 -7.00 32.43 19.53
CA ASP C 377 -7.69 33.60 20.09
C ASP C 377 -9.21 33.39 20.09
N THR C 378 -9.63 32.28 20.70
CA THR C 378 -11.04 31.94 20.81
C THR C 378 -11.32 31.43 22.22
N ALA C 379 -12.51 31.74 22.72
CA ALA C 379 -12.93 31.39 24.07
C ALA C 379 -13.83 30.16 24.06
N LEU C 380 -13.94 29.51 25.22
CA LEU C 380 -14.66 28.23 25.31
C LEU C 380 -16.10 28.36 24.86
N ALA C 381 -16.79 29.44 25.29
CA ALA C 381 -18.19 29.61 24.92
C ALA C 381 -18.35 29.73 23.40
N ASP C 382 -17.56 30.62 22.79
CA ASP C 382 -17.60 30.77 21.35
C ASP C 382 -17.22 29.47 20.67
N ALA C 383 -16.21 28.77 21.21
CA ALA C 383 -15.80 27.48 20.65
C ALA C 383 -16.96 26.50 20.65
N LEU C 384 -17.74 26.46 21.72
CA LEU C 384 -18.90 25.58 21.80
C LEU C 384 -19.92 25.92 20.74
N ARG C 385 -20.15 27.22 20.50
CA ARG C 385 -21.10 27.60 19.45
C ARG C 385 -20.58 27.21 18.07
N ILE C 386 -19.28 27.36 17.83
CA ILE C 386 -18.68 26.95 16.57
C ILE C 386 -18.81 25.45 16.40
N ALA C 387 -18.56 24.70 17.46
CA ALA C 387 -18.73 23.25 17.41
C ALA C 387 -20.16 22.88 17.06
N GLU C 388 -21.13 23.61 17.63
CA GLU C 388 -22.53 23.35 17.32
C GLU C 388 -22.80 23.63 15.84
N ARG C 389 -22.20 24.71 15.30
CA ARG C 389 -22.32 24.99 13.87
C ARG C 389 -21.83 23.82 13.04
N ILE C 390 -20.63 23.31 13.38
CA ILE C 390 -20.02 22.19 12.65
C ILE C 390 -20.92 20.97 12.71
N ARG C 391 -21.39 20.63 13.92
CA ARG C 391 -22.28 19.48 14.09
C ARG C 391 -23.49 19.61 13.19
N MET C 392 -24.13 20.78 13.20
CA MET C 392 -25.33 20.97 12.39
C MET C 392 -25.03 20.84 10.91
N HIS C 393 -23.89 21.37 10.46
CA HIS C 393 -23.57 21.29 9.04
C HIS C 393 -23.33 19.85 8.59
N VAL C 394 -22.66 19.05 9.41
CA VAL C 394 -22.41 17.67 9.00
C VAL C 394 -23.68 16.82 9.14
N SER C 395 -24.41 16.95 10.26
CA SER C 395 -25.57 16.09 10.51
C SER C 395 -26.74 16.45 9.61
N GLY C 396 -26.95 17.73 9.32
CA GLY C 396 -28.07 18.17 8.53
C GLY C 396 -28.07 17.62 7.11
N SER C 397 -26.97 17.86 6.39
CA SER C 397 -26.89 17.49 4.98
C SER C 397 -26.31 16.07 4.82
N PRO C 398 -26.92 15.26 3.97
CA PRO C 398 -26.37 13.93 3.69
C PRO C 398 -25.09 13.98 2.87
N PHE C 399 -24.35 12.88 2.95
CA PHE C 399 -23.11 12.67 2.21
C PHE C 399 -23.38 11.78 1.01
N THR C 400 -23.14 12.30 -0.19
CA THR C 400 -23.34 11.53 -1.41
C THR C 400 -22.00 10.94 -1.86
N VAL C 401 -21.98 9.64 -2.09
CA VAL C 401 -20.78 8.90 -2.45
C VAL C 401 -21.10 7.96 -3.62
N ALA C 402 -20.06 7.25 -4.07
CA ALA C 402 -20.15 6.32 -5.20
C ALA C 402 -20.61 7.03 -6.48
N HIS C 403 -20.08 8.23 -6.71
CA HIS C 403 -20.48 9.05 -7.86
C HIS C 403 -21.99 9.22 -7.93
N GLY C 404 -22.61 9.49 -6.79
CA GLY C 404 -24.04 9.69 -6.72
C GLY C 404 -24.84 8.43 -6.50
N ARG C 405 -24.22 7.26 -6.61
CA ARG C 405 -24.95 6.01 -6.47
C ARG C 405 -25.44 5.80 -5.03
N GLU C 406 -24.80 6.42 -4.04
CA GLU C 406 -25.17 6.19 -2.65
C GLU C 406 -25.21 7.50 -1.87
N MET C 407 -26.06 7.55 -0.86
CA MET C 407 -26.15 8.69 0.05
C MET C 407 -26.34 8.17 1.48
N LEU C 408 -25.59 8.74 2.42
CA LEU C 408 -25.59 8.28 3.81
C LEU C 408 -25.55 9.47 4.76
N ASN C 409 -26.12 9.29 5.94
CA ASN C 409 -26.17 10.33 6.96
C ASN C 409 -25.09 10.10 8.01
N VAL C 410 -24.35 11.15 8.34
CA VAL C 410 -23.24 11.06 9.28
C VAL C 410 -23.50 11.98 10.48
N THR C 411 -23.18 11.47 11.67
CA THR C 411 -23.20 12.24 12.91
C THR C 411 -21.82 12.23 13.54
N ILE C 412 -21.54 13.26 14.36
CA ILE C 412 -20.24 13.42 14.98
C ILE C 412 -20.41 13.80 16.45
N SER C 413 -19.46 13.37 17.27
CA SER C 413 -19.36 13.78 18.67
C SER C 413 -18.18 14.73 18.82
N ILE C 414 -18.39 15.84 19.51
CA ILE C 414 -17.38 16.90 19.62
C ILE C 414 -17.03 17.12 21.09
N GLY C 415 -15.74 17.31 21.35
CA GLY C 415 -15.22 17.67 22.66
C GLY C 415 -14.48 19.00 22.58
N VAL C 416 -14.87 19.97 23.41
CA VAL C 416 -14.34 21.32 23.34
C VAL C 416 -13.57 21.66 24.61
N SER C 417 -12.44 22.36 24.45
CA SER C 417 -11.66 22.80 25.61
C SER C 417 -10.93 24.09 25.23
N ALA C 418 -10.48 24.83 26.25
CA ALA C 418 -9.75 26.07 26.00
C ALA C 418 -8.60 26.23 26.98
N THR C 419 -7.52 26.87 26.51
CA THR C 419 -6.34 27.13 27.34
C THR C 419 -6.69 28.19 28.37
N ALA C 420 -6.82 27.77 29.63
CA ALA C 420 -7.23 28.67 30.70
C ALA C 420 -6.06 29.21 31.52
N GLY C 421 -5.36 28.34 32.27
CA GLY C 421 -4.35 28.85 33.17
C GLY C 421 -3.02 29.20 32.53
N GLU C 422 -2.14 29.76 33.36
CA GLU C 422 -0.82 30.18 32.94
C GLU C 422 0.17 29.02 32.98
N GLY C 423 -0.25 27.88 33.53
CA GLY C 423 0.55 26.68 33.54
C GLY C 423 0.02 25.62 32.59
N ASP C 424 -0.97 25.95 31.77
CA ASP C 424 -1.58 24.97 30.90
C ASP C 424 -0.60 24.50 29.83
N THR C 425 -0.79 23.28 29.36
CA THR C 425 0.08 22.66 28.37
C THR C 425 -0.77 22.13 27.22
N PRO C 426 -0.21 22.10 25.98
CA PRO C 426 -0.95 21.50 24.85
C PRO C 426 -1.61 20.16 25.18
N GLU C 427 -0.85 19.30 25.85
CA GLU C 427 -1.34 17.97 26.21
C GLU C 427 -2.59 18.05 27.06
N ALA C 428 -2.61 18.94 28.05
CA ALA C 428 -3.78 19.08 28.91
C ALA C 428 -5.00 19.56 28.14
N LEU C 429 -4.81 20.53 27.26
CA LEU C 429 -5.92 21.03 26.44
C LEU C 429 -6.54 19.90 25.61
N LEU C 430 -5.68 19.15 24.91
CA LEU C 430 -6.19 18.04 24.12
C LEU C 430 -6.81 16.96 25.02
N LYS C 431 -6.26 16.76 26.21
CA LYS C 431 -6.82 15.78 27.14
C LYS C 431 -8.24 16.16 27.53
N ARG C 432 -8.46 17.42 27.89
CA ARG C 432 -9.79 17.87 28.25
C ARG C 432 -10.75 17.70 27.09
N ALA C 433 -10.29 17.99 25.87
CA ALA C 433 -11.13 17.76 24.70
C ALA C 433 -11.46 16.27 24.54
N ASP C 434 -10.49 15.39 24.79
CA ASP C 434 -10.74 13.95 24.72
C ASP C 434 -11.79 13.52 25.72
N GLU C 435 -11.70 14.02 26.95
CA GLU C 435 -12.74 13.74 27.94
C GLU C 435 -14.10 14.18 27.43
N GLY C 436 -14.16 15.34 26.78
CA GLY C 436 -15.41 15.79 26.20
C GLY C 436 -15.94 14.83 25.15
N VAL C 437 -15.06 14.32 24.29
CA VAL C 437 -15.47 13.38 23.25
C VAL C 437 -16.01 12.10 23.89
N TYR C 438 -15.29 11.57 24.88
CA TYR C 438 -15.74 10.38 25.59
C TYR C 438 -17.12 10.59 26.21
N GLN C 439 -17.29 11.72 26.91
CA GLN C 439 -18.58 12.00 27.54
C GLN C 439 -19.70 12.11 26.51
N ALA C 440 -19.40 12.73 25.36
CA ALA C 440 -20.41 12.87 24.32
C ALA C 440 -20.77 11.52 23.70
N LYS C 441 -19.79 10.62 23.57
CA LYS C 441 -20.08 9.29 23.06
C LYS C 441 -20.88 8.47 24.07
N ALA C 442 -20.62 8.66 25.36
CA ALA C 442 -21.39 7.96 26.38
C ALA C 442 -22.84 8.46 26.44
N SER C 443 -23.03 9.78 26.54
CA SER C 443 -24.35 10.39 26.64
C SER C 443 -25.00 10.47 25.26
N GLY C 444 -25.33 9.31 24.71
CA GLY C 444 -25.83 9.26 23.35
C GLY C 444 -24.73 9.56 22.33
N ARG C 445 -25.12 10.20 21.24
CA ARG C 445 -24.17 10.66 20.23
C ARG C 445 -24.64 12.03 19.76
N ASN C 446 -24.15 12.45 18.60
CA ASN C 446 -24.53 13.72 17.97
C ASN C 446 -24.63 14.86 18.97
N ALA C 447 -23.52 15.08 19.69
CA ALA C 447 -23.54 16.03 20.79
C ALA C 447 -22.18 16.70 20.92
N VAL C 448 -22.16 17.85 21.60
CA VAL C 448 -20.95 18.59 21.88
C VAL C 448 -20.82 18.70 23.39
N VAL C 449 -19.62 18.43 23.90
CA VAL C 449 -19.35 18.54 25.34
C VAL C 449 -18.10 19.39 25.52
N GLY C 450 -18.20 20.39 26.39
CA GLY C 450 -17.09 21.23 26.75
C GLY C 450 -16.64 20.86 28.16
N LYS C 451 -15.33 20.72 28.33
CA LYS C 451 -14.72 20.39 29.60
C LYS C 451 -13.72 21.49 29.95
N ALA C 452 -14.10 22.35 30.90
CA ALA C 452 -13.35 23.55 31.23
C ALA C 452 -12.29 23.26 32.30
N ALA C 453 -11.37 24.20 32.45
CA ALA C 453 -10.34 24.10 33.48
C ALA C 453 -10.70 24.98 34.68
N SER D 1 17.42 37.99 -16.06
CA SER D 1 16.58 37.30 -17.04
C SER D 1 15.09 37.45 -16.73
N ALA D 2 14.76 38.38 -15.83
CA ALA D 2 13.36 38.72 -15.58
C ALA D 2 12.93 39.76 -16.61
N ARG D 3 11.82 39.50 -17.28
CA ARG D 3 11.36 40.35 -18.38
C ARG D 3 10.29 41.31 -17.87
N ILE D 4 10.55 42.61 -18.02
CA ILE D 4 9.64 43.68 -17.57
C ILE D 4 9.19 44.49 -18.78
N LEU D 5 7.89 44.80 -18.84
CA LEU D 5 7.32 45.66 -19.86
C LEU D 5 6.96 47.01 -19.25
N VAL D 6 7.60 48.08 -19.74
CA VAL D 6 7.33 49.45 -19.29
C VAL D 6 6.46 50.15 -20.34
N VAL D 7 5.33 50.70 -19.91
CA VAL D 7 4.35 51.34 -20.78
C VAL D 7 4.10 52.77 -20.29
N ASP D 8 4.40 53.74 -21.15
CA ASP D 8 4.14 55.15 -20.84
C ASP D 8 4.14 55.95 -22.15
N ASP D 9 3.41 57.07 -22.14
CA ASP D 9 3.37 57.92 -23.33
C ASP D 9 4.65 58.74 -23.48
N ILE D 10 5.19 59.28 -22.39
CA ILE D 10 6.40 60.10 -22.45
C ILE D 10 7.61 59.20 -22.69
N GLU D 11 8.31 59.42 -23.81
CA GLU D 11 9.47 58.60 -24.14
C GLU D 11 10.57 58.72 -23.08
N ALA D 12 10.85 59.94 -22.63
CA ALA D 12 11.94 60.16 -21.68
C ALA D 12 11.76 59.30 -20.42
N ASN D 13 10.54 59.26 -19.88
CA ASN D 13 10.28 58.44 -18.70
C ASN D 13 10.57 56.97 -18.98
N VAL D 14 10.08 56.47 -20.12
CA VAL D 14 10.29 55.08 -20.49
C VAL D 14 11.77 54.78 -20.55
N ARG D 15 12.55 55.64 -21.20
CA ARG D 15 13.97 55.41 -21.35
C ARG D 15 14.70 55.45 -20.00
N LEU D 16 14.36 56.41 -19.14
CA LEU D 16 14.98 56.49 -17.81
C LEU D 16 14.70 55.22 -17.00
N LEU D 17 13.44 54.80 -16.97
CA LEU D 17 13.07 53.59 -16.23
C LEU D 17 13.77 52.37 -16.81
N GLU D 18 13.78 52.24 -18.15
CA GLU D 18 14.47 51.16 -18.80
C GLU D 18 15.94 51.13 -18.40
N ALA D 19 16.58 52.30 -18.37
CA ALA D 19 17.98 52.38 -17.96
C ALA D 19 18.16 51.84 -16.56
N LYS D 20 17.35 52.31 -15.61
CA LYS D 20 17.47 51.84 -14.23
C LYS D 20 17.29 50.33 -14.15
N LEU D 21 16.25 49.82 -14.81
CA LEU D 21 15.93 48.40 -14.70
C LEU D 21 17.02 47.53 -15.34
N THR D 22 17.49 47.90 -16.53
CA THR D 22 18.56 47.14 -17.16
C THR D 22 19.82 47.22 -16.31
N ALA D 23 20.07 48.36 -15.67
CA ALA D 23 21.20 48.48 -14.75
C ALA D 23 21.05 47.53 -13.57
N GLU D 24 19.82 47.17 -13.21
CA GLU D 24 19.62 46.17 -12.18
C GLU D 24 19.43 44.77 -12.77
N TYR D 25 19.98 44.53 -13.96
CA TYR D 25 19.99 43.21 -14.60
C TYR D 25 18.58 42.71 -14.88
N TYR D 26 17.80 43.53 -15.58
CA TYR D 26 16.44 43.21 -15.97
C TYR D 26 16.29 43.39 -17.48
N GLU D 27 15.57 42.47 -18.12
CA GLU D 27 15.25 42.57 -19.53
C GLU D 27 14.00 43.43 -19.70
N VAL D 28 14.13 44.56 -20.40
CA VAL D 28 13.08 45.57 -20.45
C VAL D 28 12.51 45.63 -21.85
N SER D 29 11.18 45.54 -21.94
CA SER D 29 10.43 45.80 -23.16
C SER D 29 9.70 47.13 -23.01
N THR D 30 9.51 47.83 -24.11
CA THR D 30 8.93 49.17 -24.08
C THR D 30 7.73 49.25 -25.01
N ALA D 31 6.70 49.97 -24.55
CA ALA D 31 5.52 50.28 -25.33
C ALA D 31 5.08 51.70 -25.00
N MET D 32 4.61 52.43 -26.01
CA MET D 32 4.27 53.83 -25.81
C MET D 32 2.78 54.11 -25.90
N ASP D 33 1.96 53.13 -26.28
CA ASP D 33 0.51 53.28 -26.34
C ASP D 33 -0.13 51.97 -25.90
N GLY D 34 -1.34 52.07 -25.38
CA GLY D 34 -2.07 50.94 -24.87
C GLY D 34 -2.19 49.74 -25.81
N PRO D 35 -2.72 49.95 -27.01
CA PRO D 35 -2.88 48.80 -27.94
C PRO D 35 -1.59 48.03 -28.21
N THR D 36 -0.50 48.72 -28.53
CA THR D 36 0.78 48.05 -28.74
C THR D 36 1.20 47.32 -27.48
N ALA D 37 1.00 47.94 -26.31
CA ALA D 37 1.34 47.29 -25.06
C ALA D 37 0.60 45.96 -24.92
N LEU D 38 -0.72 45.98 -25.17
CA LEU D 38 -1.51 44.77 -25.06
C LEU D 38 -1.02 43.69 -26.02
N ALA D 39 -0.69 44.08 -27.26
CA ALA D 39 -0.18 43.13 -28.24
C ALA D 39 1.14 42.53 -27.78
N MET D 40 2.09 43.39 -27.39
CA MET D 40 3.38 42.92 -26.90
C MET D 40 3.22 42.01 -25.70
N ALA D 41 2.26 42.31 -24.81
CA ALA D 41 2.05 41.49 -23.63
C ALA D 41 1.56 40.11 -24.02
N ALA D 42 0.61 40.03 -24.96
CA ALA D 42 0.11 38.72 -25.37
C ALA D 42 1.15 37.93 -26.13
N ARG D 43 2.07 38.61 -26.84
CA ARG D 43 3.08 37.90 -27.63
C ARG D 43 4.31 37.49 -26.82
N ASP D 44 4.94 38.45 -26.13
CA ASP D 44 6.16 38.21 -25.39
C ASP D 44 5.91 37.60 -24.02
N LEU D 45 4.67 37.64 -23.53
CA LEU D 45 4.29 37.14 -22.21
C LEU D 45 5.27 37.59 -21.14
N PRO D 46 5.29 38.88 -20.78
CA PRO D 46 6.28 39.35 -19.81
C PRO D 46 6.05 38.73 -18.45
N ASP D 47 6.97 39.02 -17.53
CA ASP D 47 6.86 38.57 -16.15
C ASP D 47 6.22 39.62 -15.26
N ILE D 48 6.51 40.89 -15.52
CA ILE D 48 5.93 42.01 -14.80
C ILE D 48 5.69 43.13 -15.78
N ILE D 49 4.57 43.85 -15.62
CA ILE D 49 4.23 45.01 -16.43
C ILE D 49 4.12 46.21 -15.52
N LEU D 50 4.93 47.23 -15.79
CA LEU D 50 4.83 48.53 -15.15
C LEU D 50 4.09 49.48 -16.09
N LEU D 51 2.93 49.95 -15.67
CA LEU D 51 2.05 50.71 -16.53
C LEU D 51 1.71 52.04 -15.88
N ASP D 52 1.82 53.12 -16.63
CA ASP D 52 1.45 54.45 -16.16
C ASP D 52 -0.05 54.64 -16.37
N VAL D 53 -0.72 55.16 -15.35
CA VAL D 53 -2.16 55.35 -15.48
C VAL D 53 -2.47 56.45 -16.49
N MET D 54 -1.61 57.47 -16.56
CA MET D 54 -1.83 58.65 -17.39
C MET D 54 -1.26 58.41 -18.78
N MET D 55 -2.12 57.96 -19.69
CA MET D 55 -1.78 57.73 -21.09
C MET D 55 -2.92 58.19 -21.99
N PRO D 56 -2.66 59.13 -22.91
CA PRO D 56 -3.71 59.57 -23.83
C PRO D 56 -4.16 58.44 -24.75
N GLY D 57 -5.42 58.50 -25.16
CA GLY D 57 -5.97 57.45 -26.00
C GLY D 57 -6.56 56.31 -25.19
N MET D 58 -5.70 55.41 -24.73
CA MET D 58 -6.09 54.36 -23.80
C MET D 58 -5.43 54.64 -22.45
N ASP D 59 -6.23 54.92 -21.42
CA ASP D 59 -5.68 55.13 -20.09
C ASP D 59 -5.19 53.82 -19.48
N GLY D 60 -4.25 53.94 -18.54
CA GLY D 60 -3.67 52.76 -17.92
C GLY D 60 -4.71 51.83 -17.31
N PHE D 61 -5.76 52.39 -16.74
CA PHE D 61 -6.83 51.57 -16.17
C PHE D 61 -7.46 50.67 -17.23
N THR D 62 -7.73 51.21 -18.42
CA THR D 62 -8.29 50.40 -19.50
C THR D 62 -7.33 49.29 -19.93
N VAL D 63 -6.04 49.62 -20.07
CA VAL D 63 -5.06 48.61 -20.43
C VAL D 63 -5.00 47.50 -19.38
N CYS D 64 -4.97 47.90 -18.11
CA CYS D 64 -4.97 46.92 -17.02
C CYS D 64 -6.20 46.01 -17.08
N ARG D 65 -7.38 46.60 -17.24
CA ARG D 65 -8.59 45.78 -17.33
C ARG D 65 -8.52 44.81 -18.50
N LYS D 66 -8.06 45.28 -19.65
CA LYS D 66 -7.95 44.40 -20.81
C LYS D 66 -6.93 43.30 -20.58
N LEU D 67 -5.82 43.62 -19.92
CA LEU D 67 -4.83 42.60 -19.57
C LEU D 67 -5.44 41.55 -18.65
N LYS D 68 -6.28 41.98 -17.72
CA LYS D 68 -6.91 41.03 -16.80
C LYS D 68 -8.14 40.37 -17.42
N ASP D 69 -8.57 40.83 -18.59
CA ASP D 69 -9.65 40.19 -19.32
C ASP D 69 -9.13 39.11 -20.25
N ASP D 70 -7.94 39.31 -20.81
CA ASP D 70 -7.28 38.30 -21.64
C ASP D 70 -6.83 37.14 -20.77
N PRO D 71 -7.32 35.91 -21.01
CA PRO D 71 -6.89 34.78 -20.18
C PRO D 71 -5.45 34.38 -20.38
N THR D 72 -4.77 34.91 -21.40
CA THR D 72 -3.38 34.59 -21.65
C THR D 72 -2.42 35.54 -20.95
N THR D 73 -2.91 36.70 -20.50
CA THR D 73 -2.09 37.70 -19.82
C THR D 73 -2.60 38.02 -18.41
N ARG D 74 -3.66 37.35 -17.97
CA ARG D 74 -4.26 37.66 -16.67
C ARG D 74 -3.30 37.42 -15.52
N HIS D 75 -2.46 36.39 -15.62
CA HIS D 75 -1.57 36.02 -14.52
C HIS D 75 -0.46 37.04 -14.30
N ILE D 76 -0.03 37.74 -15.34
CA ILE D 76 1.11 38.66 -15.27
C ILE D 76 0.82 39.79 -14.28
N PRO D 77 1.65 39.96 -13.25
CA PRO D 77 1.44 41.07 -12.31
C PRO D 77 1.57 42.43 -13.00
N VAL D 78 0.68 43.35 -12.66
CA VAL D 78 0.65 44.70 -13.22
C VAL D 78 0.86 45.69 -12.09
N VAL D 79 1.83 46.59 -12.27
CA VAL D 79 2.11 47.67 -11.33
C VAL D 79 1.71 48.98 -12.00
N LEU D 80 0.85 49.73 -11.33
CA LEU D 80 0.34 50.99 -11.85
C LEU D 80 1.12 52.14 -11.25
N ILE D 81 1.67 52.99 -12.10
CA ILE D 81 2.42 54.17 -11.67
C ILE D 81 1.41 55.31 -11.52
N THR D 82 1.20 55.75 -10.27
CA THR D 82 0.25 56.79 -9.94
C THR D 82 0.99 58.05 -9.47
N ALA D 83 0.21 59.05 -9.07
CA ALA D 83 0.76 60.29 -8.54
C ALA D 83 0.64 60.32 -7.02
N LEU D 84 1.13 61.43 -6.43
CA LEU D 84 1.13 61.58 -4.98
C LEU D 84 -0.28 61.45 -4.41
N ASP D 85 -1.19 62.35 -4.79
CA ASP D 85 -2.57 62.31 -4.30
C ASP D 85 -3.44 61.39 -5.14
N GLY D 86 -3.03 60.14 -5.31
CA GLY D 86 -3.73 59.26 -6.22
C GLY D 86 -4.42 58.16 -5.47
N ARG D 87 -5.12 58.51 -4.39
CA ARG D 87 -5.95 57.52 -3.72
C ARG D 87 -7.09 57.08 -4.63
N GLY D 88 -7.65 58.03 -5.38
CA GLY D 88 -8.64 57.66 -6.39
C GLY D 88 -8.05 56.81 -7.49
N ASP D 89 -6.84 57.17 -7.97
CA ASP D 89 -6.15 56.32 -8.94
C ASP D 89 -5.89 54.92 -8.39
N ARG D 90 -5.45 54.81 -7.14
CA ARG D 90 -5.21 53.49 -6.57
C ARG D 90 -6.52 52.71 -6.45
N ILE D 91 -7.60 53.37 -6.05
CA ILE D 91 -8.90 52.70 -5.96
C ILE D 91 -9.31 52.17 -7.33
N GLN D 92 -9.22 53.02 -8.36
CA GLN D 92 -9.58 52.58 -9.71
C GLN D 92 -8.64 51.48 -10.22
N GLY D 93 -7.35 51.58 -9.89
CA GLY D 93 -6.41 50.56 -10.30
C GLY D 93 -6.69 49.22 -9.66
N LEU D 94 -7.01 49.22 -8.37
CA LEU D 94 -7.40 47.98 -7.71
C LEU D 94 -8.65 47.41 -8.36
N GLU D 95 -9.62 48.27 -8.70
CA GLU D 95 -10.82 47.80 -9.38
C GLU D 95 -10.49 47.25 -10.77
N SER D 96 -9.40 47.73 -11.39
CA SER D 96 -8.99 47.26 -12.70
C SER D 96 -8.23 45.94 -12.66
N GLY D 97 -7.65 45.59 -11.52
CA GLY D 97 -6.89 44.38 -11.37
C GLY D 97 -5.41 44.57 -11.12
N ALA D 98 -4.99 45.78 -10.74
CA ALA D 98 -3.57 46.04 -10.50
C ALA D 98 -3.09 45.22 -9.31
N SER D 99 -1.87 44.71 -9.42
CA SER D 99 -1.30 43.93 -8.32
C SER D 99 -0.81 44.84 -7.21
N ASP D 100 -0.08 45.90 -7.56
CA ASP D 100 0.39 46.89 -6.60
C ASP D 100 0.63 48.20 -7.32
N PHE D 101 1.17 49.18 -6.60
CA PHE D 101 1.31 50.54 -7.10
C PHE D 101 2.69 51.09 -6.81
N LEU D 102 3.10 52.05 -7.63
CA LEU D 102 4.30 52.83 -7.44
C LEU D 102 3.92 54.29 -7.55
N THR D 103 4.38 55.12 -6.62
CA THR D 103 4.03 56.53 -6.62
C THR D 103 5.11 57.35 -7.32
N LYS D 104 4.66 58.42 -8.07
CA LYS D 104 5.54 59.36 -8.75
C LYS D 104 5.70 60.62 -7.93
N PRO D 105 6.94 61.08 -7.75
CA PRO D 105 8.17 60.62 -8.43
C PRO D 105 8.62 59.26 -7.88
N ILE D 106 9.11 58.38 -8.75
CA ILE D 106 9.40 57.01 -8.34
C ILE D 106 10.69 56.98 -7.52
N ASP D 107 10.62 56.39 -6.34
CA ASP D 107 11.78 56.16 -5.49
C ASP D 107 12.40 54.84 -5.92
N ASP D 108 13.67 54.89 -6.35
CA ASP D 108 14.34 53.69 -6.84
C ASP D 108 14.26 52.56 -5.83
N VAL D 109 14.37 52.88 -4.54
CA VAL D 109 14.25 51.87 -3.49
C VAL D 109 12.91 51.14 -3.61
N MET D 110 11.81 51.91 -3.65
CA MET D 110 10.48 51.32 -3.76
C MET D 110 10.31 50.58 -5.07
N LEU D 111 10.82 51.14 -6.17
CA LEU D 111 10.71 50.50 -7.47
C LEU D 111 11.31 49.10 -7.43
N PHE D 112 12.56 48.99 -7.00
CA PHE D 112 13.22 47.69 -7.02
C PHE D 112 12.63 46.75 -5.97
N ALA D 113 12.13 47.30 -4.85
CA ALA D 113 11.45 46.46 -3.86
C ALA D 113 10.22 45.78 -4.46
N ARG D 114 9.37 46.57 -5.14
CA ARG D 114 8.18 45.99 -5.78
C ARG D 114 8.58 44.97 -6.83
N VAL D 115 9.54 45.32 -7.69
CA VAL D 115 9.93 44.42 -8.76
C VAL D 115 10.39 43.10 -8.19
N ARG D 116 11.24 43.13 -7.15
CA ARG D 116 11.70 41.90 -6.53
C ARG D 116 10.54 41.05 -6.00
N SER D 117 9.68 41.66 -5.18
CA SER D 117 8.60 40.89 -4.56
C SER D 117 7.69 40.26 -5.63
N LEU D 118 7.29 41.05 -6.62
CA LEU D 118 6.33 40.55 -7.59
C LEU D 118 6.97 39.58 -8.58
N THR D 119 8.25 39.71 -8.90
CA THR D 119 8.90 38.70 -9.73
C THR D 119 8.97 37.36 -9.00
N ARG D 120 9.25 37.38 -7.69
CA ARG D 120 9.24 36.14 -6.92
C ARG D 120 7.85 35.51 -6.93
N PHE D 121 6.82 36.34 -6.73
CA PHE D 121 5.45 35.86 -6.82
C PHE D 121 5.18 35.23 -8.19
N LYS D 122 5.69 35.86 -9.26
CA LYS D 122 5.50 35.34 -10.61
C LYS D 122 6.13 33.97 -10.78
N LEU D 123 7.29 33.75 -10.17
CA LEU D 123 7.90 32.43 -10.18
C LEU D 123 6.94 31.38 -9.61
N VAL D 124 6.39 31.68 -8.43
CA VAL D 124 5.49 30.71 -7.81
C VAL D 124 4.22 30.52 -8.64
N ILE D 125 3.71 31.61 -9.22
CA ILE D 125 2.52 31.56 -10.08
C ILE D 125 2.73 30.60 -11.24
N ASP D 126 3.85 30.77 -11.96
CA ASP D 126 4.12 29.94 -13.12
C ASP D 126 4.26 28.47 -12.74
N GLU D 127 4.92 28.20 -11.60
CA GLU D 127 5.03 26.82 -11.15
C GLU D 127 3.65 26.21 -10.89
N LEU D 128 2.78 26.96 -10.21
CA LEU D 128 1.43 26.45 -9.94
C LEU D 128 0.69 26.15 -11.24
N ARG D 129 0.84 27.02 -12.23
CA ARG D 129 0.18 26.83 -13.52
C ARG D 129 0.60 25.53 -14.18
N GLN D 130 1.91 25.27 -14.19
CA GLN D 130 2.42 24.03 -14.79
C GLN D 130 1.86 22.80 -14.09
N ARG D 131 1.91 22.80 -12.75
CA ARG D 131 1.42 21.64 -12.00
C ARG D 131 -0.07 21.42 -12.25
N GLU D 132 -0.84 22.49 -12.30
CA GLU D 132 -2.27 22.38 -12.58
C GLU D 132 -2.52 21.78 -13.96
N ALA D 133 -1.78 22.25 -14.96
CA ALA D 133 -1.92 21.71 -16.32
C ALA D 133 -1.69 20.20 -16.32
N SER D 134 -0.60 19.76 -15.70
CA SER D 134 -0.34 18.32 -15.60
C SER D 134 -1.46 17.58 -14.85
N GLY D 135 -1.86 18.09 -13.69
CA GLY D 135 -2.89 17.42 -12.89
C GLY D 135 -4.23 17.28 -13.58
N ARG D 136 -4.53 18.16 -14.54
CA ARG D 136 -5.78 18.01 -15.30
C ARG D 136 -5.81 16.68 -16.06
N ARG D 137 -4.74 16.37 -16.80
CA ARG D 137 -4.68 15.08 -17.50
C ARG D 137 -4.45 13.90 -16.57
N MET D 138 -3.97 14.13 -15.35
CA MET D 138 -3.73 13.03 -14.40
C MET D 138 -4.93 12.76 -13.51
N GLY D 139 -6.14 13.15 -13.92
CA GLY D 139 -7.34 12.93 -13.14
C GLY D 139 -7.27 13.55 -11.75
N ALA D 145 -10.03 23.15 -2.26
CA ALA D 145 -10.02 22.63 -0.90
C ALA D 145 -9.05 23.44 -0.04
N ALA D 146 -8.08 24.07 -0.69
CA ALA D 146 -7.11 24.93 -0.03
C ALA D 146 -7.34 26.37 -0.48
N ARG D 147 -7.43 27.28 0.49
CA ARG D 147 -7.63 28.69 0.19
C ARG D 147 -6.40 29.20 -0.55
N LEU D 148 -6.56 29.60 -1.81
CA LEU D 148 -5.45 30.08 -2.61
C LEU D 148 -5.63 31.54 -3.02
N ASP D 149 -6.47 32.29 -2.31
CA ASP D 149 -6.64 33.71 -2.53
C ASP D 149 -5.67 34.44 -1.60
N GLY D 150 -5.79 35.77 -1.50
CA GLY D 150 -4.92 36.47 -0.58
C GLY D 150 -5.67 37.05 0.61
N LEU D 151 -6.84 36.50 0.91
CA LEU D 151 -7.73 37.07 1.90
C LEU D 151 -7.96 36.10 3.05
N GLY D 152 -8.50 36.63 4.14
CA GLY D 152 -8.84 35.83 5.30
C GLY D 152 -7.63 35.32 6.05
N GLY D 153 -6.59 36.12 6.17
CA GLY D 153 -5.35 35.66 6.77
C GLY D 153 -5.11 36.24 8.14
N ARG D 154 -4.32 35.53 8.95
CA ARG D 154 -3.95 36.02 10.28
C ARG D 154 -2.76 36.95 10.13
N VAL D 155 -2.98 38.25 10.37
CA VAL D 155 -1.95 39.26 10.20
C VAL D 155 -1.52 39.79 11.57
N LEU D 156 -0.23 39.68 11.88
CA LEU D 156 0.33 40.14 13.14
C LEU D 156 0.96 41.52 12.98
N ILE D 157 0.41 42.51 13.69
CA ILE D 157 0.90 43.89 13.67
C ILE D 157 1.76 44.09 14.91
N VAL D 158 3.06 44.27 14.73
CA VAL D 158 3.99 44.51 15.82
C VAL D 158 4.34 46.00 15.80
N ASP D 159 3.68 46.78 16.65
CA ASP D 159 3.88 48.22 16.70
C ASP D 159 3.60 48.73 18.11
N ASP D 160 4.38 49.73 18.54
CA ASP D 160 4.14 50.39 19.81
C ASP D 160 3.15 51.56 19.68
N ASN D 161 3.03 52.13 18.49
CA ASN D 161 2.07 53.20 18.23
C ASN D 161 0.67 52.60 18.19
N GLU D 162 -0.07 52.73 19.29
CA GLU D 162 -1.42 52.15 19.33
C GLU D 162 -2.33 52.74 18.26
N ARG D 163 -2.24 54.05 18.01
CA ARG D 163 -3.09 54.66 16.99
C ARG D 163 -2.85 54.04 15.62
N GLN D 164 -1.58 53.92 15.23
CA GLN D 164 -1.24 53.29 13.95
C GLN D 164 -1.72 51.85 13.90
N ALA D 165 -1.44 51.09 14.96
CA ALA D 165 -1.84 49.68 14.98
C ALA D 165 -3.34 49.54 14.85
N GLN D 166 -4.10 50.35 15.59
CA GLN D 166 -5.55 50.29 15.50
C GLN D 166 -6.03 50.64 14.10
N ARG D 167 -5.46 51.67 13.48
CA ARG D 167 -5.88 52.04 12.13
C ARG D 167 -5.60 50.91 11.14
N VAL D 168 -4.40 50.34 11.19
CA VAL D 168 -4.04 49.25 10.28
C VAL D 168 -4.96 48.06 10.49
N ALA D 169 -5.22 47.70 11.75
CA ALA D 169 -6.11 46.58 12.03
C ALA D 169 -7.51 46.85 11.50
N ALA D 170 -7.99 48.09 11.63
CA ALA D 170 -9.30 48.44 11.09
C ALA D 170 -9.33 48.27 9.59
N GLU D 171 -8.29 48.76 8.91
CA GLU D 171 -8.23 48.61 7.45
C GLU D 171 -8.13 47.16 7.03
N LEU D 172 -7.47 46.33 7.85
CA LEU D 172 -7.30 44.92 7.55
C LEU D 172 -8.32 44.03 8.23
N GLY D 173 -9.33 44.63 8.89
CA GLY D 173 -10.25 43.84 9.68
C GLY D 173 -11.43 43.32 8.93
N VAL D 174 -11.64 43.77 7.70
CA VAL D 174 -12.79 43.39 6.89
C VAL D 174 -12.37 42.26 5.95
N GLU D 175 -11.12 42.29 5.49
CA GLU D 175 -10.61 41.31 4.54
C GLU D 175 -9.72 40.25 5.18
N HIS D 176 -9.15 40.54 6.33
CA HIS D 176 -8.27 39.62 7.02
C HIS D 176 -8.64 39.58 8.50
N ARG D 177 -7.89 38.77 9.25
CA ARG D 177 -8.07 38.63 10.69
C ARG D 177 -6.84 39.20 11.36
N PRO D 178 -6.88 40.45 11.82
CA PRO D 178 -5.68 41.08 12.39
C PRO D 178 -5.55 40.88 13.89
N VAL D 179 -4.29 40.74 14.34
CA VAL D 179 -3.92 40.61 15.74
C VAL D 179 -2.78 41.58 16.00
N ILE D 180 -2.85 42.31 17.11
CA ILE D 180 -1.88 43.35 17.44
C ILE D 180 -1.07 42.92 18.65
N GLU D 181 0.26 43.04 18.55
CA GLU D 181 1.18 42.74 19.64
C GLU D 181 2.19 43.86 19.77
N SER D 182 2.36 44.38 20.97
CA SER D 182 3.33 45.44 21.21
C SER D 182 4.60 44.94 21.88
N ASP D 183 4.52 43.85 22.64
CA ASP D 183 5.71 43.32 23.30
C ASP D 183 6.45 42.42 22.32
N PRO D 184 7.68 42.76 21.92
CA PRO D 184 8.39 41.94 20.92
C PRO D 184 8.55 40.48 21.30
N GLU D 185 8.76 40.15 22.58
CA GLU D 185 8.93 38.75 22.94
C GLU D 185 7.65 37.97 22.70
N LYS D 186 6.53 38.49 23.20
CA LYS D 186 5.23 37.86 22.95
C LYS D 186 4.96 37.76 21.45
N ALA D 187 5.31 38.81 20.70
CA ALA D 187 5.14 38.78 19.25
C ALA D 187 5.98 37.68 18.60
N LYS D 188 7.21 37.47 19.08
CA LYS D 188 8.03 36.39 18.53
C LYS D 188 7.38 35.04 18.76
N ILE D 189 6.88 34.81 19.97
CA ILE D 189 6.20 33.56 20.26
C ILE D 189 5.02 33.39 19.31
N SER D 190 4.20 34.43 19.17
CA SER D 190 3.03 34.35 18.28
C SER D 190 3.43 34.11 16.83
N ALA D 191 4.48 34.79 16.36
CA ALA D 191 4.91 34.63 14.98
C ALA D 191 5.36 33.21 14.71
N GLY D 192 5.79 32.49 15.76
CA GLY D 192 6.09 31.08 15.52
C GLY D 192 4.87 30.21 15.28
N GLY D 193 3.66 30.75 15.46
CA GLY D 193 2.44 30.00 15.28
C GLY D 193 1.81 30.16 13.91
N PRO D 194 0.48 30.04 13.85
CA PRO D 194 -0.29 30.14 12.60
C PRO D 194 -0.50 31.60 12.15
N VAL D 195 0.60 32.24 11.76
CA VAL D 195 0.58 33.61 11.28
C VAL D 195 0.89 33.61 9.78
N ASP D 196 0.15 34.41 9.01
CA ASP D 196 0.35 34.47 7.57
C ASP D 196 1.22 35.64 7.15
N LEU D 197 1.21 36.73 7.91
CA LEU D 197 2.01 37.90 7.57
C LEU D 197 2.27 38.68 8.85
N VAL D 198 3.48 39.19 8.97
CA VAL D 198 3.86 40.06 10.08
C VAL D 198 4.12 41.45 9.52
N ILE D 199 3.45 42.45 10.07
CA ILE D 199 3.66 43.85 9.74
C ILE D 199 4.35 44.46 10.95
N VAL D 200 5.59 44.89 10.76
CA VAL D 200 6.39 45.45 11.86
C VAL D 200 6.70 46.91 11.54
N ASN D 201 6.73 47.75 12.57
CA ASN D 201 7.08 49.15 12.41
C ASN D 201 8.58 49.31 12.57
N ALA D 202 9.26 49.58 11.44
CA ALA D 202 10.70 49.85 11.49
C ALA D 202 11.00 51.11 12.28
N ALA D 203 10.06 52.05 12.34
CA ALA D 203 10.26 53.29 13.08
C ALA D 203 9.72 53.22 14.50
N ALA D 204 9.68 52.03 15.11
CA ALA D 204 9.22 51.91 16.48
C ALA D 204 10.20 52.58 17.43
N LYS D 205 9.66 53.09 18.54
CA LYS D 205 10.47 53.80 19.53
C LYS D 205 10.78 52.99 20.78
N ASN D 206 10.00 51.94 21.05
CA ASN D 206 10.21 51.12 22.25
C ASN D 206 10.86 49.78 21.94
N PHE D 207 11.09 49.48 20.66
CA PHE D 207 11.80 48.27 20.27
C PHE D 207 12.36 48.51 18.87
N ASP D 208 13.42 47.77 18.56
CA ASP D 208 14.03 47.87 17.24
C ASP D 208 13.32 46.87 16.34
N GLY D 209 12.40 47.37 15.50
CA GLY D 209 11.66 46.51 14.62
C GLY D 209 12.57 45.73 13.68
N LEU D 210 13.68 46.35 13.26
CA LEU D 210 14.61 45.64 12.39
C LEU D 210 15.29 44.51 13.14
N ARG D 211 15.58 44.70 14.43
CA ARG D 211 16.10 43.59 15.25
C ARG D 211 15.08 42.47 15.35
N PHE D 212 13.80 42.81 15.56
CA PHE D 212 12.75 41.80 15.59
C PHE D 212 12.70 41.02 14.28
N THR D 213 12.76 41.73 13.15
CA THR D 213 12.75 41.06 11.85
C THR D 213 13.97 40.17 11.67
N ALA D 214 15.14 40.64 12.08
CA ALA D 214 16.35 39.84 11.97
C ALA D 214 16.24 38.59 12.82
N ALA D 215 15.67 38.72 14.02
CA ALA D 215 15.44 37.56 14.87
C ALA D 215 14.50 36.56 14.21
N LEU D 216 13.42 37.05 13.58
CA LEU D 216 12.52 36.16 12.87
C LEU D 216 13.26 35.40 11.77
N ARG D 217 14.05 36.11 10.96
CA ARG D 217 14.77 35.46 9.88
C ARG D 217 15.90 34.56 10.38
N SER D 218 16.30 34.72 11.65
CA SER D 218 17.38 33.91 12.19
C SER D 218 16.92 32.50 12.54
N GLU D 219 15.69 32.34 13.02
CA GLU D 219 15.16 31.04 13.41
C GLU D 219 14.47 30.37 12.24
N GLU D 220 14.67 29.05 12.11
CA GLU D 220 14.09 28.32 10.99
C GLU D 220 12.56 28.36 11.04
N ARG D 221 11.99 28.38 12.24
CA ARG D 221 10.54 28.39 12.40
C ARG D 221 9.90 29.59 11.71
N THR D 222 10.55 30.74 11.75
CA THR D 222 9.99 31.96 11.17
C THR D 222 10.83 32.51 10.02
N ARG D 223 11.80 31.73 9.53
CA ARG D 223 12.74 32.25 8.54
C ARG D 223 12.04 32.66 7.25
N GLN D 224 11.00 31.93 6.87
CA GLN D 224 10.31 32.20 5.61
C GLN D 224 8.98 32.90 5.83
N LEU D 225 8.69 33.32 7.05
CA LEU D 225 7.43 34.00 7.34
C LEU D 225 7.39 35.36 6.64
N PRO D 226 6.35 35.66 5.87
CA PRO D 226 6.28 36.95 5.17
C PRO D 226 6.25 38.11 6.15
N VAL D 227 7.08 39.12 5.88
CA VAL D 227 7.19 40.30 6.72
C VAL D 227 7.12 41.55 5.86
N LEU D 228 6.24 42.47 6.23
CA LEU D 228 6.17 43.82 5.68
C LEU D 228 6.59 44.81 6.75
N ALA D 229 7.34 45.83 6.35
CA ALA D 229 7.86 46.83 7.28
C ALA D 229 7.28 48.19 6.97
N MET D 230 6.62 48.80 7.96
CA MET D 230 6.19 50.18 7.87
C MET D 230 7.39 51.08 8.10
N VAL D 231 7.75 51.88 7.09
CA VAL D 231 8.97 52.68 7.13
C VAL D 231 8.63 54.15 6.95
N ASP D 232 9.45 55.00 7.55
CA ASP D 232 9.34 56.44 7.34
C ASP D 232 10.00 56.83 6.02
N PRO D 233 9.32 57.56 5.15
CA PRO D 233 9.90 57.87 3.82
C PRO D 233 11.16 58.70 3.89
N ASP D 234 11.39 59.43 5.00
CA ASP D 234 12.58 60.27 5.12
C ASP D 234 13.84 59.43 5.26
N ASP D 235 13.80 58.41 6.12
CA ASP D 235 14.96 57.59 6.45
C ASP D 235 15.16 56.53 5.37
N ARG D 236 15.91 56.88 4.34
CA ARG D 236 16.26 55.92 3.30
C ARG D 236 17.11 54.79 3.86
N GLY D 237 17.97 55.11 4.82
CA GLY D 237 18.84 54.11 5.40
C GLY D 237 18.09 52.97 6.05
N ARG D 238 17.07 53.31 6.86
CA ARG D 238 16.25 52.27 7.50
C ARG D 238 15.53 51.41 6.46
N MET D 239 15.00 52.03 5.41
CA MET D 239 14.33 51.26 4.36
C MET D 239 15.28 50.26 3.71
N VAL D 240 16.47 50.73 3.34
CA VAL D 240 17.45 49.84 2.72
C VAL D 240 17.83 48.74 3.70
N LYS D 241 18.01 49.10 4.98
CA LYS D 241 18.38 48.14 6.00
C LYS D 241 17.31 47.07 6.16
N ALA D 242 16.04 47.48 6.17
CA ALA D 242 14.94 46.55 6.27
C ALA D 242 14.91 45.59 5.09
N LEU D 243 15.08 46.11 3.86
CA LEU D 243 15.10 45.23 2.70
C LEU D 243 16.30 44.30 2.71
N GLU D 244 17.38 44.68 3.39
CA GLU D 244 18.56 43.83 3.48
C GLU D 244 18.38 42.76 4.56
N ILE D 245 17.74 43.13 5.67
CA ILE D 245 17.47 42.19 6.75
C ILE D 245 16.56 41.07 6.29
N GLY D 246 15.74 41.32 5.27
CA GLY D 246 14.97 40.24 4.69
C GLY D 246 13.47 40.44 4.63
N VAL D 247 13.01 41.69 4.82
CA VAL D 247 11.58 41.97 4.67
C VAL D 247 11.19 41.80 3.19
N ASN D 248 9.94 41.41 2.96
CA ASN D 248 9.52 41.11 1.60
C ASN D 248 9.19 42.36 0.80
N ASP D 249 8.53 43.34 1.43
CA ASP D 249 8.28 44.64 0.82
C ASP D 249 8.11 45.65 1.95
N ILE D 250 8.07 46.94 1.58
CA ILE D 250 7.98 48.03 2.55
C ILE D 250 6.70 48.80 2.30
N LEU D 251 6.20 49.43 3.37
CA LEU D 251 4.99 50.25 3.33
C LEU D 251 5.33 51.64 3.88
N SER D 252 5.07 52.67 3.09
CA SER D 252 5.41 54.02 3.51
C SER D 252 4.44 54.52 4.59
N ARG D 253 4.93 55.42 5.45
CA ARG D 253 4.11 55.98 6.52
C ARG D 253 3.87 57.46 6.21
N PRO D 254 2.62 57.92 6.10
CA PRO D 254 1.36 57.33 6.58
C PRO D 254 0.91 56.20 5.67
N ILE D 255 0.25 55.20 6.25
CA ILE D 255 -0.07 53.96 5.54
C ILE D 255 -1.27 54.20 4.63
N ASP D 256 -1.08 53.97 3.33
CA ASP D 256 -2.19 54.12 2.39
C ASP D 256 -3.05 52.86 2.39
N PRO D 257 -4.38 52.99 2.54
CA PRO D 257 -5.23 51.79 2.62
C PRO D 257 -5.08 50.85 1.42
N GLN D 258 -5.05 51.39 0.20
CA GLN D 258 -4.99 50.55 -0.97
C GLN D 258 -3.63 49.87 -1.09
N GLU D 259 -2.55 50.59 -0.75
CA GLU D 259 -1.22 50.00 -0.74
C GLU D 259 -1.14 48.86 0.25
N LEU D 260 -1.67 49.07 1.46
CA LEU D 260 -1.73 48.03 2.47
C LEU D 260 -2.44 46.80 1.94
N SER D 261 -3.64 46.99 1.38
CA SER D 261 -4.41 45.88 0.86
C SER D 261 -3.61 45.11 -0.18
N ALA D 262 -3.02 45.82 -1.15
CA ALA D 262 -2.28 45.17 -2.23
C ALA D 262 -1.10 44.37 -1.70
N ARG D 263 -0.26 44.99 -0.86
CA ARG D 263 0.94 44.30 -0.40
C ARG D 263 0.59 43.08 0.44
N VAL D 264 -0.36 43.24 1.37
CA VAL D 264 -0.76 42.11 2.21
C VAL D 264 -1.29 40.98 1.36
N LYS D 265 -2.15 41.30 0.38
CA LYS D 265 -2.71 40.26 -0.48
C LYS D 265 -1.61 39.53 -1.24
N THR D 266 -0.64 40.27 -1.79
CA THR D 266 0.44 39.65 -2.54
C THR D 266 1.21 38.68 -1.66
N GLN D 267 1.58 39.12 -0.46
CA GLN D 267 2.41 38.27 0.40
C GLN D 267 1.66 37.02 0.84
N ILE D 268 0.40 37.18 1.25
CA ILE D 268 -0.37 36.03 1.72
C ILE D 268 -0.58 35.04 0.58
N GLN D 269 -0.89 35.55 -0.62
CA GLN D 269 -1.12 34.66 -1.74
C GLN D 269 0.15 33.91 -2.14
N ARG D 270 1.30 34.61 -2.15
CA ARG D 270 2.56 33.95 -2.43
C ARG D 270 2.81 32.83 -1.43
N LYS D 271 2.61 33.12 -0.13
CA LYS D 271 2.80 32.10 0.90
C LYS D 271 1.90 30.89 0.65
N ARG D 272 0.61 31.13 0.39
CA ARG D 272 -0.32 30.02 0.18
C ARG D 272 0.06 29.20 -1.04
N TYR D 273 0.39 29.86 -2.15
CA TYR D 273 0.85 29.14 -3.34
C TYR D 273 2.05 28.26 -3.01
N THR D 274 3.06 28.84 -2.35
CA THR D 274 4.27 28.09 -2.04
C THR D 274 3.96 26.90 -1.14
N ASP D 275 3.17 27.12 -0.09
CA ASP D 275 2.81 26.04 0.81
C ASP D 275 2.01 24.94 0.11
N TYR D 276 1.11 25.32 -0.79
CA TYR D 276 0.37 24.31 -1.55
C TYR D 276 1.31 23.50 -2.42
N LEU D 277 2.23 24.16 -3.11
CA LEU D 277 3.13 23.46 -4.02
C LEU D 277 4.18 22.63 -3.30
N ARG D 278 4.53 22.98 -2.06
CA ARG D 278 5.64 22.34 -1.36
C ARG D 278 5.21 21.40 -0.24
N ASN D 279 4.01 21.57 0.33
CA ASN D 279 3.54 20.70 1.40
C ASN D 279 2.41 19.78 0.97
N ASN D 280 1.91 19.92 -0.25
CA ASN D 280 0.82 19.09 -0.74
C ASN D 280 1.19 18.41 -2.04
N LEU D 281 1.40 19.21 -3.09
CA LEU D 281 1.63 18.66 -4.42
C LEU D 281 2.97 17.94 -4.52
N ASP D 282 4.03 18.53 -3.97
CA ASP D 282 5.34 17.91 -4.10
C ASP D 282 5.43 16.60 -3.32
N HIS D 283 4.58 16.43 -2.30
CA HIS D 283 4.50 15.19 -1.54
C HIS D 283 3.55 14.18 -2.19
N SER D 284 3.02 14.50 -3.37
CA SER D 284 2.25 13.52 -4.10
C SER D 284 3.17 12.47 -4.70
N LEU D 285 2.59 11.29 -4.90
CA LEU D 285 3.37 10.17 -5.40
C LEU D 285 3.72 10.33 -6.86
N GLU D 286 2.96 11.17 -7.58
CA GLU D 286 3.16 11.39 -9.00
C GLU D 286 4.16 12.49 -9.29
N LEU D 287 4.37 13.41 -8.34
CA LEU D 287 5.29 14.51 -8.52
C LEU D 287 6.57 14.33 -7.70
N ALA D 288 6.80 13.13 -7.17
CA ALA D 288 7.98 12.86 -6.38
C ALA D 288 9.24 12.86 -7.25
N VAL D 289 10.38 13.04 -6.61
CA VAL D 289 11.66 13.06 -7.30
C VAL D 289 12.62 11.99 -6.80
N THR D 290 12.26 11.27 -5.74
CA THR D 290 13.14 10.27 -5.17
C THR D 290 12.32 9.02 -4.87
N ASP D 291 12.84 7.87 -5.28
CA ASP D 291 12.23 6.59 -4.94
C ASP D 291 12.54 6.25 -3.48
N GLN D 292 11.49 5.93 -2.72
CA GLN D 292 11.68 5.69 -1.28
C GLN D 292 12.39 4.37 -1.02
N LEU D 293 12.09 3.33 -1.81
CA LEU D 293 12.72 2.03 -1.59
C LEU D 293 14.22 2.11 -1.84
N THR D 294 14.62 2.39 -3.08
CA THR D 294 16.04 2.42 -3.41
C THR D 294 16.74 3.58 -2.72
N GLY D 295 16.05 4.71 -2.58
CA GLY D 295 16.66 5.94 -2.13
C GLY D 295 17.26 6.77 -3.24
N LEU D 296 17.11 6.30 -4.48
CA LEU D 296 17.64 6.96 -5.65
C LEU D 296 16.58 7.90 -6.25
N HIS D 297 17.02 8.69 -7.22
CA HIS D 297 16.11 9.55 -7.94
C HIS D 297 15.27 8.72 -8.91
N ASN D 298 14.20 9.32 -9.40
CA ASN D 298 13.27 8.64 -10.28
C ASN D 298 13.38 9.22 -11.69
N ARG D 299 12.53 8.74 -12.59
CA ARG D 299 12.61 9.14 -13.99
C ARG D 299 12.42 10.63 -14.19
N ARG D 300 11.57 11.26 -13.37
CA ARG D 300 11.29 12.70 -13.49
C ARG D 300 12.56 13.53 -13.36
N TYR D 301 13.30 13.29 -12.28
CA TYR D 301 14.55 14.00 -12.02
C TYR D 301 15.49 13.84 -13.21
N MET D 302 15.66 12.60 -13.67
CA MET D 302 16.52 12.35 -14.81
C MET D 302 16.06 13.13 -16.02
N THR D 303 14.75 13.19 -16.26
CA THR D 303 14.23 13.89 -17.44
C THR D 303 14.69 15.34 -17.44
N GLY D 304 14.46 16.05 -16.34
CA GLY D 304 14.89 17.44 -16.28
C GLY D 304 16.38 17.60 -16.50
N GLN D 305 17.18 16.85 -15.74
CA GLN D 305 18.63 17.02 -15.80
C GLN D 305 19.15 16.66 -17.20
N LEU D 306 18.62 15.60 -17.78
CA LEU D 306 19.03 15.18 -19.12
C LEU D 306 18.65 16.22 -20.16
N ASP D 307 17.51 16.90 -19.98
CA ASP D 307 17.16 17.99 -20.89
C ASP D 307 18.29 19.01 -20.94
N SER D 308 18.68 19.51 -19.76
CA SER D 308 19.75 20.52 -19.74
C SER D 308 21.06 19.97 -20.32
N LEU D 309 21.43 18.76 -19.93
CA LEU D 309 22.69 18.15 -20.38
C LEU D 309 22.73 18.03 -21.90
N VAL D 310 21.67 17.45 -22.48
CA VAL D 310 21.62 17.24 -23.92
C VAL D 310 21.65 18.57 -24.66
N LYS D 311 20.96 19.58 -24.13
CA LYS D 311 21.01 20.90 -24.77
C LYS D 311 22.44 21.43 -24.84
N ARG D 312 23.15 21.38 -23.71
CA ARG D 312 24.56 21.79 -23.70
C ARG D 312 25.37 21.00 -24.71
N ALA D 313 25.16 19.67 -24.79
CA ALA D 313 25.94 18.85 -25.72
C ALA D 313 25.66 19.24 -27.16
N THR D 314 24.39 19.50 -27.50
CA THR D 314 24.04 19.92 -28.86
C THR D 314 24.74 21.22 -29.23
N LEU D 315 24.84 22.17 -28.30
CA LEU D 315 25.61 23.37 -28.64
C LEU D 315 27.08 23.08 -28.89
N GLY D 316 27.57 21.90 -28.57
CA GLY D 316 28.95 21.56 -28.84
C GLY D 316 29.73 21.46 -27.54
N GLY D 317 30.53 20.44 -27.43
CA GLY D 317 31.31 20.22 -26.23
C GLY D 317 31.32 18.75 -25.89
N ASP D 318 31.76 18.45 -24.67
CA ASP D 318 31.85 17.06 -24.23
C ASP D 318 30.47 16.43 -24.21
N PRO D 319 30.35 15.17 -24.60
CA PRO D 319 29.04 14.53 -24.74
C PRO D 319 28.50 13.99 -23.41
N VAL D 320 27.21 13.64 -23.44
CA VAL D 320 26.51 13.04 -22.30
C VAL D 320 26.24 11.59 -22.61
N SER D 321 26.65 10.69 -21.72
CA SER D 321 26.40 9.27 -21.91
C SER D 321 25.26 8.79 -21.04
N ALA D 322 24.65 7.69 -21.46
CA ALA D 322 23.52 7.08 -20.78
C ALA D 322 23.76 5.59 -20.67
N LEU D 323 23.51 5.04 -19.49
CA LEU D 323 23.62 3.61 -19.20
C LEU D 323 22.26 3.13 -18.74
N LEU D 324 21.69 2.14 -19.42
CA LEU D 324 20.47 1.48 -18.98
C LEU D 324 20.81 0.07 -18.52
N ILE D 325 20.54 -0.22 -17.25
CA ILE D 325 20.86 -1.49 -16.63
C ILE D 325 19.55 -2.19 -16.28
N ASP D 326 19.36 -3.40 -16.79
CA ASP D 326 18.20 -4.21 -16.44
C ASP D 326 18.68 -5.48 -15.77
N ILE D 327 18.21 -5.72 -14.55
CA ILE D 327 18.54 -6.95 -13.85
C ILE D 327 17.98 -8.14 -14.65
N ASP D 328 18.70 -9.25 -14.60
CA ASP D 328 18.32 -10.46 -15.33
C ASP D 328 17.65 -11.43 -14.38
N PHE D 329 16.47 -11.91 -14.77
CA PHE D 329 15.72 -12.94 -14.04
C PHE D 329 15.34 -12.47 -12.63
N PHE D 330 14.75 -11.27 -12.54
CA PHE D 330 14.29 -10.78 -11.24
C PHE D 330 13.01 -11.50 -10.82
N LYS D 331 12.18 -11.87 -11.80
CA LYS D 331 10.96 -12.62 -11.53
C LYS D 331 11.28 -13.87 -10.74
N LYS D 332 12.40 -14.53 -11.07
CA LYS D 332 12.84 -15.72 -10.35
C LYS D 332 13.21 -15.39 -8.90
N ILE D 333 13.85 -14.24 -8.67
CA ILE D 333 14.16 -13.82 -7.32
C ILE D 333 12.89 -13.70 -6.50
N ASN D 334 11.87 -13.02 -7.04
CA ASN D 334 10.62 -12.87 -6.32
C ASN D 334 9.91 -14.21 -6.15
N ASP D 335 9.99 -15.08 -7.18
CA ASP D 335 9.32 -16.37 -7.12
C ASP D 335 9.92 -17.29 -6.07
N THR D 336 11.22 -17.16 -5.82
CA THR D 336 11.91 -18.09 -4.93
C THR D 336 12.00 -17.56 -3.50
N PHE D 337 12.38 -16.30 -3.34
CA PHE D 337 12.62 -15.76 -2.01
C PHE D 337 11.58 -14.76 -1.56
N GLY D 338 10.61 -14.45 -2.42
CA GLY D 338 9.52 -13.55 -2.06
C GLY D 338 9.80 -12.13 -2.51
N HIS D 339 8.71 -11.34 -2.51
CA HIS D 339 8.80 -9.95 -2.95
C HIS D 339 9.69 -9.12 -2.03
N ASP D 340 9.64 -9.39 -0.72
CA ASP D 340 10.42 -8.62 0.24
C ASP D 340 11.92 -8.79 0.00
N ILE D 341 12.35 -10.02 -0.27
CA ILE D 341 13.75 -10.24 -0.60
C ILE D 341 14.11 -9.50 -1.89
N GLY D 342 13.19 -9.49 -2.85
CA GLY D 342 13.43 -8.71 -4.06
C GLY D 342 13.64 -7.24 -3.77
N ASP D 343 12.85 -6.68 -2.85
CA ASP D 343 13.06 -5.30 -2.41
C ASP D 343 14.44 -5.12 -1.79
N GLU D 344 14.87 -6.09 -0.98
CA GLU D 344 16.21 -6.05 -0.40
C GLU D 344 17.28 -6.03 -1.49
N VAL D 345 17.13 -6.90 -2.49
CA VAL D 345 18.08 -6.95 -3.60
C VAL D 345 18.13 -5.62 -4.31
N LEU D 346 16.97 -5.01 -4.57
CA LEU D 346 16.93 -3.72 -5.25
C LEU D 346 17.64 -2.64 -4.44
N ARG D 347 17.39 -2.60 -3.13
CA ARG D 347 18.09 -1.63 -2.28
C ARG D 347 19.59 -1.81 -2.37
N GLU D 348 20.05 -3.05 -2.22
CA GLU D 348 21.48 -3.34 -2.21
C GLU D 348 22.10 -2.99 -3.56
N PHE D 349 21.41 -3.36 -4.65
CA PHE D 349 21.86 -3.01 -5.99
C PHE D 349 22.03 -1.51 -6.15
N ALA D 350 21.03 -0.74 -5.68
CA ALA D 350 21.11 0.72 -5.77
C ALA D 350 22.34 1.23 -5.03
N LEU D 351 22.56 0.73 -3.81
CA LEU D 351 23.74 1.13 -3.04
C LEU D 351 25.02 0.85 -3.82
N ARG D 352 25.18 -0.38 -4.31
CA ARG D 352 26.38 -0.75 -5.05
C ARG D 352 26.58 0.15 -6.26
N LEU D 353 25.51 0.39 -7.02
CA LEU D 353 25.61 1.20 -8.23
C LEU D 353 26.07 2.62 -7.90
N ALA D 354 25.40 3.26 -6.94
CA ALA D 354 25.78 4.61 -6.56
C ALA D 354 27.21 4.66 -6.05
N SER D 355 27.65 3.61 -5.35
CA SER D 355 29.01 3.60 -4.82
C SER D 355 30.06 3.41 -5.91
N ASN D 356 29.69 2.78 -7.03
CA ASN D 356 30.67 2.51 -8.09
C ASN D 356 30.53 3.42 -9.30
N VAL D 357 29.73 4.48 -9.19
CA VAL D 357 29.72 5.56 -10.18
C VAL D 357 29.92 6.87 -9.44
N ARG D 358 30.29 7.90 -10.19
CA ARG D 358 30.59 9.19 -9.58
C ARG D 358 29.33 9.86 -9.05
N ALA D 359 29.52 10.70 -8.03
CA ALA D 359 28.42 11.50 -7.52
C ALA D 359 28.01 12.58 -8.51
N ILE D 360 28.90 12.97 -9.42
CA ILE D 360 28.53 13.89 -10.50
C ILE D 360 27.60 13.21 -11.50
N ASP D 361 27.62 11.88 -11.56
CA ASP D 361 26.68 11.13 -12.38
C ASP D 361 25.31 11.07 -11.71
N LEU D 362 24.31 10.61 -12.46
CA LEU D 362 22.93 10.52 -12.00
C LEU D 362 22.50 9.06 -12.04
N PRO D 363 22.72 8.31 -10.93
CA PRO D 363 22.14 6.96 -10.79
C PRO D 363 20.70 7.06 -10.31
N CYS D 364 19.78 6.65 -11.17
CA CYS D 364 18.36 6.78 -10.91
C CYS D 364 17.68 5.45 -11.18
N ARG D 365 16.45 5.33 -10.71
CA ARG D 365 15.65 4.16 -10.97
C ARG D 365 14.75 4.48 -12.16
N TYR D 366 15.12 3.93 -13.32
CA TYR D 366 14.34 4.16 -14.53
C TYR D 366 13.01 3.42 -14.46
N GLY D 367 13.03 2.19 -13.98
CA GLY D 367 11.84 1.38 -13.91
C GLY D 367 11.71 0.63 -12.61
N GLY D 368 11.06 -0.53 -12.62
CA GLY D 368 10.94 -1.29 -11.40
C GLY D 368 12.22 -2.07 -11.17
N GLU D 369 12.67 -2.72 -12.23
CA GLU D 369 13.88 -3.52 -12.25
C GLU D 369 14.99 -2.87 -13.07
N GLU D 370 14.73 -1.70 -13.63
CA GLU D 370 15.67 -1.03 -14.52
C GLU D 370 16.24 0.21 -13.84
N PHE D 371 17.54 0.43 -14.02
CA PHE D 371 18.22 1.59 -13.46
C PHE D 371 18.95 2.31 -14.59
N VAL D 372 19.14 3.61 -14.43
CA VAL D 372 19.79 4.41 -15.45
C VAL D 372 20.91 5.21 -14.78
N VAL D 373 22.03 5.34 -15.48
CA VAL D 373 23.14 6.16 -15.02
C VAL D 373 23.42 7.17 -16.14
N ILE D 374 22.99 8.41 -15.93
CA ILE D 374 23.35 9.50 -16.83
C ILE D 374 24.71 10.04 -16.42
N MET D 375 25.70 9.90 -17.29
CA MET D 375 27.06 10.35 -17.00
C MET D 375 27.38 11.60 -17.79
N PRO D 376 27.45 12.77 -17.16
CA PRO D 376 27.79 14.00 -17.88
C PRO D 376 29.25 14.01 -18.30
N ASP D 377 29.50 14.68 -19.43
CA ASP D 377 30.86 14.85 -19.97
C ASP D 377 31.64 13.54 -20.01
N THR D 378 31.05 12.54 -20.64
CA THR D 378 31.67 11.24 -20.79
C THR D 378 31.42 10.74 -22.22
N ALA D 379 32.39 10.01 -22.76
CA ALA D 379 32.34 9.53 -24.13
C ALA D 379 31.88 8.08 -24.17
N LEU D 380 31.38 7.67 -25.34
CA LEU D 380 30.78 6.34 -25.47
C LEU D 380 31.77 5.23 -25.13
N ALA D 381 33.02 5.35 -25.58
CA ALA D 381 34.02 4.32 -25.28
C ALA D 381 34.22 4.19 -23.78
N ASP D 382 34.48 5.32 -23.12
CA ASP D 382 34.64 5.31 -21.68
C ASP D 382 33.39 4.79 -21.00
N ALA D 383 32.22 5.19 -21.51
CA ALA D 383 30.96 4.74 -20.94
C ALA D 383 30.83 3.22 -21.00
N LEU D 384 31.22 2.62 -22.13
CA LEU D 384 31.17 1.18 -22.24
C LEU D 384 32.10 0.52 -21.23
N ARG D 385 33.28 1.12 -21.01
CA ARG D 385 34.19 0.57 -20.01
C ARG D 385 33.61 0.68 -18.60
N ILE D 386 32.93 1.80 -18.32
CA ILE D 386 32.27 1.98 -17.03
C ILE D 386 31.17 0.95 -16.83
N ALA D 387 30.40 0.68 -17.90
CA ALA D 387 29.35 -0.35 -17.81
C ALA D 387 29.97 -1.71 -17.49
N GLU D 388 31.11 -2.03 -18.10
CA GLU D 388 31.80 -3.27 -17.74
C GLU D 388 32.23 -3.28 -16.28
N ARG D 389 32.71 -2.15 -15.77
CA ARG D 389 33.06 -2.08 -14.35
C ARG D 389 31.85 -2.42 -13.49
N ILE D 390 30.72 -1.78 -13.79
CA ILE D 390 29.48 -1.98 -13.03
C ILE D 390 29.08 -3.45 -13.07
N ARG D 391 29.09 -4.03 -14.28
CA ARG D 391 28.77 -5.45 -14.44
C ARG D 391 29.66 -6.31 -13.57
N MET D 392 30.96 -6.04 -13.56
CA MET D 392 31.86 -6.83 -12.73
C MET D 392 31.51 -6.70 -11.26
N HIS D 393 31.17 -5.50 -10.80
CA HIS D 393 30.86 -5.32 -9.38
C HIS D 393 29.58 -6.03 -8.97
N VAL D 394 28.54 -6.00 -9.80
CA VAL D 394 27.30 -6.67 -9.40
C VAL D 394 27.43 -8.19 -9.55
N SER D 395 28.06 -8.66 -10.64
CA SER D 395 28.14 -10.10 -10.88
C SER D 395 29.11 -10.78 -9.94
N GLY D 396 30.23 -10.13 -9.63
CA GLY D 396 31.24 -10.73 -8.77
C GLY D 396 30.78 -11.01 -7.36
N SER D 397 30.30 -10.00 -6.68
CA SER D 397 29.96 -10.24 -5.28
C SER D 397 28.50 -10.68 -5.16
N PRO D 398 28.21 -11.72 -4.38
CA PRO D 398 26.82 -12.11 -4.16
C PRO D 398 26.08 -11.09 -3.31
N PHE D 399 24.76 -11.15 -3.39
CA PHE D 399 23.87 -10.30 -2.61
C PHE D 399 23.42 -11.10 -1.40
N THR D 400 23.71 -10.60 -0.21
CA THR D 400 23.34 -11.28 1.02
C THR D 400 22.01 -10.73 1.51
N VAL D 401 21.04 -11.61 1.71
CA VAL D 401 19.68 -11.27 2.08
C VAL D 401 19.20 -12.23 3.17
N ALA D 402 17.96 -12.01 3.61
CA ALA D 402 17.35 -12.81 4.67
C ALA D 402 18.15 -12.74 5.96
N HIS D 403 18.63 -11.54 6.28
CA HIS D 403 19.45 -11.30 7.47
C HIS D 403 20.65 -12.24 7.50
N GLY D 404 21.27 -12.45 6.34
CA GLY D 404 22.40 -13.34 6.24
C GLY D 404 22.03 -14.79 5.95
N ARG D 405 20.75 -15.14 6.05
CA ARG D 405 20.36 -16.53 5.87
C ARG D 405 20.58 -17.02 4.44
N GLU D 406 20.54 -16.11 3.46
CA GLU D 406 20.72 -16.55 2.08
C GLU D 406 21.59 -15.57 1.32
N MET D 407 22.26 -16.08 0.28
CA MET D 407 23.05 -15.26 -0.62
C MET D 407 22.75 -15.71 -2.05
N LEU D 408 22.55 -14.74 -2.93
CA LEU D 408 22.12 -15.02 -4.29
C LEU D 408 22.92 -14.19 -5.27
N ASN D 409 23.13 -14.75 -6.45
CA ASN D 409 23.95 -14.13 -7.49
C ASN D 409 23.07 -13.45 -8.52
N VAL D 410 23.41 -12.20 -8.85
CA VAL D 410 22.61 -11.39 -9.76
C VAL D 410 23.47 -10.97 -10.95
N THR D 411 22.88 -11.02 -12.15
CA THR D 411 23.48 -10.55 -13.38
C THR D 411 22.62 -9.43 -13.97
N ILE D 412 23.24 -8.58 -14.79
CA ILE D 412 22.58 -7.42 -15.39
C ILE D 412 22.96 -7.31 -16.85
N SER D 413 22.04 -6.81 -17.65
CA SER D 413 22.29 -6.47 -19.05
C SER D 413 22.31 -4.95 -19.19
N ILE D 414 23.32 -4.43 -19.86
CA ILE D 414 23.53 -2.98 -19.94
C ILE D 414 23.49 -2.54 -21.39
N GLY D 415 22.84 -1.40 -21.63
CA GLY D 415 22.83 -0.74 -22.92
C GLY D 415 23.39 0.66 -22.77
N VAL D 416 24.42 0.98 -23.55
CA VAL D 416 25.16 2.23 -23.41
C VAL D 416 24.93 3.09 -24.65
N SER D 417 24.80 4.40 -24.44
CA SER D 417 24.58 5.33 -25.54
C SER D 417 25.20 6.67 -25.20
N ALA D 418 25.44 7.48 -26.23
CA ALA D 418 26.04 8.80 -26.08
C ALA D 418 25.36 9.76 -27.05
N THR D 419 25.36 11.05 -26.68
CA THR D 419 24.75 12.05 -27.54
C THR D 419 25.55 12.18 -28.83
N ALA D 420 24.85 12.45 -29.93
CA ALA D 420 25.52 12.49 -31.22
C ALA D 420 26.01 13.90 -31.53
N GLY D 421 25.21 14.90 -31.20
CA GLY D 421 25.60 16.26 -31.48
C GLY D 421 24.43 17.19 -31.69
N GLU D 422 24.37 17.80 -32.87
CA GLU D 422 23.32 18.78 -33.12
C GLU D 422 22.01 18.07 -33.44
N GLY D 423 20.92 18.63 -32.93
CA GLY D 423 19.60 18.08 -33.14
C GLY D 423 19.30 16.82 -32.37
N ASP D 424 20.23 16.33 -31.54
CA ASP D 424 19.96 15.13 -30.75
C ASP D 424 18.94 15.46 -29.65
N THR D 425 18.19 14.44 -29.24
CA THR D 425 17.16 14.65 -28.23
C THR D 425 17.35 13.68 -27.07
N PRO D 426 17.03 14.11 -25.85
CA PRO D 426 17.07 13.18 -24.70
C PRO D 426 16.39 11.85 -24.98
N GLU D 427 15.19 11.90 -25.55
CA GLU D 427 14.42 10.70 -25.84
C GLU D 427 15.19 9.77 -26.77
N ALA D 428 15.82 10.32 -27.81
CA ALA D 428 16.58 9.50 -28.76
C ALA D 428 17.75 8.82 -28.08
N LEU D 429 18.46 9.54 -27.19
CA LEU D 429 19.56 8.95 -26.44
C LEU D 429 19.10 7.75 -25.62
N LEU D 430 18.01 7.95 -24.87
CA LEU D 430 17.46 6.84 -24.08
C LEU D 430 16.99 5.71 -24.98
N LYS D 431 16.45 6.05 -26.15
CA LYS D 431 15.99 5.05 -27.11
C LYS D 431 17.14 4.16 -27.57
N ARG D 432 18.27 4.78 -27.92
CA ARG D 432 19.43 4.01 -28.33
C ARG D 432 19.92 3.12 -27.21
N ALA D 433 19.93 3.63 -25.98
CA ALA D 433 20.29 2.78 -24.84
C ALA D 433 19.32 1.61 -24.66
N ASP D 434 18.02 1.88 -24.83
CA ASP D 434 17.01 0.83 -24.74
C ASP D 434 17.23 -0.27 -25.77
N GLU D 435 17.51 0.13 -27.02
CA GLU D 435 17.84 -0.86 -28.05
C GLU D 435 19.05 -1.69 -27.63
N GLY D 436 20.04 -1.03 -27.01
CA GLY D 436 21.17 -1.78 -26.50
C GLY D 436 20.77 -2.82 -25.48
N VAL D 437 19.84 -2.46 -24.58
CA VAL D 437 19.37 -3.40 -23.57
C VAL D 437 18.68 -4.59 -24.24
N TYR D 438 17.79 -4.31 -25.18
CA TYR D 438 17.13 -5.39 -25.93
C TYR D 438 18.14 -6.32 -26.58
N GLN D 439 19.12 -5.77 -27.29
CA GLN D 439 20.11 -6.59 -27.96
C GLN D 439 20.91 -7.43 -26.97
N ALA D 440 21.28 -6.83 -25.82
CA ALA D 440 22.04 -7.58 -24.83
C ALA D 440 21.22 -8.71 -24.23
N LYS D 441 19.91 -8.48 -24.03
CA LYS D 441 19.06 -9.52 -23.49
C LYS D 441 18.87 -10.66 -24.48
N ALA D 442 18.78 -10.33 -25.78
CA ALA D 442 18.70 -11.38 -26.79
C ALA D 442 20.01 -12.17 -26.85
N SER D 443 21.14 -11.47 -26.94
CA SER D 443 22.46 -12.09 -27.02
C SER D 443 22.95 -12.53 -25.63
N GLY D 444 22.27 -13.54 -25.07
CA GLY D 444 22.61 -14.02 -23.74
C GLY D 444 22.24 -13.03 -22.64
N ARG D 445 23.03 -13.04 -21.57
CA ARG D 445 22.85 -12.08 -20.49
C ARG D 445 24.24 -11.66 -20.01
N ASN D 446 24.29 -11.03 -18.84
CA ASN D 446 25.52 -10.55 -18.22
C ASN D 446 26.45 -9.93 -19.27
N ALA D 447 25.91 -8.92 -19.98
CA ALA D 447 26.60 -8.38 -21.14
C ALA D 447 26.27 -6.90 -21.29
N VAL D 448 27.13 -6.21 -22.04
CA VAL D 448 26.98 -4.80 -22.36
C VAL D 448 26.91 -4.65 -23.87
N VAL D 449 25.97 -3.83 -24.33
CA VAL D 449 25.82 -3.54 -25.75
C VAL D 449 25.76 -2.02 -25.91
N GLY D 450 26.54 -1.51 -26.85
CA GLY D 450 26.55 -0.11 -27.18
C GLY D 450 25.85 0.09 -28.52
N LYS D 451 25.02 1.12 -28.57
CA LYS D 451 24.31 1.50 -29.79
C LYS D 451 24.75 2.91 -30.14
N ALA D 452 25.65 3.01 -31.12
CA ALA D 452 26.19 4.29 -31.56
C ALA D 452 25.27 4.88 -32.62
N ALA D 453 25.07 6.19 -32.55
CA ALA D 453 24.22 6.90 -33.50
C ALA D 453 24.71 6.73 -34.94
#